data_6NCO
# 
_entry.id   6NCO 
# 
_audit_conform.dict_name       mmcif_pdbx.dic 
_audit_conform.dict_version    5.379 
_audit_conform.dict_location   http://mmcif.pdb.org/dictionaries/ascii/mmcif_pdbx.dic 
# 
loop_
_database_2.database_id 
_database_2.database_code 
_database_2.pdbx_database_accession 
_database_2.pdbx_DOI 
PDB   6NCO         pdb_00006nco 10.2210/pdb6nco/pdb 
WWPDB D_1000238504 ?            ?                   
# 
_pdbx_database_status.status_code                     REL 
_pdbx_database_status.status_code_sf                  REL 
_pdbx_database_status.status_code_mr                  ? 
_pdbx_database_status.entry_id                        6NCO 
_pdbx_database_status.recvd_initial_deposition_date   2018-12-11 
_pdbx_database_status.SG_entry                        N 
_pdbx_database_status.deposit_site                    RCSB 
_pdbx_database_status.process_site                    RCSB 
_pdbx_database_status.status_code_cs                  ? 
_pdbx_database_status.methods_development_category    ? 
_pdbx_database_status.pdb_format_compatible           Y 
_pdbx_database_status.status_code_nmr_data            ? 
# 
loop_
_audit_author.name 
_audit_author.pdbx_ordinal 
_audit_author.identifier_ORCID 
'Jakob, C.G.' 1 0000-0002-7257-982X 
'Qiu, W.'     2 ?                   
# 
_citation.abstract                  ? 
_citation.abstract_id_CAS           ? 
_citation.book_id_ISBN              ? 
_citation.book_publisher            ? 
_citation.book_publisher_city       ? 
_citation.book_title                ? 
_citation.coordinate_linkage        ? 
_citation.country                   US 
_citation.database_id_Medline       ? 
_citation.details                   ? 
_citation.id                        primary 
_citation.journal_abbrev            J.Med.Chem. 
_citation.journal_id_ASTM           JMCMAR 
_citation.journal_id_CSD            0151 
_citation.journal_id_ISSN           0022-2623 
_citation.journal_full              ? 
_citation.journal_issue             ? 
_citation.journal_volume            62 
_citation.language                  ? 
_citation.page_first                4120 
_citation.page_last                 4130 
_citation.title                     'Fragment-Based Discovery of an Apolipoprotein E4 (apoE4) Stabilizer.' 
_citation.year                      2019 
_citation.database_id_CSD           ? 
_citation.pdbx_database_id_DOI      10.1021/acs.jmedchem.9b00178 
_citation.pdbx_database_id_PubMed   30933499 
_citation.unpublished_flag          ? 
# 
loop_
_citation_author.citation_id 
_citation_author.name 
_citation_author.ordinal 
_citation_author.identifier_ORCID 
primary 'Petros, A.M.'   1  ? 
primary 'Korepanova, A.' 2  ? 
primary 'Jakob, C.G.'    3  ? 
primary 'Qiu, W.'        4  ? 
primary 'Panchal, S.C.'  5  ? 
primary 'Wang, J.'       6  ? 
primary 'Dietrich, J.D.' 7  ? 
primary 'Brewer, J.T.'   8  ? 
primary 'Pohlki, F.'     9  ? 
primary 'Kling, A.'      10 ? 
primary 'Wilcox, K.'     11 ? 
primary 'Lakics, V.'     12 ? 
primary 'Bahnassawy, L.' 13 ? 
primary 'Reinhardt, P.'  14 ? 
primary 'Partha, S.K.'   15 ? 
primary 'Bodelle, P.M.'  16 ? 
primary 'Lake, M.'       17 ? 
primary 'Charych, E.I.'  18 ? 
primary 'Stoll, V.S.'    19 ? 
primary 'Sun, C.'        20 ? 
primary 'Mohler, E.G.'   21 ? 
# 
_cell.angle_alpha                  90.00 
_cell.angle_alpha_esd              ? 
_cell.angle_beta                   90.00 
_cell.angle_beta_esd               ? 
_cell.angle_gamma                  90.00 
_cell.angle_gamma_esd              ? 
_cell.entry_id                     6NCO 
_cell.details                      ? 
_cell.formula_units_Z              ? 
_cell.length_a                     40.960 
_cell.length_a_esd                 ? 
_cell.length_b                     52.870 
_cell.length_b_esd                 ? 
_cell.length_c                     86.440 
_cell.length_c_esd                 ? 
_cell.volume                       ? 
_cell.volume_esd                   ? 
_cell.Z_PDB                        4 
_cell.reciprocal_angle_alpha       ? 
_cell.reciprocal_angle_beta        ? 
_cell.reciprocal_angle_gamma       ? 
_cell.reciprocal_angle_alpha_esd   ? 
_cell.reciprocal_angle_beta_esd    ? 
_cell.reciprocal_angle_gamma_esd   ? 
_cell.reciprocal_length_a          ? 
_cell.reciprocal_length_b          ? 
_cell.reciprocal_length_c          ? 
_cell.reciprocal_length_a_esd      ? 
_cell.reciprocal_length_b_esd      ? 
_cell.reciprocal_length_c_esd      ? 
_cell.pdbx_unique_axis             ? 
# 
_symmetry.entry_id                         6NCO 
_symmetry.cell_setting                     ? 
_symmetry.Int_Tables_number                19 
_symmetry.space_group_name_Hall            ? 
_symmetry.space_group_name_H-M             'P 21 21 21' 
_symmetry.pdbx_full_space_group_name_H-M   ? 
# 
loop_
_entity.id 
_entity.type 
_entity.src_method 
_entity.pdbx_description 
_entity.formula_weight 
_entity.pdbx_number_of_molecules 
_entity.pdbx_ec 
_entity.pdbx_mutation 
_entity.pdbx_fragment 
_entity.details 
1 polymer     man 'Apolipoprotein E'                                                                        21523.221 1   ? ? ? ? 
2 non-polymer syn "1-[5-chloro-4'-(2-hydroxypropan-2-yl)[1,1'-biphenyl]-3-yl]cyclobutane-1-carboximidamide" 342.862   1   ? ? ? ? 
3 water       nat water                                                                                     18.015    151 ? ? ? ? 
# 
_entity_name_com.entity_id   1 
_entity_name_com.name        Apo-E 
# 
_entity_poly.entity_id                      1 
_entity_poly.type                           'polypeptide(L)' 
_entity_poly.nstd_linkage                   no 
_entity_poly.nstd_monomer                   no 
_entity_poly.pdbx_seq_one_letter_code       
;GSSHHHHHHSSGLVPRGSHMKVEQAVETEPEPELRQQTEWQSGQRWELALGRFWDYLRWVQTLSEQVQEELLSSQVTQEL
RALMDETMKELKAYKSELEEQLTPVAEETRARLSKELQAAQARLGADMEDVRGRLVQYRGEVQAMLGQSTEELRVRLASH
LRKLRKRLLRDADDLQKRLAVYQAG
;
_entity_poly.pdbx_seq_one_letter_code_can   
;GSSHHHHHHSSGLVPRGSHMKVEQAVETEPEPELRQQTEWQSGQRWELALGRFWDYLRWVQTLSEQVQEELLSSQVTQEL
RALMDETMKELKAYKSELEEQLTPVAEETRARLSKELQAAQARLGADMEDVRGRLVQYRGEVQAMLGQSTEELRVRLASH
LRKLRKRLLRDADDLQKRLAVYQAG
;
_entity_poly.pdbx_strand_id                 A 
_entity_poly.pdbx_target_identifier         ? 
# 
loop_
_entity_poly_seq.entity_id 
_entity_poly_seq.num 
_entity_poly_seq.mon_id 
_entity_poly_seq.hetero 
1 1   GLY n 
1 2   SER n 
1 3   SER n 
1 4   HIS n 
1 5   HIS n 
1 6   HIS n 
1 7   HIS n 
1 8   HIS n 
1 9   HIS n 
1 10  SER n 
1 11  SER n 
1 12  GLY n 
1 13  LEU n 
1 14  VAL n 
1 15  PRO n 
1 16  ARG n 
1 17  GLY n 
1 18  SER n 
1 19  HIS n 
1 20  MET n 
1 21  LYS n 
1 22  VAL n 
1 23  GLU n 
1 24  GLN n 
1 25  ALA n 
1 26  VAL n 
1 27  GLU n 
1 28  THR n 
1 29  GLU n 
1 30  PRO n 
1 31  GLU n 
1 32  PRO n 
1 33  GLU n 
1 34  LEU n 
1 35  ARG n 
1 36  GLN n 
1 37  GLN n 
1 38  THR n 
1 39  GLU n 
1 40  TRP n 
1 41  GLN n 
1 42  SER n 
1 43  GLY n 
1 44  GLN n 
1 45  ARG n 
1 46  TRP n 
1 47  GLU n 
1 48  LEU n 
1 49  ALA n 
1 50  LEU n 
1 51  GLY n 
1 52  ARG n 
1 53  PHE n 
1 54  TRP n 
1 55  ASP n 
1 56  TYR n 
1 57  LEU n 
1 58  ARG n 
1 59  TRP n 
1 60  VAL n 
1 61  GLN n 
1 62  THR n 
1 63  LEU n 
1 64  SER n 
1 65  GLU n 
1 66  GLN n 
1 67  VAL n 
1 68  GLN n 
1 69  GLU n 
1 70  GLU n 
1 71  LEU n 
1 72  LEU n 
1 73  SER n 
1 74  SER n 
1 75  GLN n 
1 76  VAL n 
1 77  THR n 
1 78  GLN n 
1 79  GLU n 
1 80  LEU n 
1 81  ARG n 
1 82  ALA n 
1 83  LEU n 
1 84  MET n 
1 85  ASP n 
1 86  GLU n 
1 87  THR n 
1 88  MET n 
1 89  LYS n 
1 90  GLU n 
1 91  LEU n 
1 92  LYS n 
1 93  ALA n 
1 94  TYR n 
1 95  LYS n 
1 96  SER n 
1 97  GLU n 
1 98  LEU n 
1 99  GLU n 
1 100 GLU n 
1 101 GLN n 
1 102 LEU n 
1 103 THR n 
1 104 PRO n 
1 105 VAL n 
1 106 ALA n 
1 107 GLU n 
1 108 GLU n 
1 109 THR n 
1 110 ARG n 
1 111 ALA n 
1 112 ARG n 
1 113 LEU n 
1 114 SER n 
1 115 LYS n 
1 116 GLU n 
1 117 LEU n 
1 118 GLN n 
1 119 ALA n 
1 120 ALA n 
1 121 GLN n 
1 122 ALA n 
1 123 ARG n 
1 124 LEU n 
1 125 GLY n 
1 126 ALA n 
1 127 ASP n 
1 128 MET n 
1 129 GLU n 
1 130 ASP n 
1 131 VAL n 
1 132 ARG n 
1 133 GLY n 
1 134 ARG n 
1 135 LEU n 
1 136 VAL n 
1 137 GLN n 
1 138 TYR n 
1 139 ARG n 
1 140 GLY n 
1 141 GLU n 
1 142 VAL n 
1 143 GLN n 
1 144 ALA n 
1 145 MET n 
1 146 LEU n 
1 147 GLY n 
1 148 GLN n 
1 149 SER n 
1 150 THR n 
1 151 GLU n 
1 152 GLU n 
1 153 LEU n 
1 154 ARG n 
1 155 VAL n 
1 156 ARG n 
1 157 LEU n 
1 158 ALA n 
1 159 SER n 
1 160 HIS n 
1 161 LEU n 
1 162 ARG n 
1 163 LYS n 
1 164 LEU n 
1 165 ARG n 
1 166 LYS n 
1 167 ARG n 
1 168 LEU n 
1 169 LEU n 
1 170 ARG n 
1 171 ASP n 
1 172 ALA n 
1 173 ASP n 
1 174 ASP n 
1 175 LEU n 
1 176 GLN n 
1 177 LYS n 
1 178 ARG n 
1 179 LEU n 
1 180 ALA n 
1 181 VAL n 
1 182 TYR n 
1 183 GLN n 
1 184 ALA n 
1 185 GLY n 
# 
_entity_src_gen.entity_id                          1 
_entity_src_gen.pdbx_src_id                        1 
_entity_src_gen.pdbx_alt_source_flag               sample 
_entity_src_gen.pdbx_seq_type                      'Biological sequence' 
_entity_src_gen.pdbx_beg_seq_num                   1 
_entity_src_gen.pdbx_end_seq_num                   185 
_entity_src_gen.gene_src_common_name               Human 
_entity_src_gen.gene_src_genus                     ? 
_entity_src_gen.pdbx_gene_src_gene                 APOE 
_entity_src_gen.gene_src_species                   ? 
_entity_src_gen.gene_src_strain                    ? 
_entity_src_gen.gene_src_tissue                    ? 
_entity_src_gen.gene_src_tissue_fraction           ? 
_entity_src_gen.gene_src_details                   ? 
_entity_src_gen.pdbx_gene_src_fragment             ? 
_entity_src_gen.pdbx_gene_src_scientific_name      'Homo sapiens' 
_entity_src_gen.pdbx_gene_src_ncbi_taxonomy_id     9606 
_entity_src_gen.pdbx_gene_src_variant              ? 
_entity_src_gen.pdbx_gene_src_cell_line            ? 
_entity_src_gen.pdbx_gene_src_atcc                 ? 
_entity_src_gen.pdbx_gene_src_organ                ? 
_entity_src_gen.pdbx_gene_src_organelle            ? 
_entity_src_gen.pdbx_gene_src_cell                 ? 
_entity_src_gen.pdbx_gene_src_cellular_location    ? 
_entity_src_gen.host_org_common_name               ? 
_entity_src_gen.pdbx_host_org_scientific_name      'Escherichia coli' 
_entity_src_gen.pdbx_host_org_ncbi_taxonomy_id     562 
_entity_src_gen.host_org_genus                     ? 
_entity_src_gen.pdbx_host_org_gene                 ? 
_entity_src_gen.pdbx_host_org_organ                ? 
_entity_src_gen.host_org_species                   ? 
_entity_src_gen.pdbx_host_org_tissue               ? 
_entity_src_gen.pdbx_host_org_tissue_fraction      ? 
_entity_src_gen.pdbx_host_org_strain               ? 
_entity_src_gen.pdbx_host_org_variant              ? 
_entity_src_gen.pdbx_host_org_cell_line            ? 
_entity_src_gen.pdbx_host_org_atcc                 ? 
_entity_src_gen.pdbx_host_org_culture_collection   ? 
_entity_src_gen.pdbx_host_org_cell                 ? 
_entity_src_gen.pdbx_host_org_organelle            ? 
_entity_src_gen.pdbx_host_org_cellular_location    ? 
_entity_src_gen.pdbx_host_org_vector_type          ? 
_entity_src_gen.pdbx_host_org_vector               ? 
_entity_src_gen.host_org_details                   ? 
_entity_src_gen.expression_system_id               ? 
_entity_src_gen.plasmid_name                       ? 
_entity_src_gen.plasmid_details                    ? 
_entity_src_gen.pdbx_description                   ? 
# 
_struct_ref.id                         1 
_struct_ref.db_name                    UNP 
_struct_ref.db_code                    APOE_HUMAN 
_struct_ref.pdbx_db_accession          P02649 
_struct_ref.pdbx_db_isoform            ? 
_struct_ref.entity_id                  1 
_struct_ref.pdbx_seq_one_letter_code   
;KVEQAVETEPEPELRQQTEWQSGQRWELALGRFWDYLRWVQTLSEQVQEELLSSQVTQELRALMDETMKELKAYKSELEE
QLTPVAEETRARLSKELQAAQARLGADMEDVCGRLVQYRGEVQAMLGQSTEELRVRLASHLRKLRKRLLRDADDLQKRLA
VY
;
_struct_ref.pdbx_align_begin           20 
# 
_struct_ref_seq.align_id                      1 
_struct_ref_seq.ref_id                        1 
_struct_ref_seq.pdbx_PDB_id_code              6NCO 
_struct_ref_seq.pdbx_strand_id                A 
_struct_ref_seq.seq_align_beg                 21 
_struct_ref_seq.pdbx_seq_align_beg_ins_code   ? 
_struct_ref_seq.seq_align_end                 182 
_struct_ref_seq.pdbx_seq_align_end_ins_code   ? 
_struct_ref_seq.pdbx_db_accession             P02649 
_struct_ref_seq.db_align_beg                  20 
_struct_ref_seq.pdbx_db_align_beg_ins_code    ? 
_struct_ref_seq.db_align_end                  181 
_struct_ref_seq.pdbx_db_align_end_ins_code    ? 
_struct_ref_seq.pdbx_auth_seq_align_beg       1 
_struct_ref_seq.pdbx_auth_seq_align_end       162 
# 
loop_
_struct_ref_seq_dif.align_id 
_struct_ref_seq_dif.pdbx_pdb_id_code 
_struct_ref_seq_dif.mon_id 
_struct_ref_seq_dif.pdbx_pdb_strand_id 
_struct_ref_seq_dif.seq_num 
_struct_ref_seq_dif.pdbx_pdb_ins_code 
_struct_ref_seq_dif.pdbx_seq_db_name 
_struct_ref_seq_dif.pdbx_seq_db_accession_code 
_struct_ref_seq_dif.db_mon_id 
_struct_ref_seq_dif.pdbx_seq_db_seq_num 
_struct_ref_seq_dif.details 
_struct_ref_seq_dif.pdbx_auth_seq_num 
_struct_ref_seq_dif.pdbx_ordinal 
1 6NCO GLY A 1   ? UNP P02649 ?   ?   'expression tag' -19 1  
1 6NCO SER A 2   ? UNP P02649 ?   ?   'expression tag' -18 2  
1 6NCO SER A 3   ? UNP P02649 ?   ?   'expression tag' -17 3  
1 6NCO HIS A 4   ? UNP P02649 ?   ?   'expression tag' -16 4  
1 6NCO HIS A 5   ? UNP P02649 ?   ?   'expression tag' -15 5  
1 6NCO HIS A 6   ? UNP P02649 ?   ?   'expression tag' -14 6  
1 6NCO HIS A 7   ? UNP P02649 ?   ?   'expression tag' -13 7  
1 6NCO HIS A 8   ? UNP P02649 ?   ?   'expression tag' -12 8  
1 6NCO HIS A 9   ? UNP P02649 ?   ?   'expression tag' -11 9  
1 6NCO SER A 10  ? UNP P02649 ?   ?   'expression tag' -10 10 
1 6NCO SER A 11  ? UNP P02649 ?   ?   'expression tag' -9  11 
1 6NCO GLY A 12  ? UNP P02649 ?   ?   'expression tag' -8  12 
1 6NCO LEU A 13  ? UNP P02649 ?   ?   'expression tag' -7  13 
1 6NCO VAL A 14  ? UNP P02649 ?   ?   'expression tag' -6  14 
1 6NCO PRO A 15  ? UNP P02649 ?   ?   'expression tag' -5  15 
1 6NCO ARG A 16  ? UNP P02649 ?   ?   'expression tag' -4  16 
1 6NCO GLY A 17  ? UNP P02649 ?   ?   'expression tag' -3  17 
1 6NCO SER A 18  ? UNP P02649 ?   ?   'expression tag' -2  18 
1 6NCO HIS A 19  ? UNP P02649 ?   ?   'expression tag' -1  19 
1 6NCO MET A 20  ? UNP P02649 ?   ?   'expression tag' 0   20 
1 6NCO ARG A 132 ? UNP P02649 CYS 131 variant          112 21 
1 6NCO GLN A 183 ? UNP P02649 ?   ?   'expression tag' 163 22 
1 6NCO ALA A 184 ? UNP P02649 ?   ?   'expression tag' 164 23 
1 6NCO GLY A 185 ? UNP P02649 ?   ?   'expression tag' 165 24 
# 
loop_
_chem_comp.id 
_chem_comp.type 
_chem_comp.mon_nstd_flag 
_chem_comp.name 
_chem_comp.pdbx_synonyms 
_chem_comp.formula 
_chem_comp.formula_weight 
ALA 'L-peptide linking' y ALANINE                                                                                   ? 'C3 H7 N O2' 
89.093  
ARG 'L-peptide linking' y ARGININE                                                                                  ? 
'C6 H15 N4 O2 1'  175.209 
ASP 'L-peptide linking' y 'ASPARTIC ACID'                                                                           ? 'C4 H7 N O4' 
133.103 
CYS 'L-peptide linking' y CYSTEINE                                                                                  ? 
'C3 H7 N O2 S'    121.158 
GLN 'L-peptide linking' y GLUTAMINE                                                                                 ? 
'C5 H10 N2 O3'    146.144 
GLU 'L-peptide linking' y 'GLUTAMIC ACID'                                                                           ? 'C5 H9 N O4' 
147.129 
GLY 'peptide linking'   y GLYCINE                                                                                   ? 'C2 H5 N O2' 
75.067  
HIS 'L-peptide linking' y HISTIDINE                                                                                 ? 
'C6 H10 N3 O2 1'  156.162 
HOH non-polymer         . WATER                                                                                     ? 'H2 O' 
18.015  
KQP non-polymer         . "1-[5-chloro-4'-(2-hydroxypropan-2-yl)[1,1'-biphenyl]-3-yl]cyclobutane-1-carboximidamide" ? 
'C20 H23 Cl N2 O' 342.862 
LEU 'L-peptide linking' y LEUCINE                                                                                   ? 
'C6 H13 N O2'     131.173 
LYS 'L-peptide linking' y LYSINE                                                                                    ? 
'C6 H15 N2 O2 1'  147.195 
MET 'L-peptide linking' y METHIONINE                                                                                ? 
'C5 H11 N O2 S'   149.211 
PHE 'L-peptide linking' y PHENYLALANINE                                                                             ? 
'C9 H11 N O2'     165.189 
PRO 'L-peptide linking' y PROLINE                                                                                   ? 'C5 H9 N O2' 
115.130 
SER 'L-peptide linking' y SERINE                                                                                    ? 'C3 H7 N O3' 
105.093 
THR 'L-peptide linking' y THREONINE                                                                                 ? 'C4 H9 N O3' 
119.119 
TRP 'L-peptide linking' y TRYPTOPHAN                                                                                ? 
'C11 H12 N2 O2'   204.225 
TYR 'L-peptide linking' y TYROSINE                                                                                  ? 
'C9 H11 N O3'     181.189 
VAL 'L-peptide linking' y VALINE                                                                                    ? 
'C5 H11 N O2'     117.146 
# 
_exptl.absorpt_coefficient_mu     ? 
_exptl.absorpt_correction_T_max   ? 
_exptl.absorpt_correction_T_min   ? 
_exptl.absorpt_correction_type    ? 
_exptl.absorpt_process_details    ? 
_exptl.entry_id                   6NCO 
_exptl.crystals_number            1 
_exptl.details                    ? 
_exptl.method                     'X-RAY DIFFRACTION' 
_exptl.method_details             ? 
# 
_exptl_crystal.colour                      ? 
_exptl_crystal.density_diffrn              ? 
_exptl_crystal.density_Matthews            2.17 
_exptl_crystal.density_method              ? 
_exptl_crystal.density_percent_sol         43.43 
_exptl_crystal.description                 ? 
_exptl_crystal.F_000                       ? 
_exptl_crystal.id                          1 
_exptl_crystal.preparation                 ? 
_exptl_crystal.size_max                    ? 
_exptl_crystal.size_mid                    ? 
_exptl_crystal.size_min                    ? 
_exptl_crystal.size_rad                    ? 
_exptl_crystal.colour_lustre               ? 
_exptl_crystal.colour_modifier             ? 
_exptl_crystal.colour_primary              ? 
_exptl_crystal.density_meas                ? 
_exptl_crystal.density_meas_esd            ? 
_exptl_crystal.density_meas_gt             ? 
_exptl_crystal.density_meas_lt             ? 
_exptl_crystal.density_meas_temp           ? 
_exptl_crystal.density_meas_temp_esd       ? 
_exptl_crystal.density_meas_temp_gt        ? 
_exptl_crystal.density_meas_temp_lt        ? 
_exptl_crystal.pdbx_crystal_image_url      ? 
_exptl_crystal.pdbx_crystal_image_format   ? 
_exptl_crystal.pdbx_mosaicity              ? 
_exptl_crystal.pdbx_mosaicity_esd          ? 
# 
_exptl_crystal_grow.apparatus       ? 
_exptl_crystal_grow.atmosphere      ? 
_exptl_crystal_grow.crystal_id      1 
_exptl_crystal_grow.details         ? 
_exptl_crystal_grow.method          'VAPOR DIFFUSION, SITTING DROP' 
_exptl_crystal_grow.method_ref      ? 
_exptl_crystal_grow.pH              ? 
_exptl_crystal_grow.pressure        ? 
_exptl_crystal_grow.pressure_esd    ? 
_exptl_crystal_grow.seeding         ? 
_exptl_crystal_grow.seeding_ref     ? 
_exptl_crystal_grow.temp            296 
_exptl_crystal_grow.temp_details    ? 
_exptl_crystal_grow.temp_esd        ? 
_exptl_crystal_grow.time            ? 
_exptl_crystal_grow.pdbx_details    '20% w/v Polyethylene glycol monomethyl ether mesylate 5,000; 0.1M Bis-Tris buffer at pH6.5' 
_exptl_crystal_grow.pdbx_pH_range   ? 
# 
_diffrn.ambient_environment              ? 
_diffrn.ambient_temp                     100 
_diffrn.ambient_temp_details             ? 
_diffrn.ambient_temp_esd                 ? 
_diffrn.crystal_id                       1 
_diffrn.crystal_support                  ? 
_diffrn.crystal_treatment                ? 
_diffrn.details                          ? 
_diffrn.id                               1 
_diffrn.ambient_pressure                 ? 
_diffrn.ambient_pressure_esd             ? 
_diffrn.ambient_pressure_gt              ? 
_diffrn.ambient_pressure_lt              ? 
_diffrn.ambient_temp_gt                  ? 
_diffrn.ambient_temp_lt                  ? 
_diffrn.pdbx_serial_crystal_experiment   N 
# 
_diffrn_detector.details                      ? 
_diffrn_detector.detector                     PIXEL 
_diffrn_detector.diffrn_id                    1 
_diffrn_detector.type                         'DECTRIS PILATUS 6M' 
_diffrn_detector.area_resol_mean              ? 
_diffrn_detector.dtime                        ? 
_diffrn_detector.pdbx_frames_total            ? 
_diffrn_detector.pdbx_collection_time_total   ? 
_diffrn_detector.pdbx_collection_date         2018-02-07 
_diffrn_detector.pdbx_frequency               ? 
# 
_diffrn_radiation.collimation                      ? 
_diffrn_radiation.diffrn_id                        1 
_diffrn_radiation.filter_edge                      ? 
_diffrn_radiation.inhomogeneity                    ? 
_diffrn_radiation.monochromator                    ? 
_diffrn_radiation.polarisn_norm                    ? 
_diffrn_radiation.polarisn_ratio                   ? 
_diffrn_radiation.probe                            ? 
_diffrn_radiation.type                             ? 
_diffrn_radiation.xray_symbol                      ? 
_diffrn_radiation.wavelength_id                    1 
_diffrn_radiation.pdbx_monochromatic_or_laue_m_l   M 
_diffrn_radiation.pdbx_wavelength_list             ? 
_diffrn_radiation.pdbx_wavelength                  ? 
_diffrn_radiation.pdbx_diffrn_protocol             'SINGLE WAVELENGTH' 
_diffrn_radiation.pdbx_analyzer                    ? 
_diffrn_radiation.pdbx_scattering_type             x-ray 
# 
_diffrn_radiation_wavelength.id           1 
_diffrn_radiation_wavelength.wavelength   1.000 
_diffrn_radiation_wavelength.wt           1.0 
# 
_diffrn_source.current                     ? 
_diffrn_source.details                     ? 
_diffrn_source.diffrn_id                   1 
_diffrn_source.power                       ? 
_diffrn_source.size                        ? 
_diffrn_source.source                      SYNCHROTRON 
_diffrn_source.target                      ? 
_diffrn_source.type                        'APS BEAMLINE 17-ID' 
_diffrn_source.voltage                     ? 
_diffrn_source.take-off_angle              ? 
_diffrn_source.pdbx_wavelength_list        1.000 
_diffrn_source.pdbx_wavelength             ? 
_diffrn_source.pdbx_synchrotron_beamline   17-ID 
_diffrn_source.pdbx_synchrotron_site       APS 
# 
_reflns.B_iso_Wilson_estimate            ? 
_reflns.entry_id                         6NCO 
_reflns.data_reduction_details           ? 
_reflns.data_reduction_method            ? 
_reflns.d_resolution_high                1.707 
_reflns.d_resolution_low                 45.105 
_reflns.details                          ? 
_reflns.limit_h_max                      ? 
_reflns.limit_h_min                      ? 
_reflns.limit_k_max                      ? 
_reflns.limit_k_min                      ? 
_reflns.limit_l_max                      ? 
_reflns.limit_l_min                      ? 
_reflns.number_all                       ? 
_reflns.number_obs                       20917 
_reflns.observed_criterion               ? 
_reflns.observed_criterion_F_max         ? 
_reflns.observed_criterion_F_min         ? 
_reflns.observed_criterion_I_max         ? 
_reflns.observed_criterion_I_min         ? 
_reflns.observed_criterion_sigma_F       ? 
_reflns.observed_criterion_sigma_I       ? 
_reflns.percent_possible_obs             99.5 
_reflns.R_free_details                   ? 
_reflns.Rmerge_F_all                     ? 
_reflns.Rmerge_F_obs                     ? 
_reflns.Friedel_coverage                 ? 
_reflns.number_gt                        ? 
_reflns.threshold_expression             ? 
_reflns.pdbx_redundancy                  5.8 
_reflns.pdbx_Rmerge_I_obs                0.053 
_reflns.pdbx_Rmerge_I_all                ? 
_reflns.pdbx_Rsym_value                  ? 
_reflns.pdbx_netI_over_av_sigmaI         ? 
_reflns.pdbx_netI_over_sigmaI            17.6 
_reflns.pdbx_res_netI_over_av_sigmaI_2   ? 
_reflns.pdbx_res_netI_over_sigmaI_2      ? 
_reflns.pdbx_chi_squared                 ? 
_reflns.pdbx_scaling_rejects             ? 
_reflns.pdbx_d_res_high_opt              ? 
_reflns.pdbx_d_res_low_opt               ? 
_reflns.pdbx_d_res_opt_method            ? 
_reflns.phase_calculation_details        ? 
_reflns.pdbx_Rrim_I_all                  ? 
_reflns.pdbx_Rpim_I_all                  ? 
_reflns.pdbx_d_opt                       ? 
_reflns.pdbx_number_measured_all         ? 
_reflns.pdbx_diffrn_id                   1 
_reflns.pdbx_ordinal                     1 
_reflns.pdbx_CC_half                     ? 
_reflns.pdbx_R_split                     ? 
# 
_reflns_shell.d_res_high                  1.707 
_reflns_shell.d_res_low                   1.737 
_reflns_shell.meanI_over_sigI_all         ? 
_reflns_shell.meanI_over_sigI_obs         2.1 
_reflns_shell.number_measured_all         ? 
_reflns_shell.number_measured_obs         ? 
_reflns_shell.number_possible             ? 
_reflns_shell.number_unique_all           ? 
_reflns_shell.number_unique_obs           972 
_reflns_shell.percent_possible_all        98.1 
_reflns_shell.percent_possible_obs        ? 
_reflns_shell.Rmerge_F_all                ? 
_reflns_shell.Rmerge_F_obs                ? 
_reflns_shell.Rmerge_I_all                ? 
_reflns_shell.Rmerge_I_obs                0.469 
_reflns_shell.meanI_over_sigI_gt          ? 
_reflns_shell.meanI_over_uI_all           ? 
_reflns_shell.meanI_over_uI_gt            ? 
_reflns_shell.number_measured_gt          ? 
_reflns_shell.number_unique_gt            ? 
_reflns_shell.percent_possible_gt         ? 
_reflns_shell.Rmerge_F_gt                 ? 
_reflns_shell.Rmerge_I_gt                 ? 
_reflns_shell.pdbx_redundancy             3.5 
_reflns_shell.pdbx_Rsym_value             ? 
_reflns_shell.pdbx_chi_squared            ? 
_reflns_shell.pdbx_netI_over_sigmaI_all   ? 
_reflns_shell.pdbx_netI_over_sigmaI_obs   ? 
_reflns_shell.pdbx_Rrim_I_all             ? 
_reflns_shell.pdbx_Rpim_I_all             ? 
_reflns_shell.pdbx_rejects                ? 
_reflns_shell.pdbx_ordinal                1 
_reflns_shell.pdbx_diffrn_id              1 
_reflns_shell.pdbx_CC_half                ? 
_reflns_shell.pdbx_R_split                ? 
# 
_refine.aniso_B[1][1]                            ? 
_refine.aniso_B[1][2]                            ? 
_refine.aniso_B[1][3]                            ? 
_refine.aniso_B[2][2]                            ? 
_refine.aniso_B[2][3]                            ? 
_refine.aniso_B[3][3]                            ? 
_refine.B_iso_max                                ? 
_refine.B_iso_mean                               ? 
_refine.B_iso_min                                ? 
_refine.correlation_coeff_Fo_to_Fc               ? 
_refine.correlation_coeff_Fo_to_Fc_free          ? 
_refine.details                                  ? 
_refine.diff_density_max                         ? 
_refine.diff_density_max_esd                     ? 
_refine.diff_density_min                         ? 
_refine.diff_density_min_esd                     ? 
_refine.diff_density_rms                         ? 
_refine.diff_density_rms_esd                     ? 
_refine.entry_id                                 6NCO 
_refine.pdbx_refine_id                           'X-RAY DIFFRACTION' 
_refine.ls_abs_structure_details                 ? 
_refine.ls_abs_structure_Flack                   ? 
_refine.ls_abs_structure_Flack_esd               ? 
_refine.ls_abs_structure_Rogers                  ? 
_refine.ls_abs_structure_Rogers_esd              ? 
_refine.ls_d_res_high                            1.707 
_refine.ls_d_res_low                             33.462 
_refine.ls_extinction_coef                       ? 
_refine.ls_extinction_coef_esd                   ? 
_refine.ls_extinction_expression                 ? 
_refine.ls_extinction_method                     ? 
_refine.ls_goodness_of_fit_all                   ? 
_refine.ls_goodness_of_fit_all_esd               ? 
_refine.ls_goodness_of_fit_obs                   ? 
_refine.ls_goodness_of_fit_obs_esd               ? 
_refine.ls_hydrogen_treatment                    ? 
_refine.ls_matrix_type                           ? 
_refine.ls_number_constraints                    ? 
_refine.ls_number_parameters                     ? 
_refine.ls_number_reflns_all                     ? 
_refine.ls_number_reflns_obs                     20914 
_refine.ls_number_reflns_R_free                  1007 
_refine.ls_number_reflns_R_work                  ? 
_refine.ls_number_restraints                     ? 
_refine.ls_percent_reflns_obs                    99.02 
_refine.ls_percent_reflns_R_free                 4.80 
_refine.ls_R_factor_all                          ? 
_refine.ls_R_factor_obs                          0.1944 
_refine.ls_R_factor_R_free                       0.2200 
_refine.ls_R_factor_R_free_error                 ? 
_refine.ls_R_factor_R_free_error_details         ? 
_refine.ls_R_factor_R_work                       0.1931 
_refine.ls_R_Fsqd_factor_obs                     ? 
_refine.ls_R_I_factor_obs                        ? 
_refine.ls_redundancy_reflns_all                 ? 
_refine.ls_redundancy_reflns_obs                 ? 
_refine.ls_restrained_S_all                      ? 
_refine.ls_restrained_S_obs                      ? 
_refine.ls_shift_over_esd_max                    ? 
_refine.ls_shift_over_esd_mean                   ? 
_refine.ls_structure_factor_coef                 ? 
_refine.ls_weighting_details                     ? 
_refine.ls_weighting_scheme                      ? 
_refine.ls_wR_factor_all                         ? 
_refine.ls_wR_factor_obs                         ? 
_refine.ls_wR_factor_R_free                      ? 
_refine.ls_wR_factor_R_work                      ? 
_refine.occupancy_max                            ? 
_refine.occupancy_min                            ? 
_refine.solvent_model_details                    ? 
_refine.solvent_model_param_bsol                 ? 
_refine.solvent_model_param_ksol                 ? 
_refine.ls_R_factor_gt                           ? 
_refine.ls_goodness_of_fit_gt                    ? 
_refine.ls_goodness_of_fit_ref                   ? 
_refine.ls_shift_over_su_max                     ? 
_refine.ls_shift_over_su_max_lt                  ? 
_refine.ls_shift_over_su_mean                    ? 
_refine.ls_shift_over_su_mean_lt                 ? 
_refine.pdbx_ls_sigma_I                          ? 
_refine.pdbx_ls_sigma_F                          1.38 
_refine.pdbx_ls_sigma_Fsqd                       ? 
_refine.pdbx_data_cutoff_high_absF               ? 
_refine.pdbx_data_cutoff_high_rms_absF           ? 
_refine.pdbx_data_cutoff_low_absF                ? 
_refine.pdbx_isotropic_thermal_model             ? 
_refine.pdbx_ls_cross_valid_method               'FREE R-VALUE' 
_refine.pdbx_method_to_determine_struct          'MOLECULAR REPLACEMENT' 
_refine.pdbx_starting_model                      1GS9 
_refine.pdbx_stereochemistry_target_values       ? 
_refine.pdbx_R_Free_selection_details            ? 
_refine.pdbx_stereochem_target_val_spec_case     ? 
_refine.pdbx_overall_ESU_R                       ? 
_refine.pdbx_overall_ESU_R_Free                  ? 
_refine.pdbx_solvent_vdw_probe_radii             1.11 
_refine.pdbx_solvent_ion_probe_radii             ? 
_refine.pdbx_solvent_shrinkage_radii             0.90 
_refine.pdbx_real_space_R                        ? 
_refine.pdbx_density_correlation                 ? 
_refine.pdbx_pd_number_of_powder_patterns        ? 
_refine.pdbx_pd_number_of_points                 ? 
_refine.pdbx_pd_meas_number_of_points            ? 
_refine.pdbx_pd_proc_ls_prof_R_factor            ? 
_refine.pdbx_pd_proc_ls_prof_wR_factor           ? 
_refine.pdbx_pd_Marquardt_correlation_coeff      ? 
_refine.pdbx_pd_Fsqrd_R_factor                   ? 
_refine.pdbx_pd_ls_matrix_band_width             ? 
_refine.pdbx_overall_phase_error                 23.52 
_refine.pdbx_overall_SU_R_free_Cruickshank_DPI   ? 
_refine.pdbx_overall_SU_R_free_Blow_DPI          ? 
_refine.pdbx_overall_SU_R_Blow_DPI               ? 
_refine.pdbx_TLS_residual_ADP_flag               ? 
_refine.pdbx_diffrn_id                           1 
_refine.overall_SU_B                             ? 
_refine.overall_SU_ML                            0.25 
_refine.overall_SU_R_Cruickshank_DPI             ? 
_refine.overall_SU_R_free                        ? 
_refine.overall_FOM_free_R_set                   ? 
_refine.overall_FOM_work_R_set                   ? 
_refine.pdbx_average_fsc_overall                 ? 
_refine.pdbx_average_fsc_work                    ? 
_refine.pdbx_average_fsc_free                    ? 
# 
_refine_hist.pdbx_refine_id                   'X-RAY DIFFRACTION' 
_refine_hist.cycle_id                         LAST 
_refine_hist.pdbx_number_atoms_protein        1164 
_refine_hist.pdbx_number_atoms_nucleic_acid   0 
_refine_hist.pdbx_number_atoms_ligand         24 
_refine_hist.number_atoms_solvent             151 
_refine_hist.number_atoms_total               1339 
_refine_hist.d_res_high                       1.707 
_refine_hist.d_res_low                        33.462 
# 
loop_
_refine_ls_restr.pdbx_refine_id 
_refine_ls_restr.criterion 
_refine_ls_restr.dev_ideal 
_refine_ls_restr.dev_ideal_target 
_refine_ls_restr.number 
_refine_ls_restr.rejects 
_refine_ls_restr.type 
_refine_ls_restr.weight 
_refine_ls_restr.pdbx_restraint_function 
'X-RAY DIFFRACTION' ? 0.007 ? 1268 ? f_bond_d           ? ? 
'X-RAY DIFFRACTION' ? 1.293 ? 1719 ? f_angle_d          ? ? 
'X-RAY DIFFRACTION' ? 8.156 ? 1087 ? f_dihedral_angle_d ? ? 
'X-RAY DIFFRACTION' ? 0.283 ? 187  ? f_chiral_restr     ? ? 
'X-RAY DIFFRACTION' ? 0.004 ? 223  ? f_plane_restr      ? ? 
# 
loop_
_refine_ls_shell.pdbx_refine_id 
_refine_ls_shell.d_res_high 
_refine_ls_shell.d_res_low 
_refine_ls_shell.number_reflns_all 
_refine_ls_shell.number_reflns_obs 
_refine_ls_shell.number_reflns_R_free 
_refine_ls_shell.number_reflns_R_work 
_refine_ls_shell.percent_reflns_obs 
_refine_ls_shell.percent_reflns_R_free 
_refine_ls_shell.R_factor_all 
_refine_ls_shell.R_factor_obs 
_refine_ls_shell.R_factor_R_free 
_refine_ls_shell.R_factor_R_free_error 
_refine_ls_shell.R_factor_R_work 
_refine_ls_shell.redundancy_reflns_all 
_refine_ls_shell.redundancy_reflns_obs 
_refine_ls_shell.wR_factor_all 
_refine_ls_shell.wR_factor_obs 
_refine_ls_shell.wR_factor_R_free 
_refine_ls_shell.wR_factor_R_work 
_refine_ls_shell.pdbx_total_number_of_bins_used 
_refine_ls_shell.pdbx_phase_error 
_refine_ls_shell.pdbx_fsc_work 
_refine_ls_shell.pdbx_fsc_free 
'X-RAY DIFFRACTION' 1.6977 1.7871  . . 149 2712 95.00  . . . 0.4204 . 0.3330 . . . . . . . . . . 
'X-RAY DIFFRACTION' 1.7871 1.8991  . . 144 2838 100.00 . . . 0.2763 . 0.2315 . . . . . . . . . . 
'X-RAY DIFFRACTION' 1.8991 2.0457  . . 146 2881 100.00 . . . 0.2533 . 0.2081 . . . . . . . . . . 
'X-RAY DIFFRACTION' 2.0457 2.2516  . . 156 2863 100.00 . . . 0.2407 . 0.1937 . . . . . . . . . . 
'X-RAY DIFFRACTION' 2.2516 2.5773  . . 129 2935 100.00 . . . 0.2005 . 0.1821 . . . . . . . . . . 
'X-RAY DIFFRACTION' 2.5773 3.2466  . . 160 2893 100.00 . . . 0.2248 . 0.1966 . . . . . . . . . . 
'X-RAY DIFFRACTION' 3.2466 33.4685 . . 133 3065 99.00  . . . 0.1884 . 0.1787 . . . . . . . . . . 
# 
_struct.entry_id                     6NCO 
_struct.title                        'Fragment-based Discovery of an apoE4 Stabilizer' 
_struct.pdbx_model_details           ? 
_struct.pdbx_formula_weight          ? 
_struct.pdbx_formula_weight_method   ? 
_struct.pdbx_model_type_details      ? 
_struct.pdbx_CASP_flag               N 
# 
_struct_keywords.entry_id        6NCO 
_struct_keywords.text            'Lipid Binding, LIPID TRANSPORT' 
_struct_keywords.pdbx_keywords   'LIPID TRANSPORT' 
# 
loop_
_struct_asym.id 
_struct_asym.pdbx_blank_PDB_chainid_flag 
_struct_asym.pdbx_modified 
_struct_asym.entity_id 
_struct_asym.details 
A N N 1 ? 
B N N 2 ? 
C N N 3 ? 
# 
loop_
_struct_conf.conf_type_id 
_struct_conf.id 
_struct_conf.pdbx_PDB_helix_id 
_struct_conf.beg_label_comp_id 
_struct_conf.beg_label_asym_id 
_struct_conf.beg_label_seq_id 
_struct_conf.pdbx_beg_PDB_ins_code 
_struct_conf.end_label_comp_id 
_struct_conf.end_label_asym_id 
_struct_conf.end_label_seq_id 
_struct_conf.pdbx_end_PDB_ins_code 
_struct_conf.beg_auth_comp_id 
_struct_conf.beg_auth_asym_id 
_struct_conf.beg_auth_seq_id 
_struct_conf.end_auth_comp_id 
_struct_conf.end_auth_asym_id 
_struct_conf.end_auth_seq_id 
_struct_conf.pdbx_PDB_helix_class 
_struct_conf.details 
_struct_conf.pdbx_PDB_helix_length 
HELX_P HELX_P1 AA1 GLN A 44  ? LEU A 63  ? GLN A 24  LEU A 43  1 ? 20 
HELX_P HELX_P2 AA2 SER A 64  ? LEU A 72  ? SER A 44  LEU A 52  1 ? 9  
HELX_P HELX_P3 AA3 SER A 74  ? GLU A 99  ? SER A 54  GLU A 79  1 ? 26 
HELX_P HELX_P4 AA4 ALA A 106 ? MET A 145 ? ALA A 86  MET A 125 1 ? 40 
HELX_P HELX_P5 AA5 THR A 150 ? GLN A 183 ? THR A 130 GLN A 163 1 ? 34 
# 
_struct_conf_type.id          HELX_P 
_struct_conf_type.criteria    ? 
_struct_conf_type.reference   ? 
# 
_struct_site.id                   AC1 
_struct_site.pdbx_evidence_code   Software 
_struct_site.pdbx_auth_asym_id    A 
_struct_site.pdbx_auth_comp_id    KQP 
_struct_site.pdbx_auth_seq_id     201 
_struct_site.pdbx_auth_ins_code   ? 
_struct_site.pdbx_num_residues    11 
_struct_site.details              'binding site for residue KQP A 201' 
# 
loop_
_struct_site_gen.id 
_struct_site_gen.site_id 
_struct_site_gen.pdbx_num_res 
_struct_site_gen.label_comp_id 
_struct_site_gen.label_asym_id 
_struct_site_gen.label_seq_id 
_struct_site_gen.pdbx_auth_ins_code 
_struct_site_gen.auth_comp_id 
_struct_site_gen.auth_asym_id 
_struct_site_gen.auth_seq_id 
_struct_site_gen.label_atom_id 
_struct_site_gen.label_alt_id 
_struct_site_gen.symmetry 
_struct_site_gen.details 
1  AC1 11 GLU A 47  ? GLU A 27  . ? 1_555 ? 
2  AC1 11 LEU A 50  ? LEU A 30  . ? 1_555 ? 
3  AC1 11 GLY A 51  ? GLY A 31  . ? 1_555 ? 
4  AC1 11 TRP A 54  ? TRP A 34  . ? 1_555 ? 
5  AC1 11 ASP A 55  ? ASP A 35  . ? 1_555 ? 
6  AC1 11 GLU A 151 ? GLU A 131 . ? 4_545 ? 
7  AC1 11 ARG A 154 ? ARG A 134 . ? 4_545 ? 
8  AC1 11 LEU A 169 ? LEU A 149 . ? 1_555 ? 
9  AC1 11 ASP A 173 ? ASP A 153 . ? 1_555 ? 
10 AC1 11 GLN A 176 ? GLN A 156 . ? 1_555 ? 
11 AC1 11 HOH C .   ? HOH A 374 . ? 1_555 ? 
# 
_atom_sites.entry_id                    6NCO 
_atom_sites.fract_transf_matrix[1][1]   0.00689919 
_atom_sites.fract_transf_matrix[1][2]   -0.02297998 
_atom_sites.fract_transf_matrix[1][3]   0.00451276 
_atom_sites.fract_transf_matrix[2][1]   0.01632917 
_atom_sites.fract_transf_matrix[2][2]   0.00630891 
_atom_sites.fract_transf_matrix[2][3]   0.00716208 
_atom_sites.fract_transf_matrix[3][1]   -0.00483676 
_atom_sites.fract_transf_matrix[3][2]   0.00060823 
_atom_sites.fract_transf_matrix[3][3]   0.01049179 
_atom_sites.fract_transf_vector[1]      -0.101867 
_atom_sites.fract_transf_vector[2]      -0.208009 
_atom_sites.fract_transf_vector[3]      0.182777 
# 
loop_
_atom_type.symbol 
C  
CL 
N  
O  
S  
# 
loop_
_atom_site.group_PDB 
_atom_site.id 
_atom_site.type_symbol 
_atom_site.label_atom_id 
_atom_site.label_alt_id 
_atom_site.label_comp_id 
_atom_site.label_asym_id 
_atom_site.label_entity_id 
_atom_site.label_seq_id 
_atom_site.pdbx_PDB_ins_code 
_atom_site.Cartn_x 
_atom_site.Cartn_y 
_atom_site.Cartn_z 
_atom_site.occupancy 
_atom_site.B_iso_or_equiv 
_atom_site.pdbx_formal_charge 
_atom_site.auth_seq_id 
_atom_site.auth_comp_id 
_atom_site.auth_asym_id 
_atom_site.auth_atom_id 
_atom_site.pdbx_PDB_model_num 
ATOM   1    N  N    . GLN A 1 44  ? -6.932  -15.139 1.587   1.00 31.40 ? 24  GLN A N    1 
ATOM   2    C  CA   . GLN A 1 44  ? -7.852  -14.314 2.360   1.00 25.57 ? 24  GLN A CA   1 
ATOM   3    C  C    . GLN A 1 44  ? -8.359  -13.141 1.514   1.00 26.80 ? 24  GLN A C    1 
ATOM   4    O  O    . GLN A 1 44  ? -7.685  -12.676 0.605   1.00 27.35 ? 24  GLN A O    1 
ATOM   5    C  CB   . GLN A 1 44  ? -7.183  -13.755 3.629   1.00 32.55 ? 24  GLN A CB   1 
ATOM   6    C  CG   . GLN A 1 44  ? -6.806  -14.759 4.727   1.00 34.02 ? 24  GLN A CG   1 
ATOM   7    C  CD   . GLN A 1 44  ? -7.861  -15.826 4.976   1.00 37.54 ? 24  GLN A CD   1 
ATOM   8    O  OE1  . GLN A 1 44  ? -9.043  -15.526 5.161   1.00 39.06 ? 24  GLN A OE1  1 
ATOM   9    N  NE2  . GLN A 1 44  ? -7.430  -17.086 4.989   1.00 48.63 ? 24  GLN A NE2  1 
ATOM   10   N  N    . ARG A 1 45  ? -9.538  -12.629 1.865   1.00 23.08 ? 25  ARG A N    1 
ATOM   11   C  CA   . ARG A 1 45  ? -10.079 -11.480 1.151   1.00 24.56 ? 25  ARG A CA   1 
ATOM   12   C  C    . ARG A 1 45  ? -9.151  -10.274 1.229   1.00 24.60 ? 25  ARG A C    1 
ATOM   13   O  O    . ARG A 1 45  ? -8.995  -9.541  0.242   1.00 22.25 ? 25  ARG A O    1 
ATOM   14   C  CB   . ARG A 1 45  ? -11.453 -11.118 1.713   1.00 24.26 ? 25  ARG A CB   1 
ATOM   15   C  CG   . ARG A 1 45  ? -12.530 -12.119 1.386   1.00 30.87 ? 25  ARG A CG   1 
ATOM   16   C  CD   . ARG A 1 45  ? -13.773 -11.870 2.243   1.00 33.35 ? 25  ARG A CD   1 
ATOM   17   N  NE   . ARG A 1 45  ? -14.318 -10.523 2.074   1.00 31.19 ? 25  ARG A NE   1 
ATOM   18   C  CZ   . ARG A 1 45  ? -15.560 -10.260 1.665   1.00 33.53 ? 25  ARG A CZ   1 
ATOM   19   N  NH1  . ARG A 1 45  ? -16.383 -11.260 1.368   1.00 24.73 ? 25  ARG A NH1  1 
ATOM   20   N  NH2  . ARG A 1 45  ? -15.978 -8.999  1.556   1.00 30.10 ? 25  ARG A NH2  1 
ATOM   21   N  N    . TRP A 1 46  ? -8.570  -10.004 2.403   1.00 20.96 ? 26  TRP A N    1 
ATOM   22   C  CA   . TRP A 1 46  ? -7.734  -8.807  2.489   1.00 19.26 ? 26  TRP A CA   1 
ATOM   23   C  C    . TRP A 1 46  ? -6.460  -8.975  1.674   1.00 21.97 ? 26  TRP A C    1 
ATOM   24   O  O    . TRP A 1 46  ? -5.938  -7.989  1.134   1.00 21.82 ? 26  TRP A O    1 
ATOM   25   C  CB   . TRP A 1 46  ? -7.421  -8.472  3.951   1.00 24.49 ? 26  TRP A CB   1 
ATOM   26   C  CG   . TRP A 1 46  ? -6.276  -9.248  4.512   1.00 24.01 ? 26  TRP A CG   1 
ATOM   27   C  CD1  . TRP A 1 46  ? -6.338  -10.446 5.176   1.00 21.57 ? 26  TRP A CD1  1 
ATOM   28   C  CD2  . TRP A 1 46  ? -4.886  -8.887  4.461   1.00 22.73 ? 26  TRP A CD2  1 
ATOM   29   N  NE1  . TRP A 1 46  ? -5.074  -10.852 5.526   1.00 21.71 ? 26  TRP A NE1  1 
ATOM   30   C  CE2  . TRP A 1 46  ? -4.166  -9.908  5.113   1.00 22.38 ? 26  TRP A CE2  1 
ATOM   31   C  CE3  . TRP A 1 46  ? -4.183  -7.790  3.934   1.00 24.10 ? 26  TRP A CE3  1 
ATOM   32   C  CZ2  . TRP A 1 46  ? -2.776  -9.870  5.257   1.00 26.55 ? 26  TRP A CZ2  1 
ATOM   33   C  CZ3  . TRP A 1 46  ? -2.796  -7.760  4.076   1.00 23.05 ? 26  TRP A CZ3  1 
ATOM   34   C  CH2  . TRP A 1 46  ? -2.112  -8.789  4.724   1.00 24.18 ? 26  TRP A CH2  1 
ATOM   35   N  N    . GLU A 1 47  ? -5.957  -10.206 1.556   1.00 19.03 ? 27  GLU A N    1 
ATOM   36   C  CA   . GLU A 1 47  ? -4.765  -10.439 0.741   1.00 20.53 ? 27  GLU A CA   1 
ATOM   37   C  C    . GLU A 1 47  ? -5.070  -10.260 -0.737  1.00 20.98 ? 27  GLU A C    1 
ATOM   38   O  O    . GLU A 1 47  ? -4.222  -9.777  -1.492  1.00 21.24 ? 27  GLU A O    1 
ATOM   39   C  CB   . GLU A 1 47  ? -4.199  -11.838 0.998   1.00 23.25 ? 27  GLU A CB   1 
ATOM   40   C  CG   . GLU A 1 47  ? -3.702  -12.054 2.425   1.00 22.91 ? 27  GLU A CG   1 
ATOM   41   C  CD   . GLU A 1 47  ? -3.296  -13.504 2.711   1.00 36.79 ? 27  GLU A CD   1 
ATOM   42   O  OE1  . GLU A 1 47  ? -3.537  -14.384 1.851   1.00 38.64 ? 27  GLU A OE1  1 
ATOM   43   O  OE2  . GLU A 1 47  ? -2.727  -13.763 3.800   1.00 32.46 ? 27  GLU A OE2  1 
ATOM   44   N  N    . LEU A 1 48  ? -6.269  -10.660 -1.174  1.00 21.96 ? 28  LEU A N    1 
ATOM   45   C  CA   . LEU A 1 48  ? -6.673  -10.417 -2.554  1.00 21.26 ? 28  LEU A CA   1 
ATOM   46   C  C    . LEU A 1 48  ? -6.817  -8.926  -2.818  1.00 20.37 ? 28  LEU A C    1 
ATOM   47   O  O    . LEU A 1 48  ? -6.401  -8.427  -3.875  1.00 24.15 ? 28  LEU A O    1 
ATOM   48   C  CB   . LEU A 1 48  ? -7.986  -11.147 -2.839  1.00 23.89 ? 28  LEU A CB   1 
ATOM   49   C  CG   . LEU A 1 48  ? -8.577  -11.033 -4.240  1.00 34.30 ? 28  LEU A CG   1 
ATOM   50   C  CD1  . LEU A 1 48  ? -7.741  -11.859 -5.215  1.00 39.42 ? 28  LEU A CD1  1 
ATOM   51   C  CD2  . LEU A 1 48  ? -10.032 -11.499 -4.251  1.00 38.13 ? 28  LEU A CD2  1 
ATOM   52   N  N    . ALA A 1 49  ? -7.377  -8.193  -1.855  1.00 18.75 ? 29  ALA A N    1 
ATOM   53   C  CA   . ALA A 1 49  ? -7.495  -6.750  -2.008  1.00 18.13 ? 29  ALA A CA   1 
ATOM   54   C  C    . ALA A 1 49  ? -6.119  -6.111  -2.102  1.00 20.02 ? 29  ALA A C    1 
ATOM   55   O  O    . ALA A 1 49  ? -5.860  -5.267  -2.969  1.00 19.90 ? 29  ALA A O    1 
ATOM   56   C  CB   . ALA A 1 49  ? -8.284  -6.163  -0.836  1.00 20.09 ? 29  ALA A CB   1 
ATOM   57   N  N    . LEU A 1 50  ? -5.217  -6.487  -1.198  1.00 17.29 ? 30  LEU A N    1 
ATOM   58   C  CA   A LEU A 1 50  ? -3.864  -5.944  -1.289  0.94 18.24 ? 30  LEU A CA   1 
ATOM   59   C  CA   B LEU A 1 50  ? -3.862  -5.952  -1.284  0.06 18.13 ? 30  LEU A CA   1 
ATOM   60   C  C    . LEU A 1 50  ? -3.224  -6.302  -2.620  1.00 19.18 ? 30  LEU A C    1 
ATOM   61   O  O    . LEU A 1 50  ? -2.499  -5.495  -3.210  1.00 20.65 ? 30  LEU A O    1 
ATOM   62   C  CB   A LEU A 1 50  ? -3.020  -6.464  -0.119  0.94 19.50 ? 30  LEU A CB   1 
ATOM   63   C  CB   B LEU A 1 50  ? -3.005  -6.471  -0.127  0.06 19.53 ? 30  LEU A CB   1 
ATOM   64   C  CG   A LEU A 1 50  ? -1.531  -6.118  -0.202  0.94 18.87 ? 30  LEU A CG   1 
ATOM   65   C  CG   B LEU A 1 50  ? -1.809  -5.601  0.296   0.06 20.61 ? 30  LEU A CG   1 
ATOM   66   C  CD1  A LEU A 1 50  ? -1.352  -4.603  -0.128  0.94 20.66 ? 30  LEU A CD1  1 
ATOM   67   C  CD1  B LEU A 1 50  ? -1.317  -5.991  1.666   0.06 21.94 ? 30  LEU A CD1  1 
ATOM   68   C  CD2  A LEU A 1 50  ? -0.809  -6.797  0.941   0.94 24.50 ? 30  LEU A CD2  1 
ATOM   69   C  CD2  B LEU A 1 50  ? -0.659  -5.685  -0.690  0.06 21.67 ? 30  LEU A CD2  1 
ATOM   70   N  N    . GLY A 1 51  ? -3.487  -7.509  -3.118  1.00 16.68 ? 31  GLY A N    1 
ATOM   71   C  CA   . GLY A 1 51  ? -2.901  -7.917  -4.385  1.00 20.33 ? 31  GLY A CA   1 
ATOM   72   C  C    . GLY A 1 51  ? -3.386  -7.087  -5.553  1.00 20.71 ? 31  GLY A C    1 
ATOM   73   O  O    . GLY A 1 51  ? -2.629  -6.833  -6.492  1.00 20.41 ? 31  GLY A O    1 
ATOM   74   N  N    . ARG A 1 52  ? -4.636  -6.632  -5.497  1.00 19.18 ? 32  ARG A N    1 
ATOM   75   C  CA   A ARG A 1 52  ? -5.116  -5.723  -6.539  0.46 20.63 ? 32  ARG A CA   1 
ATOM   76   C  CA   B ARG A 1 52  ? -5.110  -5.726  -6.543  0.54 20.62 ? 32  ARG A CA   1 
ATOM   77   C  C    . ARG A 1 52  ? -4.380  -4.392  -6.474  1.00 21.06 ? 32  ARG A C    1 
ATOM   78   O  O    . ARG A 1 52  ? -4.018  -3.828  -7.514  1.00 19.32 ? 32  ARG A O    1 
ATOM   79   C  CB   A ARG A 1 52  ? -6.625  -5.524  -6.409  0.46 23.16 ? 32  ARG A CB   1 
ATOM   80   C  CB   B ARG A 1 52  ? -6.624  -5.543  -6.435  0.54 23.16 ? 32  ARG A CB   1 
ATOM   81   C  CG   A ARG A 1 52  ? -7.444  -6.764  -6.791  0.46 27.20 ? 32  ARG A CG   1 
ATOM   82   C  CG   B ARG A 1 52  ? -7.394  -6.825  -6.788  0.54 27.20 ? 32  ARG A CG   1 
ATOM   83   C  CD   A ARG A 1 52  ? -7.705  -6.820  -8.293  0.46 30.18 ? 32  ARG A CD   1 
ATOM   84   C  CD   B ARG A 1 52  ? -8.898  -6.601  -6.896  0.54 26.50 ? 32  ARG A CD   1 
ATOM   85   N  NE   A ARG A 1 52  ? -7.812  -5.476  -8.843  0.46 31.96 ? 32  ARG A NE   1 
ATOM   86   N  NE   B ARG A 1 52  ? -9.531  -6.556  -5.586  0.54 34.26 ? 32  ARG A NE   1 
ATOM   87   C  CZ   A ARG A 1 52  ? -8.207  -5.168  -10.076 0.46 26.68 ? 32  ARG A CZ   1 
ATOM   88   C  CZ   B ARG A 1 52  ? -10.243 -7.551  -5.064  0.54 34.77 ? 32  ARG A CZ   1 
ATOM   89   N  NH1  A ARG A 1 52  ? -8.562  -6.108  -10.967 0.46 22.22 ? 32  ARG A NH1  1 
ATOM   90   N  NH1  B ARG A 1 52  ? -10.417 -8.674  -5.745  0.54 41.08 ? 32  ARG A NH1  1 
ATOM   91   N  NH2  A ARG A 1 52  ? -8.245  -3.891  -10.410 0.46 27.72 ? 32  ARG A NH2  1 
ATOM   92   N  NH2  B ARG A 1 52  ? -10.780 -7.420  -3.862  0.54 33.01 ? 32  ARG A NH2  1 
ATOM   93   N  N    . PHE A 1 53  ? -4.131  -3.883  -5.265  1.00 17.88 ? 33  PHE A N    1 
ATOM   94   C  CA   . PHE A 1 53  ? -3.316  -2.680  -5.125  1.00 15.56 ? 33  PHE A CA   1 
ATOM   95   C  C    . PHE A 1 53  ? -1.916  -2.927  -5.661  1.00 17.39 ? 33  PHE A C    1 
ATOM   96   O  O    . PHE A 1 53  ? -1.352  -2.093  -6.385  1.00 16.73 ? 33  PHE A O    1 
ATOM   97   C  CB   . PHE A 1 53  ? -3.264  -2.262  -3.647  1.00 15.64 ? 33  PHE A CB   1 
ATOM   98   C  CG   . PHE A 1 53  ? -2.507  -0.983  -3.381  1.00 18.43 ? 33  PHE A CG   1 
ATOM   99   C  CD1  . PHE A 1 53  ? -1.131  -0.981  -3.188  1.00 19.14 ? 33  PHE A CD1  1 
ATOM   100  C  CD2  . PHE A 1 53  ? -3.184  0.220   -3.292  1.00 16.77 ? 33  PHE A CD2  1 
ATOM   101  C  CE1  . PHE A 1 53  ? -0.459  0.203   -2.939  1.00 18.12 ? 33  PHE A CE1  1 
ATOM   102  C  CE2  . PHE A 1 53  ? -2.514  1.397   -3.023  1.00 19.77 ? 33  PHE A CE2  1 
ATOM   103  C  CZ   . PHE A 1 53  ? -1.144  1.385   -2.854  1.00 19.47 ? 33  PHE A CZ   1 
ATOM   104  N  N    . TRP A 1 54  ? -1.349  -4.090  -5.331  1.00 14.97 ? 34  TRP A N    1 
ATOM   105  C  CA   . TRP A 1 54  ? 0.026   -4.414  -5.712  1.00 15.55 ? 34  TRP A CA   1 
ATOM   106  C  C    . TRP A 1 54  ? 0.180   -4.573  -7.226  1.00 17.93 ? 34  TRP A C    1 
ATOM   107  O  O    . TRP A 1 54  ? 1.165   -4.091  -7.814  1.00 16.78 ? 34  TRP A O    1 
ATOM   108  C  CB   . TRP A 1 54  ? 0.428   -5.702  -4.968  1.00 17.57 ? 34  TRP A CB   1 
ATOM   109  C  CG   . TRP A 1 54  ? 1.830   -6.117  -5.158  1.00 15.91 ? 34  TRP A CG   1 
ATOM   110  C  CD1  . TRP A 1 54  ? 2.284   -7.148  -5.935  1.00 18.61 ? 34  TRP A CD1  1 
ATOM   111  C  CD2  . TRP A 1 54  ? 2.991   -5.526  -4.549  1.00 16.91 ? 34  TRP A CD2  1 
ATOM   112  N  NE1  . TRP A 1 54  ? 3.658   -7.214  -5.866  1.00 21.27 ? 34  TRP A NE1  1 
ATOM   113  C  CE2  . TRP A 1 54  ? 4.114   -6.233  -5.023  1.00 19.76 ? 34  TRP A CE2  1 
ATOM   114  C  CE3  . TRP A 1 54  ? 3.189   -4.457  -3.663  1.00 19.24 ? 34  TRP A CE3  1 
ATOM   115  C  CZ2  . TRP A 1 54  ? 5.414   -5.910  -4.641  1.00 19.47 ? 34  TRP A CZ2  1 
ATOM   116  C  CZ3  . TRP A 1 54  ? 4.494   -4.139  -3.276  1.00 19.37 ? 34  TRP A CZ3  1 
ATOM   117  C  CH2  . TRP A 1 54  ? 5.585   -4.868  -3.770  1.00 19.55 ? 34  TRP A CH2  1 
ATOM   118  N  N    . ASP A 1 55  ? -0.765  -5.254  -7.880  1.00 17.44 ? 35  ASP A N    1 
ATOM   119  C  CA   . ASP A 1 55  ? -0.692  -5.412  -9.335  1.00 18.85 ? 35  ASP A CA   1 
ATOM   120  C  C    . ASP A 1 55  ? -0.867  -4.076  -10.041 1.00 18.11 ? 35  ASP A C    1 
ATOM   121  O  O    . ASP A 1 55  ? -0.212  -3.814  -11.058 1.00 18.14 ? 35  ASP A O    1 
ATOM   122  C  CB   . ASP A 1 55  ? -1.765  -6.390  -9.829  1.00 23.66 ? 35  ASP A CB   1 
ATOM   123  C  CG   . ASP A 1 55  ? -1.355  -7.852  -9.651  1.00 29.45 ? 35  ASP A CG   1 
ATOM   124  O  OD1  . ASP A 1 55  ? -0.232  -8.101  -9.152  1.00 27.44 ? 35  ASP A OD1  1 
ATOM   125  O  OD2  . ASP A 1 55  ? -2.167  -8.746  -10.007 1.00 33.18 ? 35  ASP A OD2  1 
ATOM   126  N  N    . TYR A 1 56  ? -1.762  -3.233  -9.535  1.00 18.33 ? 36  TYR A N    1 
ATOM   127  C  CA   . TYR A 1 56  ? -1.945  -1.913  -10.137 1.00 19.53 ? 36  TYR A CA   1 
ATOM   128  C  C    . TYR A 1 56  ? -0.671  -1.104  -10.017 1.00 19.12 ? 36  TYR A C    1 
ATOM   129  O  O    . TYR A 1 56  ? -0.241  -0.435  -10.968 1.00 17.40 ? 36  TYR A O    1 
ATOM   130  C  CB   . TYR A 1 56  ? -3.102  -1.191  -9.451  1.00 16.77 ? 36  TYR A CB   1 
ATOM   131  C  CG   . TYR A 1 56  ? -3.519  0.100   -10.117 1.00 18.39 ? 36  TYR A CG   1 
ATOM   132  C  CD1  . TYR A 1 56  ? -2.871  1.287   -9.838  1.00 25.44 ? 36  TYR A CD1  1 
ATOM   133  C  CD2  . TYR A 1 56  ? -4.550  0.119   -11.020 1.00 19.97 ? 36  TYR A CD2  1 
ATOM   134  C  CE1  . TYR A 1 56  ? -3.251  2.473   -10.452 1.00 27.75 ? 36  TYR A CE1  1 
ATOM   135  C  CE2  . TYR A 1 56  ? -4.940  1.296   -11.646 1.00 21.70 ? 36  TYR A CE2  1 
ATOM   136  C  CZ   . TYR A 1 56  ? -4.280  2.466   -11.363 1.00 24.31 ? 36  TYR A CZ   1 
ATOM   137  O  OH   . TYR A 1 56  ? -4.683  3.646   -11.975 1.00 22.92 ? 36  TYR A OH   1 
ATOM   138  N  N    . LEU A 1 57  ? -0.046  -1.157  -8.844  1.00 17.01 ? 37  LEU A N    1 
ATOM   139  C  CA   . LEU A 1 57  ? 1.187   -0.419  -8.638  1.00 16.75 ? 37  LEU A CA   1 
ATOM   140  C  C    . LEU A 1 57  ? 2.330   -1.009  -9.457  1.00 17.70 ? 37  LEU A C    1 
ATOM   141  O  O    . LEU A 1 57  ? 3.218   -0.271  -9.878  1.00 18.28 ? 37  LEU A O    1 
ATOM   142  C  CB   . LEU A 1 57  ? 1.493   -0.404  -7.134  1.00 18.48 ? 37  LEU A CB   1 
ATOM   143  C  CG   . LEU A 1 57  ? 2.606   0.461   -6.580  1.00 30.24 ? 37  LEU A CG   1 
ATOM   144  C  CD1  . LEU A 1 57  ? 2.520   1.889   -7.139  1.00 25.91 ? 37  LEU A CD1  1 
ATOM   145  C  CD2  . LEU A 1 57  ? 2.494   0.427   -5.046  1.00 22.07 ? 37  LEU A CD2  1 
ATOM   146  N  N    . ARG A 1 58  ? 2.338   -2.329  -9.712  1.00 16.52 ? 38  ARG A N    1 
ATOM   147  C  CA   . ARG A 1 58  ? 3.379   -2.862  -10.582 1.00 15.79 ? 38  ARG A CA   1 
ATOM   148  C  C    . ARG A 1 58  ? 3.239   -2.319  -12.000 1.00 15.72 ? 38  ARG A C    1 
ATOM   149  O  O    . ARG A 1 58  ? 4.240   -2.094  -12.691 1.00 19.31 ? 38  ARG A O    1 
ATOM   150  C  CB   . ARG A 1 58  ? 3.333   -4.389  -10.616 1.00 19.44 ? 38  ARG A CB   1 
ATOM   151  C  CG   . ARG A 1 58  ? 4.593   -4.944  -11.243 1.00 23.12 ? 38  ARG A CG   1 
ATOM   152  C  CD   . ARG A 1 58  ? 4.464   -6.413  -11.628 1.00 25.23 ? 38  ARG A CD   1 
ATOM   153  N  NE   . ARG A 1 58  ? 3.919   -7.284  -10.590 1.00 26.41 ? 38  ARG A NE   1 
ATOM   154  C  CZ   . ARG A 1 58  ? 4.611   -7.772  -9.557  1.00 24.93 ? 38  ARG A CZ   1 
ATOM   155  N  NH1  . ARG A 1 58  ? 4.012   -8.595  -8.703  1.00 24.89 ? 38  ARG A NH1  1 
ATOM   156  N  NH2  . ARG A 1 58  ? 5.883   -7.438  -9.363  1.00 27.75 ? 38  ARG A NH2  1 
ATOM   157  N  N    . TRP A 1 59  ? 2.005   -2.092  -12.434 1.00 15.93 ? 39  TRP A N    1 
ATOM   158  C  CA   . TRP A 1 59  ? 1.761   -1.447  -13.721 1.00 15.99 ? 39  TRP A CA   1 
ATOM   159  C  C    . TRP A 1 59  ? 2.250   -0.002  -13.711 1.00 20.02 ? 39  TRP A C    1 
ATOM   160  O  O    . TRP A 1 59  ? 2.944   0.442   -14.634 1.00 18.55 ? 39  TRP A O    1 
ATOM   161  C  CB   . TRP A 1 59  ? 0.269   -1.513  -14.027 1.00 17.10 ? 39  TRP A CB   1 
ATOM   162  C  CG   . TRP A 1 59  ? -0.142  -0.787  -15.276 1.00 18.60 ? 39  TRP A CG   1 
ATOM   163  C  CD1  . TRP A 1 59  ? 0.200   -1.101  -16.567 1.00 25.26 ? 39  TRP A CD1  1 
ATOM   164  C  CD2  . TRP A 1 59  ? -0.964  0.376   -15.347 1.00 22.26 ? 39  TRP A CD2  1 
ATOM   165  N  NE1  . TRP A 1 59  ? -0.365  -0.190  -17.443 1.00 24.36 ? 39  TRP A NE1  1 
ATOM   166  C  CE2  . TRP A 1 59  ? -1.088  0.722   -16.719 1.00 22.09 ? 39  TRP A CE2  1 
ATOM   167  C  CE3  . TRP A 1 59  ? -1.606  1.168   -14.388 1.00 24.79 ? 39  TRP A CE3  1 
ATOM   168  C  CZ2  . TRP A 1 59  ? -1.825  1.818   -17.140 1.00 20.91 ? 39  TRP A CZ2  1 
ATOM   169  C  CZ3  . TRP A 1 59  ? -2.337  2.256   -14.812 1.00 30.49 ? 39  TRP A CZ3  1 
ATOM   170  C  CH2  . TRP A 1 59  ? -2.438  2.575   -16.174 1.00 22.41 ? 39  TRP A CH2  1 
ATOM   171  N  N    . VAL A 1 60  ? 1.908   0.748   -12.666 1.00 16.05 ? 40  VAL A N    1 
ATOM   172  C  CA   . VAL A 1 60  ? 2.386   2.136   -12.578 1.00 15.18 ? 40  VAL A CA   1 
ATOM   173  C  C    . VAL A 1 60  ? 3.908   2.192   -12.652 1.00 16.59 ? 40  VAL A C    1 
ATOM   174  O  O    . VAL A 1 60  ? 4.485   3.081   -13.281 1.00 18.60 ? 40  VAL A O    1 
ATOM   175  C  CB   . VAL A 1 60  ? 1.860   2.782   -11.282 1.00 16.35 ? 40  VAL A CB   1 
ATOM   176  C  CG1  . VAL A 1 60  ? 2.525   4.158   -11.073 1.00 20.97 ? 40  VAL A CG1  1 
ATOM   177  C  CG2  . VAL A 1 60  ? 0.354   2.888   -11.345 1.00 18.61 ? 40  VAL A CG2  1 
ATOM   178  N  N    . GLN A 1 61  ? 4.587   1.230   -12.018 1.00 15.15 ? 41  GLN A N    1 
ATOM   179  C  CA   . GLN A 1 61  ? 6.043   1.207   -11.999 1.00 18.88 ? 41  GLN A CA   1 
ATOM   180  C  C    . GLN A 1 61  ? 6.637   1.196   -13.403 1.00 17.89 ? 41  GLN A C    1 
ATOM   181  O  O    . GLN A 1 61  ? 7.759   1.679   -13.598 1.00 20.25 ? 41  GLN A O    1 
ATOM   182  C  CB   . GLN A 1 61  ? 6.505   -0.016  -11.190 1.00 18.69 ? 41  GLN A CB   1 
ATOM   183  C  CG   . GLN A 1 61  ? 8.014   -0.273  -11.137 1.00 18.40 ? 41  GLN A CG   1 
ATOM   184  C  CD   . GLN A 1 61  ? 8.732   0.630   -10.148 1.00 24.27 ? 41  GLN A CD   1 
ATOM   185  O  OE1  . GLN A 1 61  ? 8.554   0.523   -8.925  1.00 22.60 ? 41  GLN A OE1  1 
ATOM   186  N  NE2  . GLN A 1 61  ? 9.564   1.520   -10.673 1.00 22.60 ? 41  GLN A NE2  1 
ATOM   187  N  N    . THR A 1 62  ? 5.924   0.633   -14.384 1.00 17.35 ? 42  THR A N    1 
ATOM   188  C  CA   . THR A 1 62  ? 6.486   0.569   -15.739 1.00 17.65 ? 42  THR A CA   1 
ATOM   189  C  C    . THR A 1 62  ? 6.638   1.954   -16.343 1.00 22.20 ? 42  THR A C    1 
ATOM   190  O  O    . THR A 1 62  ? 7.480   2.155   -17.231 1.00 22.86 ? 42  THR A O    1 
ATOM   191  C  CB   . THR A 1 62  ? 5.621   -0.280  -16.665 1.00 19.57 ? 42  THR A CB   1 
ATOM   192  O  OG1  . THR A 1 62  ? 4.338   0.338   -16.855 1.00 20.01 ? 42  THR A OG1  1 
ATOM   193  C  CG2  . THR A 1 62  ? 5.421   -1.698  -16.081 1.00 20.26 ? 42  THR A CG2  1 
ATOM   194  N  N    . LEU A 1 63  ? 5.823   2.905   -15.893 1.00 18.68 ? 43  LEU A N    1 
ATOM   195  C  CA   . LEU A 1 63  ? 5.829   4.273   -16.431 1.00 18.79 ? 43  LEU A CA   1 
ATOM   196  C  C    . LEU A 1 63  ? 5.708   4.240   -17.949 1.00 20.29 ? 43  LEU A C    1 
ATOM   197  O  O    . LEU A 1 63  ? 6.356   5.004   -18.678 1.00 24.94 ? 43  LEU A O    1 
ATOM   198  C  CB   . LEU A 1 63  ? 7.064   5.042   -15.980 1.00 19.70 ? 43  LEU A CB   1 
ATOM   199  C  CG   . LEU A 1 63  ? 7.114   5.326   -14.473 1.00 21.32 ? 43  LEU A CG   1 
ATOM   200  C  CD1  . LEU A 1 63  ? 8.380   6.050   -14.074 1.00 26.83 ? 43  LEU A CD1  1 
ATOM   201  C  CD2  . LEU A 1 63  ? 5.891   6.113   -14.041 1.00 24.35 ? 43  LEU A CD2  1 
ATOM   202  N  N    . SER A 1 64  ? 4.847   3.352   -18.418 1.00 17.97 ? 44  SER A N    1 
ATOM   203  C  CA   . SER A 1 64  ? 4.538   3.240   -19.834 1.00 20.45 ? 44  SER A CA   1 
ATOM   204  C  C    . SER A 1 64  ? 3.767   4.476   -20.315 1.00 22.80 ? 44  SER A C    1 
ATOM   205  O  O    . SER A 1 64  ? 3.362   5.343   -19.535 1.00 21.52 ? 44  SER A O    1 
ATOM   206  C  CB   . SER A 1 64  ? 3.711   1.980   -20.089 1.00 22.34 ? 44  SER A CB   1 
ATOM   207  O  OG   . SER A 1 64  ? 2.404   2.153   -19.563 1.00 24.42 ? 44  SER A OG   1 
ATOM   208  N  N    . GLU A 1 65  ? 3.539   4.534   -21.627 1.00 25.64 ? 45  GLU A N    1 
ATOM   209  C  CA   . GLU A 1 65  ? 2.851   5.683   -22.205 1.00 24.04 ? 45  GLU A CA   1 
ATOM   210  C  C    . GLU A 1 65  ? 1.518   5.953   -21.511 1.00 27.43 ? 45  GLU A C    1 
ATOM   211  O  O    . GLU A 1 65  ? 1.224   7.093   -21.135 1.00 27.54 ? 45  GLU A O    1 
ATOM   212  C  CB   . GLU A 1 65  ? 2.658   5.460   -23.713 1.00 26.97 ? 45  GLU A CB   1 
ATOM   213  C  CG   . GLU A 1 65  ? 1.742   6.467   -24.366 1.00 29.08 ? 45  GLU A CG   1 
ATOM   214  C  CD   . GLU A 1 65  ? 2.263   7.891   -24.276 1.00 28.49 ? 45  GLU A CD   1 
ATOM   215  O  OE1  . GLU A 1 65  ? 3.499   8.097   -24.196 1.00 28.15 ? 45  GLU A OE1  1 
ATOM   216  O  OE2  . GLU A 1 65  ? 1.409   8.812   -24.271 1.00 39.98 ? 45  GLU A OE2  1 
ATOM   217  N  N    . GLN A 1 66  ? 0.706   4.912   -21.294 1.00 22.64 ? 46  GLN A N    1 
ATOM   218  C  CA   . GLN A 1 66  ? -0.599  5.149   -20.682 1.00 24.15 ? 46  GLN A CA   1 
ATOM   219  C  C    . GLN A 1 66  ? -0.488  5.467   -19.195 1.00 23.84 ? 46  GLN A C    1 
ATOM   220  O  O    . GLN A 1 66  ? -1.328  6.203   -18.654 1.00 22.90 ? 46  GLN A O    1 
ATOM   221  C  CB   . GLN A 1 66  ? -1.514  3.946   -20.890 1.00 29.21 ? 46  GLN A CB   1 
ATOM   222  C  CG   . GLN A 1 66  ? -2.939  4.159   -20.392 1.00 29.06 ? 46  GLN A CG   1 
ATOM   223  C  CD   . GLN A 1 66  ? -3.664  5.308   -21.081 1.00 40.25 ? 46  GLN A CD   1 
ATOM   224  O  OE1  . GLN A 1 66  ? -3.307  5.718   -22.193 1.00 38.91 ? 46  GLN A OE1  1 
ATOM   225  N  NE2  . GLN A 1 66  ? -4.703  5.828   -20.424 1.00 39.88 ? 46  GLN A NE2  1 
ATOM   226  N  N    . VAL A 1 67  ? 0.520   4.927   -18.507 1.00 23.20 ? 47  VAL A N    1 
ATOM   227  C  CA   . VAL A 1 67  ? 0.727   5.327   -17.113 1.00 18.48 ? 47  VAL A CA   1 
ATOM   228  C  C    . VAL A 1 67  ? 1.028   6.821   -17.044 1.00 20.21 ? 47  VAL A C    1 
ATOM   229  O  O    . VAL A 1 67  ? 0.464   7.548   -16.220 1.00 23.41 ? 47  VAL A O    1 
ATOM   230  C  CB   . VAL A 1 67  ? 1.864   4.515   -16.466 1.00 19.93 ? 47  VAL A CB   1 
ATOM   231  C  CG1  . VAL A 1 67  ? 2.204   5.101   -15.095 1.00 19.69 ? 47  VAL A CG1  1 
ATOM   232  C  CG2  . VAL A 1 67  ? 1.461   3.063   -16.319 1.00 18.49 ? 47  VAL A CG2  1 
ATOM   233  N  N    . GLN A 1 68  ? 1.947   7.284   -17.904 1.00 22.71 ? 48  GLN A N    1 
ATOM   234  C  CA   . GLN A 1 68  ? 2.367   8.688   -17.871 1.00 19.25 ? 48  GLN A CA   1 
ATOM   235  C  C    . GLN A 1 68  ? 1.196   9.611   -18.117 1.00 28.29 ? 48  GLN A C    1 
ATOM   236  O  O    . GLN A 1 68  ? 1.116   10.701  -17.537 1.00 26.68 ? 48  GLN A O    1 
ATOM   237  C  CB   . GLN A 1 68  ? 3.439   8.950   -18.923 1.00 21.49 ? 48  GLN A CB   1 
ATOM   238  C  CG   . GLN A 1 68  ? 4.753   8.297   -18.626 1.00 21.94 ? 48  GLN A CG   1 
ATOM   239  C  CD   . GLN A 1 68  ? 5.764   8.574   -19.682 1.00 35.34 ? 48  GLN A CD   1 
ATOM   240  O  OE1  . GLN A 1 68  ? 6.011   9.730   -20.030 1.00 32.26 ? 48  GLN A OE1  1 
ATOM   241  N  NE2  . GLN A 1 68  ? 6.366   7.517   -20.210 1.00 27.89 ? 48  GLN A NE2  1 
ATOM   242  N  N    . GLU A 1 69  ? 0.295   9.201   -18.999 1.00 23.18 ? 49  GLU A N    1 
ATOM   243  C  CA   . GLU A 1 69  ? -0.920  9.963   -19.242 1.00 26.29 ? 49  GLU A CA   1 
ATOM   244  C  C    . GLU A 1 69  ? -1.795  10.012  -17.992 1.00 29.68 ? 49  GLU A C    1 
ATOM   245  O  O    . GLU A 1 69  ? -2.219  11.088  -17.555 1.00 29.86 ? 49  GLU A O    1 
ATOM   246  C  CB   . GLU A 1 69  ? -1.674  9.331   -20.413 1.00 28.67 ? 49  GLU A CB   1 
ATOM   247  C  CG   . GLU A 1 69  ? -2.875  10.119  -20.891 1.00 31.93 ? 49  GLU A CG   1 
ATOM   248  C  CD   . GLU A 1 69  ? -2.504  11.206  -21.878 1.00 37.75 ? 49  GLU A CD   1 
ATOM   249  O  OE1  . GLU A 1 69  ? -1.286  11.454  -22.086 1.00 30.71 ? 49  GLU A OE1  1 
ATOM   250  O  OE2  . GLU A 1 69  ? -3.443  11.817  -22.432 1.00 36.61 ? 49  GLU A OE2  1 
ATOM   251  N  N    . GLU A 1 70  ? -2.065  8.850   -17.388 1.00 25.27 ? 50  GLU A N    1 
ATOM   252  C  CA   . GLU A 1 70  ? -2.972  8.837   -16.245 1.00 22.01 ? 50  GLU A CA   1 
ATOM   253  C  C    . GLU A 1 70  ? -2.350  9.445   -14.996 1.00 26.36 ? 50  GLU A C    1 
ATOM   254  O  O    . GLU A 1 70  ? -3.089  9.828   -14.086 1.00 26.96 ? 50  GLU A O    1 
ATOM   255  C  CB   . GLU A 1 70  ? -3.451  7.412   -15.960 1.00 23.87 ? 50  GLU A CB   1 
ATOM   256  C  CG   . GLU A 1 70  ? -4.204  6.805   -17.134 1.00 28.65 ? 50  GLU A CG   1 
ATOM   257  C  CD   . GLU A 1 70  ? -4.873  5.482   -16.829 1.00 37.59 ? 50  GLU A CD   1 
ATOM   258  O  OE1  . GLU A 1 70  ? -4.998  5.113   -15.634 1.00 31.77 ? 50  GLU A OE1  1 
ATOM   259  O  OE2  . GLU A 1 70  ? -5.291  4.813   -17.797 1.00 34.57 ? 50  GLU A OE2  1 
ATOM   260  N  N    . LEU A 1 71  ? -1.020  9.555   -14.922 1.00 19.97 ? 51  LEU A N    1 
ATOM   261  C  CA   . LEU A 1 71  ? -0.408  10.185  -13.751 1.00 19.56 ? 51  LEU A CA   1 
ATOM   262  C  C    . LEU A 1 71  ? -0.592  11.696  -13.741 1.00 23.92 ? 51  LEU A C    1 
ATOM   263  O  O    . LEU A 1 71  ? -0.464  12.322  -12.684 1.00 22.26 ? 51  LEU A O    1 
ATOM   264  C  CB   . LEU A 1 71  ? 1.093   9.881   -13.695 1.00 19.12 ? 51  LEU A CB   1 
ATOM   265  C  CG   . LEU A 1 71  ? 1.478   8.519   -13.131 1.00 19.82 ? 51  LEU A CG   1 
ATOM   266  C  CD1  . LEU A 1 71  ? 2.982   8.311   -13.310 1.00 19.98 ? 51  LEU A CD1  1 
ATOM   267  C  CD2  . LEU A 1 71  ? 1.082   8.422   -11.663 1.00 22.82 ? 51  LEU A CD2  1 
ATOM   268  N  N    . LEU A 1 72  ? -0.861  12.302  -14.888 1.00 22.53 ? 52  LEU A N    1 
ATOM   269  C  CA   . LEU A 1 72  ? -1.048  13.745  -14.906 1.00 21.73 ? 52  LEU A CA   1 
ATOM   270  C  C    . LEU A 1 72  ? -2.499  14.143  -14.699 1.00 30.36 ? 52  LEU A C    1 
ATOM   271  O  O    . LEU A 1 72  ? -2.789  15.338  -14.563 1.00 30.36 ? 52  LEU A O    1 
ATOM   272  C  CB   . LEU A 1 72  ? -0.519  14.333  -16.216 1.00 26.36 ? 52  LEU A CB   1 
ATOM   273  C  CG   . LEU A 1 72  ? 0.980   14.128  -16.436 1.00 24.33 ? 52  LEU A CG   1 
ATOM   274  C  CD1  . LEU A 1 72  ? 1.449   14.941  -17.638 1.00 24.43 ? 52  LEU A CD1  1 
ATOM   275  C  CD2  . LEU A 1 72  ? 1.777   14.521  -15.213 1.00 26.43 ? 52  LEU A CD2  1 
ATOM   276  N  N    . SER A 1 73  ? -3.404  13.180  -14.673 1.00 24.35 ? 53  SER A N    1 
ATOM   277  C  CA   . SER A 1 73  ? -4.757  13.380  -14.193 1.00 27.95 ? 53  SER A CA   1 
ATOM   278  C  C    . SER A 1 73  ? -4.838  12.867  -12.759 1.00 31.78 ? 53  SER A C    1 
ATOM   279  O  O    . SER A 1 73  ? -3.849  12.432  -12.168 1.00 28.48 ? 53  SER A O    1 
ATOM   280  C  CB   . SER A 1 73  ? -5.760  12.648  -15.076 1.00 30.16 ? 53  SER A CB   1 
ATOM   281  O  OG   . SER A 1 73  ? -5.645  11.244  -14.874 1.00 32.20 ? 53  SER A OG   1 
ATOM   282  N  N    . SER A 1 74  ? -6.039  12.896  -12.204 1.00 31.33 ? 54  SER A N    1 
ATOM   283  C  CA   . SER A 1 74  ? -6.251  12.328  -10.886 1.00 27.88 ? 54  SER A CA   1 
ATOM   284  C  C    . SER A 1 74  ? -6.450  10.822  -10.921 1.00 26.94 ? 54  SER A C    1 
ATOM   285  O  O    . SER A 1 74  ? -6.668  10.222  -9.861  1.00 29.04 ? 54  SER A O    1 
ATOM   286  C  CB   . SER A 1 74  ? -7.470  12.984  -10.237 1.00 32.99 ? 54  SER A CB   1 
ATOM   287  O  OG   . SER A 1 74  ? -7.103  14.235  -9.697  1.00 52.69 ? 54  SER A OG   1 
ATOM   288  N  N    . GLN A 1 75  ? -6.384  10.201  -12.103 1.00 24.87 ? 55  GLN A N    1 
ATOM   289  C  CA   . GLN A 1 75  ? -6.924  8.856   -12.248 1.00 22.13 ? 55  GLN A CA   1 
ATOM   290  C  C    . GLN A 1 75  ? -6.127  7.835   -11.442 1.00 24.03 ? 55  GLN A C    1 
ATOM   291  O  O    . GLN A 1 75  ? -6.713  6.991   -10.755 1.00 21.33 ? 55  GLN A O    1 
ATOM   292  C  CB   . GLN A 1 75  ? -6.961  8.438   -13.716 1.00 26.82 ? 55  GLN A CB   1 
ATOM   293  C  CG   . GLN A 1 75  ? -7.765  7.153   -13.892 1.00 27.62 ? 55  GLN A CG   1 
ATOM   294  C  CD   . GLN A 1 75  ? -7.899  6.694   -15.330 1.00 35.32 ? 55  GLN A CD   1 
ATOM   295  O  OE1  . GLN A 1 75  ? -7.544  7.413   -16.273 1.00 34.40 ? 55  GLN A OE1  1 
ATOM   296  N  NE2  . GLN A 1 75  ? -8.413  5.484   -15.505 1.00 32.93 ? 55  GLN A NE2  1 
ATOM   297  N  N    . VAL A 1 76  ? -4.792  7.876   -11.536 1.00 20.75 ? 56  VAL A N    1 
ATOM   298  C  CA   . VAL A 1 76  ? -3.980  6.850   -10.865 1.00 20.79 ? 56  VAL A CA   1 
ATOM   299  C  C    . VAL A 1 76  ? -4.114  6.974   -9.353  1.00 23.55 ? 56  VAL A C    1 
ATOM   300  O  O    . VAL A 1 76  ? -4.310  5.974   -8.638  1.00 22.25 ? 56  VAL A O    1 
ATOM   301  C  CB   . VAL A 1 76  ? -2.507  6.938   -11.310 1.00 21.48 ? 56  VAL A CB   1 
ATOM   302  C  CG1  . VAL A 1 76  ? -1.593  6.164   -10.316 1.00 19.17 ? 56  VAL A CG1  1 
ATOM   303  C  CG2  . VAL A 1 76  ? -2.343  6.370   -12.727 1.00 22.28 ? 56  VAL A CG2  1 
ATOM   304  N  N    . THR A 1 77  ? -4.006  8.194   -8.829  1.00 20.03 ? 57  THR A N    1 
ATOM   305  C  CA   . THR A 1 77  ? -4.070  8.327   -7.383  1.00 20.27 ? 57  THR A CA   1 
ATOM   306  C  C    . THR A 1 77  ? -5.482  8.080   -6.873  1.00 23.46 ? 57  THR A C    1 
ATOM   307  O  O    . THR A 1 77  ? -5.645  7.616   -5.742  1.00 22.24 ? 57  THR A O    1 
ATOM   308  C  CB   . THR A 1 77  ? -3.540  9.689   -6.927  1.00 23.34 ? 57  THR A CB   1 
ATOM   309  O  OG1  . THR A 1 77  ? -4.169  10.739  -7.677  1.00 25.08 ? 57  THR A OG1  1 
ATOM   310  C  CG2  . THR A 1 77  ? -2.025  9.754   -7.151  1.00 23.92 ? 57  THR A CG2  1 
ATOM   311  N  N    . GLN A 1 78  ? -6.513  8.347   -7.689  1.00 22.21 ? 58  GLN A N    1 
ATOM   312  C  CA   . GLN A 1 78  ? -7.868  8.017   -7.250  1.00 23.53 ? 58  GLN A CA   1 
ATOM   313  C  C    . GLN A 1 78  ? -8.097  6.508   -7.251  1.00 23.11 ? 58  GLN A C    1 
ATOM   314  O  O    . GLN A 1 78  ? -8.726  5.970   -6.333  1.00 26.09 ? 58  GLN A O    1 
ATOM   315  C  CB   . GLN A 1 78  ? -8.902  8.731   -8.124  1.00 25.85 ? 58  GLN A CB   1 
ATOM   316  C  CG   . GLN A 1 78  ? -9.172  10.167  -7.650  1.00 32.90 ? 58  GLN A CG   1 
ATOM   317  C  CD   . GLN A 1 78  ? -9.421  10.244  -6.135  1.00 50.56 ? 58  GLN A CD   1 
ATOM   318  O  OE1  . GLN A 1 78  ? -8.547  10.660  -5.365  1.00 54.34 ? 58  GLN A OE1  1 
ATOM   319  N  NE2  . GLN A 1 78  ? -10.615 9.835   -5.706  1.00 48.48 ? 58  GLN A NE2  1 
ATOM   320  N  N    . GLU A 1 79  ? -7.585  5.800   -8.260  1.00 23.16 ? 59  GLU A N    1 
ATOM   321  C  CA   A GLU A 1 79  ? -7.775  4.355   -8.281  0.54 24.00 ? 59  GLU A CA   1 
ATOM   322  C  CA   B GLU A 1 79  ? -7.760  4.350   -8.280  0.46 24.01 ? 59  GLU A CA   1 
ATOM   323  C  C    . GLU A 1 79  ? -6.979  3.691   -7.157  1.00 23.72 ? 59  GLU A C    1 
ATOM   324  O  O    . GLU A 1 79  ? -7.463  2.738   -6.530  1.00 23.16 ? 59  GLU A O    1 
ATOM   325  C  CB   A GLU A 1 79  ? -7.427  3.812   -9.681  0.54 25.08 ? 59  GLU A CB   1 
ATOM   326  C  CB   B GLU A 1 79  ? -7.329  3.759   -9.616  0.46 24.97 ? 59  GLU A CB   1 
ATOM   327  C  CG   A GLU A 1 79  ? -8.482  4.285   -10.753 0.54 23.00 ? 59  GLU A CG   1 
ATOM   328  C  CG   B GLU A 1 79  ? -7.678  2.279   -9.708  0.46 26.35 ? 59  GLU A CG   1 
ATOM   329  C  CD   A GLU A 1 79  ? -8.238  3.849   -12.217 0.54 26.67 ? 59  GLU A CD   1 
ATOM   330  C  CD   B GLU A 1 79  ? -9.154  2.023   -9.425  0.46 28.41 ? 59  GLU A CD   1 
ATOM   331  O  OE1  A GLU A 1 79  ? -9.153  4.048   -13.054 0.54 22.46 ? 59  GLU A OE1  1 
ATOM   332  O  OE1  B GLU A 1 79  ? -9.990  2.524   -10.202 0.46 34.13 ? 59  GLU A OE1  1 
ATOM   333  O  OE2  A GLU A 1 79  ? -7.161  3.326   -12.545 0.54 29.95 ? 59  GLU A OE2  1 
ATOM   334  O  OE2  B GLU A 1 79  ? -9.481  1.333   -8.431  0.46 21.81 ? 59  GLU A OE2  1 
ATOM   335  N  N    . LEU A 1 80  ? -5.771  4.190   -6.874  1.00 20.99 ? 60  LEU A N    1 
ATOM   336  C  CA   . LEU A 1 80  ? -4.999  3.640   -5.759  1.00 19.99 ? 60  LEU A CA   1 
ATOM   337  C  C    . LEU A 1 80  ? -5.694  3.905   -4.434  1.00 23.20 ? 60  LEU A C    1 
ATOM   338  O  O    . LEU A 1 80  ? -5.649  3.073   -3.520  1.00 24.55 ? 60  LEU A O    1 
ATOM   339  C  CB   . LEU A 1 80  ? -3.595  4.232   -5.734  1.00 23.42 ? 60  LEU A CB   1 
ATOM   340  C  CG   . LEU A 1 80  ? -2.618  3.687   -6.771  1.00 22.06 ? 60  LEU A CG   1 
ATOM   341  C  CD1  . LEU A 1 80  ? -1.378  4.571   -6.719  1.00 26.41 ? 60  LEU A CD1  1 
ATOM   342  C  CD2  . LEU A 1 80  ? -2.225  2.223   -6.522  1.00 23.30 ? 60  LEU A CD2  1 
ATOM   343  N  N    . ARG A 1 81  ? -6.329  5.074   -4.298  1.00 21.83 ? 61  ARG A N    1 
ATOM   344  C  CA   . ARG A 1 81  ? -7.049  5.354   -3.058  1.00 20.06 ? 61  ARG A CA   1 
ATOM   345  C  C    . ARG A 1 81  ? -8.179  4.353   -2.850  1.00 22.73 ? 61  ARG A C    1 
ATOM   346  O  O    . ARG A 1 81  ? -8.358  3.833   -1.739  1.00 26.60 ? 61  ARG A O    1 
ATOM   347  C  CB   . ARG A 1 81  ? -7.598  6.777   -3.065  1.00 25.46 ? 61  ARG A CB   1 
ATOM   348  C  CG   . ARG A 1 81  ? -8.257  7.172   -1.756  1.00 30.24 ? 61  ARG A CG   1 
ATOM   349  C  CD   . ARG A 1 81  ? -8.967  8.499   -1.913  1.00 47.99 ? 61  ARG A CD   1 
ATOM   350  N  NE   . ARG A 1 81  ? -9.494  8.997   -0.645  1.00 71.49 ? 61  ARG A NE   1 
ATOM   351  C  CZ   . ARG A 1 81  ? -10.378 9.986   -0.540  1.00 74.67 ? 61  ARG A CZ   1 
ATOM   352  N  NH1  . ARG A 1 81  ? -10.841 10.590  -1.631  1.00 66.14 ? 61  ARG A NH1  1 
ATOM   353  N  NH2  . ARG A 1 81  ? -10.806 10.372  0.656   1.00 75.39 ? 61  ARG A NH2  1 
ATOM   354  N  N    . ALA A 1 82  ? -8.946  4.067   -3.903  1.00 22.20 ? 62  ALA A N    1 
ATOM   355  C  CA   . ALA A 1 82  ? -10.037 3.099   -3.790  1.00 23.30 ? 62  ALA A CA   1 
ATOM   356  C  C    . ALA A 1 82  ? -9.505  1.723   -3.419  1.00 23.88 ? 62  ALA A C    1 
ATOM   357  O  O    . ALA A 1 82  ? -10.068 1.047   -2.545  1.00 22.98 ? 62  ALA A O    1 
ATOM   358  C  CB   . ALA A 1 82  ? -10.823 3.028   -5.098  1.00 24.10 ? 62  ALA A CB   1 
ATOM   359  N  N    . LEU A 1 83  ? -8.405  1.299   -4.059  1.00 21.56 ? 63  LEU A N    1 
ATOM   360  C  CA   . LEU A 1 83  ? -7.834  -0.017  -3.771  1.00 18.36 ? 63  LEU A CA   1 
ATOM   361  C  C    . LEU A 1 83  ? -7.277  -0.079  -2.357  1.00 20.58 ? 63  LEU A C    1 
ATOM   362  O  O    . LEU A 1 83  ? -7.361  -1.121  -1.695  1.00 21.94 ? 63  LEU A O    1 
ATOM   363  C  CB   . LEU A 1 83  ? -6.741  -0.347  -4.795  1.00 17.62 ? 63  LEU A CB   1 
ATOM   364  C  CG   . LEU A 1 83  ? -7.240  -0.531  -6.239  1.00 22.68 ? 63  LEU A CG   1 
ATOM   365  C  CD1  . LEU A 1 83  ? -6.073  -0.617  -7.219  1.00 23.07 ? 63  LEU A CD1  1 
ATOM   366  C  CD2  . LEU A 1 83  ? -8.122  -1.787  -6.343  1.00 28.38 ? 63  LEU A CD2  1 
ATOM   367  N  N    . MET A 1 84  ? -6.670  1.015   -1.894  1.00 18.98 ? 64  MET A N    1 
ATOM   368  C  CA   . MET A 1 84  ? -6.173  1.071   -0.527  1.00 17.21 ? 64  MET A CA   1 
ATOM   369  C  C    . MET A 1 84  ? -7.322  0.974   0.461   1.00 21.25 ? 64  MET A C    1 
ATOM   370  O  O    . MET A 1 84  ? -7.256  0.235   1.449   1.00 20.44 ? 64  MET A O    1 
ATOM   371  C  CB   . MET A 1 84  ? -5.397  2.380   -0.322  1.00 18.10 ? 64  MET A CB   1 
ATOM   372  C  CG   . MET A 1 84  ? -5.032  2.683   1.114   1.00 23.39 ? 64  MET A CG   1 
ATOM   373  S  SD   . MET A 1 84  ? -4.226  4.315   1.208   1.00 31.49 ? 64  MET A SD   1 
ATOM   374  C  CE   . MET A 1 84  ? -5.653  5.402   1.024   1.00 36.14 ? 64  MET A CE   1 
ATOM   375  N  N    . ASP A 1 85  ? -8.386  1.738   0.213   1.00 18.36 ? 65  ASP A N    1 
ATOM   376  C  CA   . ASP A 1 85  ? -9.516  1.754   1.134   1.00 21.86 ? 65  ASP A CA   1 
ATOM   377  C  C    . ASP A 1 85  ? -10.126 0.366   1.267   1.00 20.52 ? 65  ASP A C    1 
ATOM   378  O  O    . ASP A 1 85  ? -10.463 -0.072  2.381   1.00 22.93 ? 65  ASP A O    1 
ATOM   379  C  CB   . ASP A 1 85  ? -10.565 2.757   0.644   1.00 24.26 ? 65  ASP A CB   1 
ATOM   380  C  CG   . ASP A 1 85  ? -10.166 4.192   0.890   1.00 33.25 ? 65  ASP A CG   1 
ATOM   381  O  OD1  . ASP A 1 85  ? -9.108  4.432   1.507   1.00 34.88 ? 65  ASP A OD1  1 
ATOM   382  O  OD2  . ASP A 1 85  ? -10.912 5.092   0.448   1.00 37.69 ? 65  ASP A OD2  1 
ATOM   383  N  N    . GLU A 1 86  ? -10.265 -0.349  0.142   1.00 20.63 ? 66  GLU A N    1 
ATOM   384  C  CA   A GLU A 1 86  ? -10.831 -1.692  0.195   0.52 19.65 ? 66  GLU A CA   1 
ATOM   385  C  CA   B GLU A 1 86  ? -10.826 -1.698  0.186   0.48 19.66 ? 66  GLU A CA   1 
ATOM   386  C  C    . GLU A 1 86  ? -9.945  -2.629  1.002   1.00 24.11 ? 66  GLU A C    1 
ATOM   387  O  O    . GLU A 1 86  ? -10.444 -3.455  1.772   1.00 21.34 ? 66  GLU A O    1 
ATOM   388  C  CB   A GLU A 1 86  ? -11.041 -2.228  -1.219  0.52 24.80 ? 66  GLU A CB   1 
ATOM   389  C  CB   B GLU A 1 86  ? -11.012 -2.253  -1.229  0.48 24.81 ? 66  GLU A CB   1 
ATOM   390  C  CG   A GLU A 1 86  ? -11.984 -3.426  -1.303  0.52 29.54 ? 66  GLU A CG   1 
ATOM   391  C  CG   B GLU A 1 86  ? -11.496 -3.711  -1.251  0.48 27.73 ? 66  GLU A CG   1 
ATOM   392  C  CD   A GLU A 1 86  ? -13.397 -3.121  -0.825  0.52 35.79 ? 66  GLU A CD   1 
ATOM   393  C  CD   B GLU A 1 86  ? -11.944 -4.198  -2.625  0.48 35.66 ? 66  GLU A CD   1 
ATOM   394  O  OE1  A GLU A 1 86  ? -14.110 -4.083  -0.464  0.52 45.62 ? 66  GLU A OE1  1 
ATOM   395  O  OE1  B GLU A 1 86  ? -12.210 -3.353  -3.511  0.48 36.11 ? 66  GLU A OE1  1 
ATOM   396  O  OE2  A GLU A 1 86  ? -13.796 -1.934  -0.814  0.52 35.13 ? 66  GLU A OE2  1 
ATOM   397  O  OE2  B GLU A 1 86  ? -12.045 -5.435  -2.809  0.48 33.61 ? 66  GLU A OE2  1 
ATOM   398  N  N    . THR A 1 87  ? -8.623  -2.516  0.836   1.00 20.10 ? 67  THR A N    1 
ATOM   399  C  CA   . THR A 1 87  ? -7.703  -3.376  1.582   1.00 18.55 ? 67  THR A CA   1 
ATOM   400  C  C    . THR A 1 87  ? -7.844  -3.165  3.080   1.00 17.78 ? 67  THR A C    1 
ATOM   401  O  O    . THR A 1 87  ? -7.884  -4.130  3.856   1.00 22.18 ? 67  THR A O    1 
ATOM   402  C  CB   . THR A 1 87  ? -6.262  -3.098  1.137   1.00 18.33 ? 67  THR A CB   1 
ATOM   403  O  OG1  . THR A 1 87  ? -6.151  -3.332  -0.265  1.00 18.90 ? 67  THR A OG1  1 
ATOM   404  C  CG2  . THR A 1 87  ? -5.274  -4.016  1.860   1.00 21.08 ? 67  THR A CG2  1 
ATOM   405  N  N    . MET A 1 88  ? -7.875  -1.901  3.517   1.00 20.66 ? 68  MET A N    1 
ATOM   406  C  CA   . MET A 1 88  ? -7.936  -1.633  4.952   1.00 19.10 ? 68  MET A CA   1 
ATOM   407  C  C    . MET A 1 88  ? -9.279  -2.065  5.533   1.00 23.07 ? 68  MET A C    1 
ATOM   408  O  O    . MET A 1 88  ? -9.343  -2.554  6.664   1.00 22.01 ? 68  MET A O    1 
ATOM   409  C  CB   . MET A 1 88  ? -7.693  -0.152  5.227   1.00 21.06 ? 68  MET A CB   1 
ATOM   410  C  CG   . MET A 1 88  ? -6.329  0.352   4.762   1.00 21.78 ? 68  MET A CG   1 
ATOM   411  S  SD   . MET A 1 88  ? -4.959  -0.576  5.475   1.00 27.49 ? 68  MET A SD   1 
ATOM   412  C  CE   . MET A 1 88  ? -5.129  -0.035  7.176   1.00 28.45 ? 68  MET A CE   1 
ATOM   413  N  N    . LYS A 1 89  ? -10.364 -1.879  4.774   1.00 20.63 ? 69  LYS A N    1 
ATOM   414  C  CA   . LYS A 1 89  ? -11.679 -2.363  5.204   1.00 20.36 ? 69  LYS A CA   1 
ATOM   415  C  C    . LYS A 1 89  ? -11.682 -3.875  5.392   1.00 25.71 ? 69  LYS A C    1 
ATOM   416  O  O    . LYS A 1 89  ? -12.216 -4.394  6.385   1.00 23.71 ? 69  LYS A O    1 
ATOM   417  C  CB   . LYS A 1 89  ? -12.729 -1.947  4.174   1.00 24.49 ? 69  LYS A CB   1 
ATOM   418  C  CG   . LYS A 1 89  ? -14.140 -2.334  4.525   1.00 37.78 ? 69  LYS A CG   1 
ATOM   419  C  CD   . LYS A 1 89  ? -15.136 -1.363  3.899   1.00 50.62 ? 69  LYS A CD   1 
ATOM   420  C  CE   . LYS A 1 89  ? -15.423 -1.694  2.443   1.00 58.42 ? 69  LYS A CE   1 
ATOM   421  N  NZ   . LYS A 1 89  ? -16.788 -1.225  2.039   1.00 65.03 ? 69  LYS A NZ   1 
ATOM   422  N  N    . GLU A 1 90  ? -11.115 -4.606  4.433   1.00 20.46 ? 70  GLU A N    1 
ATOM   423  C  CA   . GLU A 1 90  ? -11.103 -6.060  4.556   1.00 19.32 ? 70  GLU A CA   1 
ATOM   424  C  C    . GLU A 1 90  ? -10.203 -6.504  5.701   1.00 20.49 ? 70  GLU A C    1 
ATOM   425  O  O    . GLU A 1 90  ? -10.523 -7.464  6.412   1.00 22.72 ? 70  GLU A O    1 
ATOM   426  C  CB   . GLU A 1 90  ? -10.659 -6.689  3.237   1.00 20.08 ? 70  GLU A CB   1 
ATOM   427  C  CG   . GLU A 1 90  ? -11.659 -6.479  2.096   1.00 22.37 ? 70  GLU A CG   1 
ATOM   428  C  CD   . GLU A 1 90  ? -13.010 -7.163  2.355   1.00 36.97 ? 70  GLU A CD   1 
ATOM   429  O  OE1  . GLU A 1 90  ? -13.036 -8.148  3.135   1.00 35.77 ? 70  GLU A OE1  1 
ATOM   430  O  OE2  . GLU A 1 90  ? -14.036 -6.727  1.773   1.00 35.72 ? 70  GLU A OE2  1 
ATOM   431  N  N    . LEU A 1 91  ? -9.075  -5.817  5.902   1.00 20.04 ? 71  LEU A N    1 
ATOM   432  C  CA   . LEU A 1 91  ? -8.194  -6.157  7.019   1.00 21.33 ? 71  LEU A CA   1 
ATOM   433  C  C    . LEU A 1 91  ? -8.924  -6.021  8.354   1.00 22.68 ? 71  LEU A C    1 
ATOM   434  O  O    . LEU A 1 91  ? -8.823  -6.891  9.230   1.00 25.91 ? 71  LEU A O    1 
ATOM   435  C  CB   . LEU A 1 91  ? -6.975  -5.239  7.000   1.00 23.11 ? 71  LEU A CB   1 
ATOM   436  C  CG   . LEU A 1 91  ? -5.569  -5.770  6.762   1.00 34.98 ? 71  LEU A CG   1 
ATOM   437  C  CD1  . LEU A 1 91  ? -4.576  -4.603  6.960   1.00 24.59 ? 71  LEU A CD1  1 
ATOM   438  C  CD2  . LEU A 1 91  ? -5.259  -6.964  7.663   1.00 27.78 ? 71  LEU A CD2  1 
ATOM   439  N  N    . LYS A 1 92  ? -9.630  -4.908  8.540   1.00 22.98 ? 72  LYS A N    1 
ATOM   440  C  CA   . LYS A 1 92  ? -10.341 -4.677  9.799   1.00 23.45 ? 72  LYS A CA   1 
ATOM   441  C  C    . LYS A 1 92  ? -11.401 -5.748  10.029  1.00 27.04 ? 72  LYS A C    1 
ATOM   442  O  O    . LYS A 1 92  ? -11.554 -6.260  11.144  1.00 26.92 ? 72  LYS A O    1 
ATOM   443  C  CB   . LYS A 1 92  ? -10.985 -3.283  9.805   1.00 31.33 ? 72  LYS A CB   1 
ATOM   444  C  CG   . LYS A 1 92  ? -10.007 -2.133  9.610   1.00 43.24 ? 72  LYS A CG   1 
ATOM   445  C  CD   . LYS A 1 92  ? -10.288 -0.937  10.503  1.00 57.87 ? 72  LYS A CD   1 
ATOM   446  C  CE   . LYS A 1 92  ? -9.124  0.063   10.458  1.00 56.26 ? 72  LYS A CE   1 
ATOM   447  N  NZ   . LYS A 1 92  ? -8.956  0.623   9.086   1.00 54.80 ? 72  LYS A NZ   1 
ATOM   448  N  N    . ALA A 1 93  ? -12.139 -6.106  8.977   1.00 22.83 ? 73  ALA A N    1 
ATOM   449  C  CA   . ALA A 1 93  ? -13.143 -7.157  9.120   1.00 22.09 ? 73  ALA A CA   1 
ATOM   450  C  C    . ALA A 1 93  ? -12.501 -8.504  9.411   1.00 26.76 ? 73  ALA A C    1 
ATOM   451  O  O    . ALA A 1 93  ? -13.043 -9.289  10.193  1.00 24.19 ? 73  ALA A O    1 
ATOM   452  C  CB   . ALA A 1 93  ? -14.008 -7.240  7.861   1.00 25.57 ? 73  ALA A CB   1 
ATOM   453  N  N    . TYR A 1 94  ? -11.353 -8.800  8.783   1.00 21.16 ? 74  TYR A N    1 
ATOM   454  C  CA   . TYR A 1 94  ? -10.664 -10.062 9.045   1.00 21.69 ? 74  TYR A CA   1 
ATOM   455  C  C    . TYR A 1 94  ? -10.227 -10.162 10.502  1.00 24.49 ? 74  TYR A C    1 
ATOM   456  O  O    . TYR A 1 94  ? -10.441 -11.192 11.157  1.00 24.27 ? 74  TYR A O    1 
ATOM   457  C  CB   . TYR A 1 94  ? -9.451  -10.197 8.125   1.00 20.80 ? 74  TYR A CB   1 
ATOM   458  C  CG   . TYR A 1 94  ? -8.742  -11.527 8.220   1.00 20.76 ? 74  TYR A CG   1 
ATOM   459  C  CD1  . TYR A 1 94  ? -9.438  -12.726 8.077   1.00 26.20 ? 74  TYR A CD1  1 
ATOM   460  C  CD2  . TYR A 1 94  ? -7.377  -11.587 8.419   1.00 20.18 ? 74  TYR A CD2  1 
ATOM   461  C  CE1  . TYR A 1 94  ? -8.784  -13.940 8.147   1.00 29.05 ? 74  TYR A CE1  1 
ATOM   462  C  CE2  . TYR A 1 94  ? -6.716  -12.804 8.481   1.00 23.90 ? 74  TYR A CE2  1 
ATOM   463  C  CZ   . TYR A 1 94  ? -7.426  -13.970 8.348   1.00 29.63 ? 74  TYR A CZ   1 
ATOM   464  O  OH   . TYR A 1 94  ? -6.760  -15.171 8.416   1.00 30.13 ? 74  TYR A OH   1 
ATOM   465  N  N    . LYS A 1 95  ? -9.572  -9.113  11.018  1.00 23.44 ? 75  LYS A N    1 
ATOM   466  C  CA   . LYS A 1 95  ? -9.196  -9.120  12.432  1.00 25.30 ? 75  LYS A CA   1 
ATOM   467  C  C    . LYS A 1 95  ? -10.414 -9.346  13.317  1.00 25.93 ? 75  LYS A C    1 
ATOM   468  O  O    . LYS A 1 95  ? -10.358 -10.123 14.273  1.00 26.09 ? 75  LYS A O    1 
ATOM   469  C  CB   . LYS A 1 95  ? -8.508  -7.807  12.831  1.00 24.03 ? 75  LYS A CB   1 
ATOM   470  C  CG   . LYS A 1 95  ? -7.935  -7.823  14.262  1.00 32.28 ? 75  LYS A CG   1 
ATOM   471  C  CD   . LYS A 1 95  ? -7.191  -6.526  14.599  1.00 37.03 ? 75  LYS A CD   1 
ATOM   472  C  CE   . LYS A 1 95  ? -6.601  -6.558  16.013  1.00 39.66 ? 75  LYS A CE   1 
ATOM   473  N  NZ   . LYS A 1 95  ? -7.612  -6.276  17.072  1.00 48.87 ? 75  LYS A NZ   1 
ATOM   474  N  N    . SER A 1 96  ? -11.524 -8.678  13.001  1.00 23.33 ? 76  SER A N    1 
ATOM   475  C  CA   . SER A 1 96  ? -12.748 -8.831  13.789  1.00 25.04 ? 76  SER A CA   1 
ATOM   476  C  C    . SER A 1 96  ? -13.235 -10.277 13.807  1.00 26.69 ? 76  SER A C    1 
ATOM   477  O  O    . SER A 1 96  ? -13.656 -10.782 14.855  1.00 25.88 ? 76  SER A O    1 
ATOM   478  C  CB   . SER A 1 96  ? -13.833 -7.902  13.241  1.00 32.38 ? 76  SER A CB   1 
ATOM   479  O  OG   . SER A 1 96  ? -15.059 -8.056  13.945  1.00 33.29 ? 76  SER A OG   1 
ATOM   480  N  N    . GLU A 1 97  ? -13.185 -10.970 12.666  1.00 23.63 ? 77  GLU A N    1 
ATOM   481  C  CA   . GLU A 1 97  ? -13.647 -12.359 12.649  1.00 26.16 ? 77  GLU A CA   1 
ATOM   482  C  C    . GLU A 1 97  ? -12.640 -13.291 13.315  1.00 28.41 ? 77  GLU A C    1 
ATOM   483  O  O    . GLU A 1 97  ? -13.031 -14.279 13.947  1.00 25.96 ? 77  GLU A O    1 
ATOM   484  C  CB   . GLU A 1 97  ? -13.947 -12.803 11.212  1.00 25.45 ? 77  GLU A CB   1 
ATOM   485  C  CG   . GLU A 1 97  ? -15.087 -11.989 10.610  1.00 25.73 ? 77  GLU A CG   1 
ATOM   486  C  CD   . GLU A 1 97  ? -15.516 -12.459 9.232   1.00 31.45 ? 77  GLU A CD   1 
ATOM   487  O  OE1  . GLU A 1 97  ? -15.162 -13.591 8.827   1.00 30.28 ? 77  GLU A OE1  1 
ATOM   488  O  OE2  . GLU A 1 97  ? -16.215 -11.675 8.558   1.00 31.64 ? 77  GLU A OE2  1 
ATOM   489  N  N    . LEU A 1 98  ? -11.338 -13.005 13.181  1.00 23.38 ? 78  LEU A N    1 
ATOM   490  C  CA   . LEU A 1 98  ? -10.344 -13.799 13.901  1.00 24.44 ? 78  LEU A CA   1 
ATOM   491  C  C    . LEU A 1 98  ? -10.609 -13.774 15.396  1.00 24.58 ? 78  LEU A C    1 
ATOM   492  O  O    . LEU A 1 98  ? -10.330 -14.752 16.091  1.00 30.92 ? 78  LEU A O    1 
ATOM   493  C  CB   . LEU A 1 98  ? -8.922  -13.284 13.636  1.00 24.66 ? 78  LEU A CB   1 
ATOM   494  C  CG   . LEU A 1 98  ? -8.224  -13.589 12.307  1.00 27.66 ? 78  LEU A CG   1 
ATOM   495  C  CD1  . LEU A 1 98  ? -6.771  -13.110 12.345  1.00 29.36 ? 78  LEU A CD1  1 
ATOM   496  C  CD2  . LEU A 1 98  ? -8.275  -15.063 11.964  1.00 26.19 ? 78  LEU A CD2  1 
ATOM   497  N  N    . GLU A 1 99  ? -11.136 -12.669 15.911  1.00 21.33 ? 79  GLU A N    1 
ATOM   498  C  CA   . GLU A 1 99  ? -11.299 -12.570 17.353  1.00 26.54 ? 79  GLU A CA   1 
ATOM   499  C  C    . GLU A 1 99  ? -12.459 -13.413 17.865  1.00 35.96 ? 79  GLU A C    1 
ATOM   500  O  O    . GLU A 1 99  ? -12.676 -13.470 19.081  1.00 32.07 ? 79  GLU A O    1 
ATOM   501  C  CB   . GLU A 1 99  ? -11.449 -11.109 17.757  1.00 32.89 ? 79  GLU A CB   1 
ATOM   502  C  CG   . GLU A 1 99  ? -10.073 -10.438 17.831  1.00 37.14 ? 79  GLU A CG   1 
ATOM   503  C  CD   . GLU A 1 99  ? -10.108 -8.951  17.575  1.00 43.07 ? 79  GLU A CD   1 
ATOM   504  O  OE1  . GLU A 1 99  ? -11.214 -8.410  17.341  1.00 41.08 ? 79  GLU A OE1  1 
ATOM   505  O  OE2  . GLU A 1 99  ? -9.021  -8.326  17.614  1.00 46.39 ? 79  GLU A OE2  1 
ATOM   506  N  N    . GLU A 1 100 ? -13.172 -14.094 16.970  1.00 27.30 ? 80  GLU A N    1 
ATOM   507  C  CA   . GLU A 1 100 ? -14.204 -15.053 17.343  1.00 30.03 ? 80  GLU A CA   1 
ATOM   508  C  C    . GLU A 1 100 ? -13.662 -16.447 17.610  1.00 37.85 ? 80  GLU A C    1 
ATOM   509  O  O    . GLU A 1 100 ? -14.397 -17.288 18.142  1.00 39.77 ? 80  GLU A O    1 
ATOM   510  C  CB   . GLU A 1 100 ? -15.261 -15.132 16.240  1.00 25.87 ? 80  GLU A CB   1 
ATOM   511  C  CG   . GLU A 1 100 ? -15.992 -13.824 16.051  1.00 22.54 ? 80  GLU A CG   1 
ATOM   512  C  CD   . GLU A 1 100 ? -16.798 -13.426 17.273  1.00 34.00 ? 80  GLU A CD   1 
ATOM   513  O  OE1  . GLU A 1 100 ? -17.443 -14.321 17.865  1.00 35.30 ? 80  GLU A OE1  1 
ATOM   514  O  OE2  . GLU A 1 100 ? -16.781 -12.227 17.651  1.00 37.40 ? 80  GLU A OE2  1 
ATOM   515  N  N    . GLN A 1 101 ? -12.412 -16.728 17.242  1.00 35.77 ? 81  GLN A N    1 
ATOM   516  C  CA   . GLN A 1 101 ? -11.836 -18.062 17.402  1.00 42.41 ? 81  GLN A CA   1 
ATOM   517  C  C    . GLN A 1 101 ? -10.436 -17.937 18.007  1.00 39.54 ? 81  GLN A C    1 
ATOM   518  O  O    . GLN A 1 101 ? -9.439  -18.397 17.454  1.00 39.34 ? 81  GLN A O    1 
ATOM   519  C  CB   . GLN A 1 101 ? -11.824 -18.810 16.069  1.00 46.03 ? 81  GLN A CB   1 
ATOM   520  C  CG   . GLN A 1 101 ? -13.232 -18.966 15.469  1.00 51.47 ? 81  GLN A CG   1 
ATOM   521  C  CD   . GLN A 1 101 ? -13.569 -20.391 15.066  1.00 57.52 ? 81  GLN A CD   1 
ATOM   522  O  OE1  . GLN A 1 101 ? -13.844 -20.672 13.896  1.00 61.72 ? 81  GLN A OE1  1 
ATOM   523  N  NE2  . GLN A 1 101 ? -13.562 -21.296 16.036  1.00 58.04 ? 81  GLN A NE2  1 
ATOM   524  N  N    . LEU A 1 102 ? -10.375 -17.291 19.167  1.00 39.56 ? 82  LEU A N    1 
ATOM   525  C  CA   . LEU A 1 102 ? -9.127  -17.068 19.881  1.00 41.30 ? 82  LEU A CA   1 
ATOM   526  C  C    . LEU A 1 102 ? -8.852  -18.196 20.868  1.00 51.34 ? 82  LEU A C    1 
ATOM   527  O  O    . LEU A 1 102 ? -9.767  -18.702 21.525  1.00 53.75 ? 82  LEU A O    1 
ATOM   528  C  CB   . LEU A 1 102 ? -9.174  -15.740 20.639  1.00 43.85 ? 82  LEU A CB   1 
ATOM   529  C  CG   . LEU A 1 102 ? -9.237  -14.448 19.826  1.00 40.41 ? 82  LEU A CG   1 
ATOM   530  C  CD1  . LEU A 1 102 ? -9.432  -13.236 20.737  1.00 33.43 ? 82  LEU A CD1  1 
ATOM   531  C  CD2  . LEU A 1 102 ? -7.994  -14.305 18.964  1.00 39.77 ? 82  LEU A CD2  1 
ATOM   532  N  N    . THR A 1 103 ? -7.584  -18.580 20.974  1.00 51.14 ? 83  THR A N    1 
ATOM   533  C  CA   . THR A 1 103 ? -7.138  -19.387 22.106  1.00 53.68 ? 83  THR A CA   1 
ATOM   534  C  C    . THR A 1 103 ? -7.082  -18.491 23.337  1.00 55.95 ? 83  THR A C    1 
ATOM   535  O  O    . THR A 1 103 ? -6.364  -17.481 23.320  1.00 51.84 ? 83  THR A O    1 
ATOM   536  C  CB   . THR A 1 103 ? -5.766  -20.001 21.844  1.00 51.46 ? 83  THR A CB   1 
ATOM   537  O  OG1  . THR A 1 103 ? -5.860  -20.964 20.786  1.00 48.43 ? 83  THR A OG1  1 
ATOM   538  C  CG2  . THR A 1 103 ? -5.226  -20.671 23.104  1.00 54.82 ? 83  THR A CG2  1 
ATOM   539  N  N    . PRO A 1 104 ? -7.821  -18.798 24.404  1.00 60.44 ? 84  PRO A N    1 
ATOM   540  C  CA   . PRO A 1 104 ? -7.798  -17.932 25.597  1.00 56.19 ? 84  PRO A CA   1 
ATOM   541  C  C    . PRO A 1 104 ? -6.424  -17.924 26.253  1.00 55.21 ? 84  PRO A C    1 
ATOM   542  O  O    . PRO A 1 104 ? -5.910  -18.963 26.671  1.00 57.77 ? 84  PRO A O    1 
ATOM   543  C  CB   . PRO A 1 104 ? -8.859  -18.560 26.509  1.00 56.05 ? 84  PRO A CB   1 
ATOM   544  C  CG   . PRO A 1 104 ? -9.723  -19.383 25.588  1.00 60.84 ? 84  PRO A CG   1 
ATOM   545  C  CD   . PRO A 1 104 ? -8.794  -19.897 24.536  1.00 58.48 ? 84  PRO A CD   1 
ATOM   546  N  N    . VAL A 1 105 ? -5.824  -16.735 26.333  1.00 57.00 ? 85  VAL A N    1 
ATOM   547  C  CA   . VAL A 1 105 ? -4.515  -16.539 26.943  1.00 57.30 ? 85  VAL A CA   1 
ATOM   548  C  C    . VAL A 1 105 ? -4.610  -15.409 27.965  1.00 57.49 ? 85  VAL A C    1 
ATOM   549  O  O    . VAL A 1 105 ? -5.658  -14.792 28.144  1.00 56.49 ? 85  VAL A O    1 
ATOM   550  C  CB   . VAL A 1 105 ? -3.415  -16.238 25.901  1.00 56.13 ? 85  VAL A CB   1 
ATOM   551  C  CG1  . VAL A 1 105 ? -3.360  -17.326 24.838  1.00 56.31 ? 85  VAL A CG1  1 
ATOM   552  C  CG2  . VAL A 1 105 ? -3.642  -14.870 25.272  1.00 54.08 ? 85  VAL A CG2  1 
ATOM   553  N  N    . ALA A 1 106 ? -3.490  -15.144 28.635  1.00 50.54 ? 86  ALA A N    1 
ATOM   554  C  CA   . ALA A 1 106 ? -3.434  -14.088 29.638  1.00 56.51 ? 86  ALA A CA   1 
ATOM   555  C  C    . ALA A 1 106 ? -3.847  -12.754 29.032  1.00 61.84 ? 86  ALA A C    1 
ATOM   556  O  O    . ALA A 1 106 ? -3.520  -12.449 27.880  1.00 57.17 ? 86  ALA A O    1 
ATOM   557  C  CB   . ALA A 1 106 ? -2.022  -13.986 30.228  1.00 58.80 ? 86  ALA A CB   1 
ATOM   558  N  N    . GLU A 1 107 ? -4.564  -11.951 29.823  1.00 58.27 ? 87  GLU A N    1 
ATOM   559  C  CA   . GLU A 1 107 ? -5.176  -10.741 29.282  1.00 63.69 ? 87  GLU A CA   1 
ATOM   560  C  C    . GLU A 1 107 ? -4.131  -9.693  28.926  1.00 57.51 ? 87  GLU A C    1 
ATOM   561  O  O    . GLU A 1 107 ? -4.309  -8.932  27.974  1.00 49.39 ? 87  GLU A O    1 
ATOM   562  C  CB   . GLU A 1 107 ? -6.191  -10.172 30.273  1.00 63.13 ? 87  GLU A CB   1 
ATOM   563  C  CG   . GLU A 1 107 ? -7.588  -10.745 30.102  1.00 76.76 ? 87  GLU A CG   1 
ATOM   564  C  CD   . GLU A 1 107 ? -7.924  -11.069 28.643  1.00 88.85 ? 87  GLU A CD   1 
ATOM   565  O  OE1  . GLU A 1 107 ? -7.773  -10.178 27.777  1.00 89.37 ? 87  GLU A OE1  1 
ATOM   566  O  OE2  . GLU A 1 107 ? -8.316  -12.226 28.374  1.00 86.34 ? 87  GLU A OE2  1 
ATOM   567  N  N    . GLU A 1 108 ? -3.046  -9.618  29.689  1.00 56.08 ? 88  GLU A N    1 
ATOM   568  C  CA   . GLU A 1 108 ? -1.954  -8.719  29.324  1.00 54.68 ? 88  GLU A CA   1 
ATOM   569  C  C    . GLU A 1 108 ? -1.308  -9.143  28.010  1.00 53.50 ? 88  GLU A C    1 
ATOM   570  O  O    . GLU A 1 108 ? -0.860  -8.290  27.232  1.00 46.00 ? 88  GLU A O    1 
ATOM   571  C  CB   . GLU A 1 108 ? -0.903  -8.671  30.446  1.00 57.85 ? 88  GLU A CB   1 
ATOM   572  C  CG   . GLU A 1 108 ? -1.393  -8.023  31.732  1.00 67.38 ? 88  GLU A CG   1 
ATOM   573  C  CD   . GLU A 1 108 ? -2.160  -8.985  32.641  1.00 76.00 ? 88  GLU A CD   1 
ATOM   574  O  OE1  . GLU A 1 108 ? -2.749  -8.516  33.638  1.00 77.55 ? 88  GLU A OE1  1 
ATOM   575  O  OE2  . GLU A 1 108 ? -2.185  -10.206 32.360  1.00 68.26 ? 88  GLU A OE2  1 
ATOM   576  N  N    . THR A 1 109 ? -1.256  -10.452 27.745  1.00 47.31 ? 89  THR A N    1 
ATOM   577  C  CA   . THR A 1 109 ? -0.707  -10.945 26.485  1.00 45.63 ? 89  THR A CA   1 
ATOM   578  C  C    . THR A 1 109 ? -1.619  -10.598 25.314  1.00 46.29 ? 89  THR A C    1 
ATOM   579  O  O    . THR A 1 109 ? -1.164  -10.062 24.298  1.00 36.65 ? 89  THR A O    1 
ATOM   580  C  CB   . THR A 1 109 ? -0.500  -12.458 26.555  1.00 54.05 ? 89  THR A CB   1 
ATOM   581  O  OG1  . THR A 1 109 ? 0.446   -12.767 27.583  1.00 51.97 ? 89  THR A OG1  1 
ATOM   582  C  CG2  . THR A 1 109 ? 0.007   -12.989 25.214  1.00 43.49 ? 89  THR A CG2  1 
ATOM   583  N  N    . ARG A 1 110 ? -2.914  -10.908 25.441  1.00 43.40 ? 90  ARG A N    1 
ATOM   584  C  CA   . ARG A 1 110 ? -3.863  -10.608 24.374  1.00 40.61 ? 90  ARG A CA   1 
ATOM   585  C  C    . ARG A 1 110 ? -3.874  -9.121  24.041  1.00 39.25 ? 90  ARG A C    1 
ATOM   586  O  O    . ARG A 1 110 ? -3.911  -8.743  22.863  1.00 40.76 ? 90  ARG A O    1 
ATOM   587  C  CB   . ARG A 1 110 ? -5.262  -11.077 24.780  1.00 44.31 ? 90  ARG A CB   1 
ATOM   588  C  CG   . ARG A 1 110 ? -6.345  -10.838 23.732  1.00 42.43 ? 90  ARG A CG   1 
ATOM   589  C  CD   . ARG A 1 110 ? -6.008  -11.503 22.409  1.00 39.23 ? 90  ARG A CD   1 
ATOM   590  N  NE   . ARG A 1 110 ? -5.952  -12.960 22.510  1.00 40.00 ? 90  ARG A NE   1 
ATOM   591  C  CZ   . ARG A 1 110 ? -5.319  -13.739 21.636  1.00 44.63 ? 90  ARG A CZ   1 
ATOM   592  N  NH1  . ARG A 1 110 ? -4.701  -13.196 20.596  1.00 40.44 ? 90  ARG A NH1  1 
ATOM   593  N  NH2  . ARG A 1 110 ? -5.308  -15.058 21.790  1.00 38.51 ? 90  ARG A NH2  1 
ATOM   594  N  N    . ALA A 1 111 ? -3.846  -8.264  25.066  1.00 38.26 ? 91  ALA A N    1 
ATOM   595  C  CA   . ALA A 1 111 ? -3.862  -6.825  24.826  1.00 42.74 ? 91  ALA A CA   1 
ATOM   596  C  C    . ALA A 1 111 ? -2.632  -6.390  24.043  1.00 36.41 ? 91  ALA A C    1 
ATOM   597  O  O    . ALA A 1 111 ? -2.720  -5.519  23.167  1.00 38.22 ? 91  ALA A O    1 
ATOM   598  C  CB   . ALA A 1 111 ? -3.944  -6.068  26.151  1.00 41.62 ? 91  ALA A CB   1 
ATOM   599  N  N    . ARG A 1 112 ? -1.475  -6.983  24.352  1.00 34.07 ? 92  ARG A N    1 
ATOM   600  C  CA   . ARG A 1 112 ? -0.246  -6.648  23.639  1.00 34.18 ? 92  ARG A CA   1 
ATOM   601  C  C    . ARG A 1 112 ? -0.308  -7.108  22.187  1.00 34.40 ? 92  ARG A C    1 
ATOM   602  O  O    . ARG A 1 112 ? -0.004  -6.335  21.266  1.00 33.22 ? 92  ARG A O    1 
ATOM   603  C  CB   . ARG A 1 112 ? 0.960   -7.276  24.340  1.00 37.41 ? 92  ARG A CB   1 
ATOM   604  C  CG   . ARG A 1 112 ? 2.279   -7.142  23.566  1.00 37.91 ? 92  ARG A CG   1 
ATOM   605  C  CD   . ARG A 1 112 ? 3.451   -7.773  24.322  1.00 42.09 ? 92  ARG A CD   1 
ATOM   606  N  NE   . ARG A 1 112 ? 3.331   -9.225  24.434  1.00 44.35 ? 92  ARG A NE   1 
ATOM   607  C  CZ   . ARG A 1 112 ? 3.620   -10.073 23.449  1.00 49.43 ? 92  ARG A CZ   1 
ATOM   608  N  NH1  . ARG A 1 112 ? 4.036   -9.611  22.277  1.00 50.61 ? 92  ARG A NH1  1 
ATOM   609  N  NH2  . ARG A 1 112 ? 3.490   -11.380 23.632  1.00 45.59 ? 92  ARG A NH2  1 
ATOM   610  N  N    . LEU A 1 113 ? -0.682  -8.372  21.962  1.00 32.09 ? 93  LEU A N    1 
ATOM   611  C  CA   . LEU A 1 113 ? -0.748  -8.887  20.594  1.00 32.09 ? 93  LEU A CA   1 
ATOM   612  C  C    . LEU A 1 113 ? -1.728  -8.086  19.751  1.00 33.29 ? 93  LEU A C    1 
ATOM   613  O  O    . LEU A 1 113 ? -1.494  -7.860  18.558  1.00 27.84 ? 93  LEU A O    1 
ATOM   614  C  CB   . LEU A 1 113 ? -1.140  -10.366 20.603  1.00 34.80 ? 93  LEU A CB   1 
ATOM   615  C  CG   . LEU A 1 113 ? -0.100  -11.291 21.236  1.00 40.77 ? 93  LEU A CG   1 
ATOM   616  C  CD1  . LEU A 1 113 ? -0.678  -12.692 21.407  1.00 43.01 ? 93  LEU A CD1  1 
ATOM   617  C  CD2  . LEU A 1 113 ? 1.176   -11.307 20.408  1.00 38.56 ? 93  LEU A CD2  1 
ATOM   618  N  N    . SER A 1 114 ? -2.833  -7.650  20.352  1.00 29.11 ? 94  SER A N    1 
ATOM   619  C  CA   . SER A 1 114 ? -3.813  -6.864  19.611  1.00 31.71 ? 94  SER A CA   1 
ATOM   620  C  C    . SER A 1 114 ? -3.264  -5.491  19.250  1.00 36.47 ? 94  SER A C    1 
ATOM   621  O  O    . SER A 1 114 ? -3.481  -4.998  18.135  1.00 33.78 ? 94  SER A O    1 
ATOM   622  C  CB   . SER A 1 114 ? -5.089  -6.726  20.432  1.00 32.82 ? 94  SER A CB   1 
ATOM   623  O  OG   . SER A 1 114 ? -5.984  -5.827  19.797  1.00 36.50 ? 94  SER A OG   1 
ATOM   624  N  N    . LYS A 1 115 ? -2.556  -4.857  20.182  1.00 31.98 ? 95  LYS A N    1 
ATOM   625  C  CA   . LYS A 1 115 ? -1.945  -3.569  19.886  1.00 30.73 ? 95  LYS A CA   1 
ATOM   626  C  C    . LYS A 1 115 ? -0.843  -3.703  18.843  1.00 29.40 ? 95  LYS A C    1 
ATOM   627  O  O    . LYS A 1 115 ? -0.692  -2.824  17.984  1.00 29.82 ? 95  LYS A O    1 
ATOM   628  C  CB   . LYS A 1 115 ? -1.404  -2.945  21.174  1.00 35.60 ? 95  LYS A CB   1 
ATOM   629  C  CG   . LYS A 1 115 ? -0.835  -1.540  20.993  1.00 45.44 ? 95  LYS A CG   1 
ATOM   630  C  CD   . LYS A 1 115 ? -0.327  -0.952  22.311  1.00 57.27 ? 95  LYS A CD   1 
ATOM   631  C  CE   . LYS A 1 115 ? -1.480  -0.407  23.163  1.00 61.96 ? 95  LYS A CE   1 
ATOM   632  N  NZ   . LYS A 1 115 ? -2.313  0.632   22.461  1.00 61.72 ? 95  LYS A NZ   1 
ATOM   633  N  N    . GLU A 1 116 ? -0.053  -4.783  18.908  1.00 28.31 ? 96  GLU A N    1 
ATOM   634  C  CA   . GLU A 1 116 ? 0.980   -5.009  17.895  1.00 27.12 ? 96  GLU A CA   1 
ATOM   635  C  C    . GLU A 1 116 ? 0.352   -5.252  16.527  1.00 33.46 ? 96  GLU A C    1 
ATOM   636  O  O    . GLU A 1 116 ? 0.901   -4.835  15.493  1.00 27.13 ? 96  GLU A O    1 
ATOM   637  C  CB   . GLU A 1 116 ? 1.872   -6.194  18.284  1.00 33.59 ? 96  GLU A CB   1 
ATOM   638  C  CG   . GLU A 1 116 ? 2.835   -5.921  19.460  1.00 36.24 ? 96  GLU A CG   1 
ATOM   639  C  CD   . GLU A 1 116 ? 3.581   -7.172  19.919  1.00 48.74 ? 96  GLU A CD   1 
ATOM   640  O  OE1  . GLU A 1 116 ? 3.367   -8.247  19.311  1.00 45.75 ? 96  GLU A OE1  1 
ATOM   641  O  OE2  . GLU A 1 116 ? 4.378   -7.086  20.888  1.00 47.37 ? 96  GLU A OE2  1 
ATOM   642  N  N    . LEU A 1 117 ? -0.802  -5.926  16.504  1.00 26.11 ? 97  LEU A N    1 
ATOM   643  C  CA   . LEU A 1 117 ? -1.486  -6.150  15.236  1.00 29.12 ? 97  LEU A CA   1 
ATOM   644  C  C    . LEU A 1 117 ? -2.072  -4.852  14.698  1.00 29.86 ? 97  LEU A C    1 
ATOM   645  O  O    . LEU A 1 117 ? -2.033  -4.599  13.486  1.00 31.06 ? 97  LEU A O    1 
ATOM   646  C  CB   . LEU A 1 117 ? -2.569  -7.218  15.412  1.00 28.50 ? 97  LEU A CB   1 
ATOM   647  C  CG   . LEU A 1 117 ? -3.316  -7.626  14.149  1.00 33.42 ? 97  LEU A CG   1 
ATOM   648  C  CD1  . LEU A 1 117 ? -2.331  -8.016  13.050  1.00 31.90 ? 97  LEU A CD1  1 
ATOM   649  C  CD2  . LEU A 1 117 ? -4.245  -8.793  14.486  1.00 35.18 ? 97  LEU A CD2  1 
ATOM   650  N  N    . GLN A 1 118 ? -2.592  -3.998  15.578  1.00 26.25 ? 98  GLN A N    1 
ATOM   651  C  CA   . GLN A 1 118 ? -3.119  -2.730  15.092  1.00 29.64 ? 98  GLN A CA   1 
ATOM   652  C  C    . GLN A 1 118 ? -1.999  -1.846  14.554  1.00 27.45 ? 98  GLN A C    1 
ATOM   653  O  O    . GLN A 1 118 ? -2.188  -1.150  13.555  1.00 28.48 ? 98  GLN A O    1 
ATOM   654  C  CB   . GLN A 1 118 ? -3.910  -2.015  16.185  1.00 39.84 ? 98  GLN A CB   1 
ATOM   655  C  CG   . GLN A 1 118 ? -5.211  -2.736  16.528  1.00 45.26 ? 98  GLN A CG   1 
ATOM   656  C  CD   . GLN A 1 118 ? -5.961  -2.105  17.696  1.00 63.11 ? 98  GLN A CD   1 
ATOM   657  O  OE1  . GLN A 1 118 ? -6.534  -1.019  17.566  1.00 62.30 ? 98  GLN A OE1  1 
ATOM   658  N  NE2  . GLN A 1 118 ? -5.946  -2.777  18.852  1.00 59.45 ? 98  GLN A NE2  1 
ATOM   659  N  N    . ALA A 1 119 ? -0.816  -1.886  15.174  1.00 28.51 ? 99  ALA A N    1 
ATOM   660  C  CA   . ALA A 1 119 ? 0.304   -1.102  14.653  1.00 25.81 ? 99  ALA A CA   1 
ATOM   661  C  C    . ALA A 1 119 ? 0.741   -1.620  13.289  1.00 29.37 ? 99  ALA A C    1 
ATOM   662  O  O    . ALA A 1 119 ? 1.087   -0.831  12.402  1.00 26.75 ? 99  ALA A O    1 
ATOM   663  C  CB   . ALA A 1 119 ? 1.485   -1.122  15.627  1.00 28.12 ? 99  ALA A CB   1 
ATOM   664  N  N    . ALA A 1 120 ? 0.714   -2.943  13.099  1.00 22.55 ? 100 ALA A N    1 
ATOM   665  C  CA   . ALA A 1 120 ? 1.110   -3.508  11.813  1.00 25.10 ? 100 ALA A CA   1 
ATOM   666  C  C    . ALA A 1 120 ? 0.104   -3.173  10.723  1.00 26.62 ? 100 ALA A C    1 
ATOM   667  O  O    . ALA A 1 120 ? 0.491   -2.957  9.566   1.00 24.99 ? 100 ALA A O    1 
ATOM   668  C  CB   . ALA A 1 120 ? 1.294   -5.026  11.920  1.00 23.43 ? 100 ALA A CB   1 
ATOM   669  N  N    . GLN A 1 121 ? -1.195  -3.156  11.052  1.00 23.76 ? 101 GLN A N    1 
ATOM   670  C  CA   . GLN A 1 121 ? -2.186  -2.677  10.091  1.00 22.51 ? 101 GLN A CA   1 
ATOM   671  C  C    . GLN A 1 121 ? -1.935  -1.226  9.732   1.00 27.23 ? 101 GLN A C    1 
ATOM   672  O  O    . GLN A 1 121 ? -2.007  -0.839  8.556   1.00 25.17 ? 101 GLN A O    1 
ATOM   673  C  CB   . GLN A 1 121 ? -3.595  -2.786  10.666  1.00 27.32 ? 101 GLN A CB   1 
ATOM   674  C  CG   . GLN A 1 121 ? -4.139  -4.168  10.833  1.00 32.97 ? 101 GLN A CG   1 
ATOM   675  C  CD   . GLN A 1 121 ? -5.420  -4.136  11.649  1.00 44.80 ? 101 GLN A CD   1 
ATOM   676  O  OE1  . GLN A 1 121 ? -5.433  -4.524  12.820  1.00 46.66 ? 101 GLN A OE1  1 
ATOM   677  N  NE2  . GLN A 1 121 ? -6.495  -3.639  11.043  1.00 36.66 ? 101 GLN A NE2  1 
ATOM   678  N  N    . ALA A 1 122 ? -1.667  -0.400  10.749  1.00 24.79 ? 102 ALA A N    1 
ATOM   679  C  CA   . ALA A 1 122 ? -1.430  1.021   10.521  1.00 30.41 ? 102 ALA A CA   1 
ATOM   680  C  C    . ALA A 1 122 ? -0.241  1.253   9.597   1.00 23.62 ? 102 ALA A C    1 
ATOM   681  O  O    . ALA A 1 122 ? -0.280  2.153   8.744   1.00 28.01 ? 102 ALA A O    1 
ATOM   682  C  CB   . ALA A 1 122 ? -1.212  1.735   11.856  1.00 27.85 ? 102 ALA A CB   1 
ATOM   683  N  N    . ARG A 1 123 ? 0.836   0.476   9.765   1.00 23.52 ? 103 ARG A N    1 
ATOM   684  C  CA   . ARG A 1 123 ? 2.005   0.651   8.911   1.00 26.15 ? 103 ARG A CA   1 
ATOM   685  C  C    . ARG A 1 123 ? 1.656   0.357   7.463   1.00 22.41 ? 103 ARG A C    1 
ATOM   686  O  O    . ARG A 1 123 ? 2.093   1.072   6.555   1.00 22.20 ? 103 ARG A O    1 
ATOM   687  C  CB   . ARG A 1 123 ? 3.158   -0.254  9.358   1.00 29.01 ? 103 ARG A CB   1 
ATOM   688  C  CG   . ARG A 1 123 ? 4.062   0.384   10.409  1.00 36.40 ? 103 ARG A CG   1 
ATOM   689  C  CD   . ARG A 1 123 ? 5.317   -0.425  10.674  1.00 36.64 ? 103 ARG A CD   1 
ATOM   690  N  NE   . ARG A 1 123 ? 5.039   -1.755  11.216  1.00 49.06 ? 103 ARG A NE   1 
ATOM   691  C  CZ   . ARG A 1 123 ? 4.910   -2.031  12.516  1.00 44.24 ? 103 ARG A CZ   1 
ATOM   692  N  NH1  . ARG A 1 123 ? 5.023   -1.070  13.424  1.00 48.53 ? 103 ARG A NH1  1 
ATOM   693  N  NH2  . ARG A 1 123 ? 4.663   -3.274  12.906  1.00 42.18 ? 103 ARG A NH2  1 
ATOM   694  N  N    . LEU A 1 124 ? 0.851   -0.684  7.236   1.00 20.04 ? 104 LEU A N    1 
ATOM   695  C  CA   . LEU A 1 124 ? 0.463   -1.013  5.868   1.00 20.42 ? 104 LEU A CA   1 
ATOM   696  C  C    . LEU A 1 124 ? -0.310  0.130   5.235   1.00 20.46 ? 104 LEU A C    1 
ATOM   697  O  O    . LEU A 1 124 ? -0.049  0.498   4.089   1.00 20.32 ? 104 LEU A O    1 
ATOM   698  C  CB   . LEU A 1 124 ? -0.360  -2.294  5.833   1.00 23.35 ? 104 LEU A CB   1 
ATOM   699  C  CG   . LEU A 1 124 ? -0.555  -2.854  4.422   1.00 22.44 ? 104 LEU A CG   1 
ATOM   700  C  CD1  . LEU A 1 124 ? 0.644   -3.682  4.060   1.00 26.64 ? 104 LEU A CD1  1 
ATOM   701  C  CD2  . LEU A 1 124 ? -1.795  -3.707  4.353   1.00 22.17 ? 104 LEU A CD2  1 
ATOM   702  N  N    . GLY A 1 125 ? -1.269  0.703   5.964   1.00 21.25 ? 105 GLY A N    1 
ATOM   703  C  CA   . GLY A 1 125 ? -2.037  1.807   5.411   1.00 22.13 ? 105 GLY A CA   1 
ATOM   704  C  C    . GLY A 1 125 ? -1.182  3.031   5.141   1.00 24.54 ? 105 GLY A C    1 
ATOM   705  O  O    . GLY A 1 125 ? -1.361  3.718   4.129   1.00 22.23 ? 105 GLY A O    1 
ATOM   706  N  N    . ALA A 1 126 ? -0.225  3.308   6.035   1.00 19.24 ? 106 ALA A N    1 
ATOM   707  C  CA   . ALA A 1 126 ? 0.688   4.429   5.829   1.00 22.46 ? 106 ALA A CA   1 
ATOM   708  C  C    . ALA A 1 126 ? 1.575   4.196   4.616   1.00 20.76 ? 106 ALA A C    1 
ATOM   709  O  O    . ALA A 1 126 ? 1.907   5.140   3.886   1.00 22.97 ? 106 ALA A O    1 
ATOM   710  C  CB   . ALA A 1 126 ? 1.550   4.635   7.076   1.00 27.19 ? 106 ALA A CB   1 
ATOM   711  N  N    . ASP A 1 127 ? 1.997   2.951   4.404   1.00 17.72 ? 107 ASP A N    1 
ATOM   712  C  CA   . ASP A 1 127 ? 2.815   2.645   3.232   1.00 17.34 ? 107 ASP A CA   1 
ATOM   713  C  C    . ASP A 1 127 ? 2.073   2.956   1.948   1.00 21.32 ? 107 ASP A C    1 
ATOM   714  O  O    . ASP A 1 127 ? 2.644   3.528   1.008   1.00 19.24 ? 107 ASP A O    1 
ATOM   715  C  CB   . ASP A 1 127 ? 3.192   1.173   3.221   1.00 18.35 ? 107 ASP A CB   1 
ATOM   716  C  CG   . ASP A 1 127 ? 4.136   0.786   4.322   1.00 24.26 ? 107 ASP A CG   1 
ATOM   717  O  OD1  . ASP A 1 127 ? 4.783   1.656   4.951   1.00 20.91 ? 107 ASP A OD1  1 
ATOM   718  O  OD2  . ASP A 1 127 ? 4.217   -0.445  4.535   1.00 21.34 ? 107 ASP A OD2  1 
ATOM   719  N  N    . MET A 1 128 ? 0.816   2.506   1.859   1.00 20.59 ? 108 MET A N    1 
ATOM   720  C  CA   . MET A 1 128 ? 0.024   2.757   0.652   1.00 15.88 ? 108 MET A CA   1 
ATOM   721  C  C    . MET A 1 128 ? -0.234  4.248   0.469   1.00 21.78 ? 108 MET A C    1 
ATOM   722  O  O    . MET A 1 128 ? -0.196  4.758   -0.654  1.00 18.70 ? 108 MET A O    1 
ATOM   723  C  CB   . MET A 1 128 ? -1.281  1.963   0.721   1.00 19.19 ? 108 MET A CB   1 
ATOM   724  C  CG   . MET A 1 128 ? -1.082  0.455   0.774   1.00 17.15 ? 108 MET A CG   1 
ATOM   725  S  SD   . MET A 1 128 ? -2.652  -0.488  0.732   1.00 24.09 ? 108 MET A SD   1 
ATOM   726  C  CE   . MET A 1 128 ? -3.089  -0.507  2.459   1.00 23.47 ? 108 MET A CE   1 
ATOM   727  N  N    . GLU A 1 129 ? -0.457  4.979   1.559   1.00 19.50 ? 109 GLU A N    1 
ATOM   728  C  CA   . GLU A 1 129 ? -0.618  6.423   1.433   1.00 22.98 ? 109 GLU A CA   1 
ATOM   729  C  C    . GLU A 1 129 ? 0.684   7.096   0.999   1.00 21.07 ? 109 GLU A C    1 
ATOM   730  O  O    . GLU A 1 129 ? 0.654   8.087   0.255   1.00 22.30 ? 109 GLU A O    1 
ATOM   731  C  CB   . GLU A 1 129 ? -1.114  7.005   2.760   1.00 25.72 ? 109 GLU A CB   1 
ATOM   732  C  CG   . GLU A 1 129 ? -1.341  8.494   2.721   1.00 34.08 ? 109 GLU A CG   1 
ATOM   733  C  CD   . GLU A 1 129 ? -2.202  8.927   1.538   1.00 42.97 ? 109 GLU A CD   1 
ATOM   734  O  OE1  . GLU A 1 129 ? -3.197  8.225   1.223   1.00 35.10 ? 109 GLU A OE1  1 
ATOM   735  O  OE2  . GLU A 1 129 ? -1.880  9.974   0.925   1.00 42.32 ? 109 GLU A OE2  1 
ATOM   736  N  N    . ASP A 1 130 ? 1.834   6.602   1.474   1.00 21.32 ? 110 ASP A N    1 
ATOM   737  C  CA   . ASP A 1 130 ? 3.114   7.168   1.043   1.00 20.60 ? 110 ASP A CA   1 
ATOM   738  C  C    . ASP A 1 130 ? 3.299   7.003   -0.462  1.00 21.08 ? 110 ASP A C    1 
ATOM   739  O  O    . ASP A 1 130 ? 3.858   7.878   -1.130  1.00 22.19 ? 110 ASP A O    1 
ATOM   740  C  CB   . ASP A 1 130 ? 4.286   6.503   1.782   1.00 22.85 ? 110 ASP A CB   1 
ATOM   741  C  CG   . ASP A 1 130 ? 4.415   6.961   3.238   1.00 33.13 ? 110 ASP A CG   1 
ATOM   742  O  OD1  . ASP A 1 130 ? 3.831   8.012   3.586   1.00 31.05 ? 110 ASP A OD1  1 
ATOM   743  O  OD2  . ASP A 1 130 ? 5.106   6.261   4.025   1.00 30.39 ? 110 ASP A OD2  1 
ATOM   744  N  N    . VAL A 1 131 ? 2.839   5.879   -1.006  1.00 18.62 ? 111 VAL A N    1 
ATOM   745  C  CA   . VAL A 1 131 ? 2.899   5.683   -2.453  1.00 16.79 ? 111 VAL A CA   1 
ATOM   746  C  C    . VAL A 1 131 ? 2.030   6.710   -3.164  1.00 22.00 ? 111 VAL A C    1 
ATOM   747  O  O    . VAL A 1 131 ? 2.477   7.384   -4.097  1.00 21.16 ? 111 VAL A O    1 
ATOM   748  C  CB   . VAL A 1 131 ? 2.474   4.248   -2.807  1.00 18.41 ? 111 VAL A CB   1 
ATOM   749  C  CG1  . VAL A 1 131 ? 2.208   4.116   -4.319  1.00 25.65 ? 111 VAL A CG1  1 
ATOM   750  C  CG2  . VAL A 1 131 ? 3.564   3.277   -2.369  1.00 19.73 ? 111 VAL A CG2  1 
ATOM   751  N  N    . ARG A 1 132 ? 0.767   6.834   -2.746  1.00 19.18 ? 112 ARG A N    1 
ATOM   752  C  CA   . ARG A 1 132 ? -0.109  7.826   -3.359  1.00 20.30 ? 112 ARG A CA   1 
ATOM   753  C  C    . ARG A 1 132 ? 0.502   9.220   -3.285  1.00 20.93 ? 112 ARG A C    1 
ATOM   754  O  O    . ARG A 1 132 ? 0.490   9.964   -4.268  1.00 21.36 ? 112 ARG A O    1 
ATOM   755  C  CB   . ARG A 1 132 ? -1.474  7.840   -2.678  1.00 23.95 ? 112 ARG A CB   1 
ATOM   756  C  CG   . ARG A 1 132 ? -2.294  6.598   -2.824  1.00 35.77 ? 112 ARG A CG   1 
ATOM   757  C  CD   . ARG A 1 132 ? -3.696  6.887   -2.284  1.00 40.96 ? 112 ARG A CD   1 
ATOM   758  N  NE   . ARG A 1 132 ? -4.299  8.039   -2.961  1.00 35.69 ? 112 ARG A NE   1 
ATOM   759  C  CZ   . ARG A 1 132 ? -4.519  9.221   -2.397  1.00 42.00 ? 112 ARG A CZ   1 
ATOM   760  N  NH1  . ARG A 1 132 ? -4.180  9.425   -1.135  1.00 40.26 ? 112 ARG A NH1  1 
ATOM   761  N  NH2  . ARG A 1 132 ? -5.079  10.199  -3.104  1.00 43.98 ? 112 ARG A NH2  1 
ATOM   762  N  N    . GLY A 1 133 ? 1.036   9.594   -2.113  1.00 20.53 ? 113 GLY A N    1 
ATOM   763  C  CA   . GLY A 1 133 ? 1.600   10.933  -1.963  1.00 22.63 ? 113 GLY A CA   1 
ATOM   764  C  C    . GLY A 1 133 ? 2.768   11.196  -2.895  1.00 22.55 ? 113 GLY A C    1 
ATOM   765  O  O    . GLY A 1 133 ? 2.944   12.316  -3.388  1.00 23.93 ? 113 GLY A O    1 
ATOM   766  N  N    . ARG A 1 134 ? 3.594   10.175  -3.142  1.00 19.38 ? 114 ARG A N    1 
ATOM   767  C  CA   . ARG A 1 134 ? 4.720   10.348  -4.049  1.00 18.40 ? 114 ARG A CA   1 
ATOM   768  C  C    . ARG A 1 134 ? 4.240   10.563  -5.474  1.00 19.16 ? 114 ARG A C    1 
ATOM   769  O  O    . ARG A 1 134 ? 4.878   11.302  -6.237  1.00 20.51 ? 114 ARG A O    1 
ATOM   770  C  CB   . ARG A 1 134 ? 5.648   9.129   -3.963  1.00 18.51 ? 114 ARG A CB   1 
ATOM   771  C  CG   . ARG A 1 134 ? 6.929   9.220   -4.793  1.00 18.01 ? 114 ARG A CG   1 
ATOM   772  C  CD   . ARG A 1 134 ? 7.702   10.509  -4.477  1.00 22.48 ? 114 ARG A CD   1 
ATOM   773  N  NE   . ARG A 1 134 ? 8.910   10.624  -5.297  1.00 21.36 ? 114 ARG A NE   1 
ATOM   774  C  CZ   . ARG A 1 134 ? 8.950   11.237  -6.474  1.00 25.63 ? 114 ARG A CZ   1 
ATOM   775  N  NH1  . ARG A 1 134 ? 7.844   11.781  -6.982  1.00 19.95 ? 114 ARG A NH1  1 
ATOM   776  N  NH2  . ARG A 1 134 ? 10.096  11.307  -7.144  1.00 24.34 ? 114 ARG A NH2  1 
ATOM   777  N  N    . LEU A 1 135 ? 3.110   9.945   -5.844  1.00 18.40 ? 115 LEU A N    1 
ATOM   778  C  CA   . LEU A 1 135 ? 2.594   10.116  -7.195  1.00 17.19 ? 115 LEU A CA   1 
ATOM   779  C  C    . LEU A 1 135 ? 1.898   11.459  -7.357  1.00 22.14 ? 115 LEU A C    1 
ATOM   780  O  O    . LEU A 1 135 ? 1.910   12.026  -8.455  1.00 24.15 ? 115 LEU A O    1 
ATOM   781  C  CB   . LEU A 1 135 ? 1.658   8.960   -7.554  1.00 18.97 ? 115 LEU A CB   1 
ATOM   782  C  CG   . LEU A 1 135 ? 2.423   7.632   -7.551  1.00 18.69 ? 115 LEU A CG   1 
ATOM   783  C  CD1  . LEU A 1 135 ? 1.494   6.437   -7.632  1.00 24.24 ? 115 LEU A CD1  1 
ATOM   784  C  CD2  . LEU A 1 135 ? 3.407   7.568   -8.723  1.00 21.39 ? 115 LEU A CD2  1 
ATOM   785  N  N    . VAL A 1 136 ? 1.292   11.976  -6.280  1.00 20.81 ? 116 VAL A N    1 
ATOM   786  C  CA   . VAL A 1 136 ? 0.781   13.348  -6.295  1.00 22.00 ? 116 VAL A CA   1 
ATOM   787  C  C    . VAL A 1 136 ? 1.925   14.336  -6.473  1.00 21.47 ? 116 VAL A C    1 
ATOM   788  O  O    . VAL A 1 136 ? 1.826   15.301  -7.249  1.00 24.36 ? 116 VAL A O    1 
ATOM   789  C  CB   . VAL A 1 136 ? -0.005  13.634  -5.000  1.00 23.45 ? 116 VAL A CB   1 
ATOM   790  C  CG1  . VAL A 1 136 ? -0.343  15.116  -4.909  1.00 24.86 ? 116 VAL A CG1  1 
ATOM   791  C  CG2  . VAL A 1 136 ? -1.256  12.772  -4.947  1.00 23.17 ? 116 VAL A CG2  1 
ATOM   792  N  N    . GLN A 1 137 ? 3.023   14.125  -5.742  1.00 20.41 ? 117 GLN A N    1 
ATOM   793  C  CA   . GLN A 1 137 ? 4.211   14.961  -5.890  1.00 20.09 ? 117 GLN A CA   1 
ATOM   794  C  C    . GLN A 1 137 ? 4.688   14.995  -7.337  1.00 23.46 ? 117 GLN A C    1 
ATOM   795  O  O    . GLN A 1 137 ? 5.006   16.062  -7.877  1.00 22.86 ? 117 GLN A O    1 
ATOM   796  C  CB   . GLN A 1 137 ? 5.322   14.438  -4.981  1.00 20.46 ? 117 GLN A CB   1 
ATOM   797  C  CG   . GLN A 1 137 ? 6.636   15.170  -5.114  1.00 24.97 ? 117 GLN A CG   1 
ATOM   798  C  CD   . GLN A 1 137 ? 7.746   14.491  -4.344  1.00 34.44 ? 117 GLN A CD   1 
ATOM   799  O  OE1  . GLN A 1 137 ? 7.491   13.831  -3.337  1.00 38.52 ? 117 GLN A OE1  1 
ATOM   800  N  NE2  . GLN A 1 137 ? 8.980   14.636  -4.817  1.00 37.29 ? 117 GLN A NE2  1 
ATOM   801  N  N    . TYR A 1 138 ? 4.735   13.835  -7.983  1.00 22.19 ? 118 TYR A N    1 
ATOM   802  C  CA   . TYR A 1 138 ? 5.192   13.776  -9.366  1.00 21.50 ? 118 TYR A CA   1 
ATOM   803  C  C    . TYR A 1 138 ? 4.345   14.675  -10.264 1.00 19.01 ? 118 TYR A C    1 
ATOM   804  O  O    . TYR A 1 138 ? 4.876   15.442  -11.075 1.00 20.10 ? 118 TYR A O    1 
ATOM   805  C  CB   . TYR A 1 138 ? 5.160   12.317  -9.842  1.00 21.59 ? 118 TYR A CB   1 
ATOM   806  C  CG   . TYR A 1 138 ? 5.397   12.164  -11.320 1.00 18.05 ? 118 TYR A CG   1 
ATOM   807  C  CD1  . TYR A 1 138 ? 6.688   12.189  -11.836 1.00 20.93 ? 118 TYR A CD1  1 
ATOM   808  C  CD2  . TYR A 1 138 ? 4.336   12.004  -12.198 1.00 19.75 ? 118 TYR A CD2  1 
ATOM   809  C  CE1  . TYR A 1 138 ? 6.909   12.058  -13.203 1.00 23.10 ? 118 TYR A CE1  1 
ATOM   810  C  CE2  . TYR A 1 138 ? 4.548   11.880  -13.572 1.00 19.35 ? 118 TYR A CE2  1 
ATOM   811  C  CZ   . TYR A 1 138 ? 5.837   11.897  -14.056 1.00 21.80 ? 118 TYR A CZ   1 
ATOM   812  O  OH   . TYR A 1 138 ? 6.062   11.774  -15.415 1.00 24.26 ? 118 TYR A OH   1 
ATOM   813  N  N    . ARG A 1 139 ? 3.022   14.599  -10.118 1.00 18.97 ? 119 ARG A N    1 
ATOM   814  C  CA   . ARG A 1 139 ? 2.105   15.388  -10.931 1.00 22.29 ? 119 ARG A CA   1 
ATOM   815  C  C    . ARG A 1 139 ? 2.454   16.870  -10.835 1.00 25.69 ? 119 ARG A C    1 
ATOM   816  O  O    . ARG A 1 139 ? 2.553   17.579  -11.844 1.00 23.09 ? 119 ARG A O    1 
ATOM   817  C  CB   . ARG A 1 139 ? 0.677   15.108  -10.437 1.00 23.94 ? 119 ARG A CB   1 
ATOM   818  C  CG   . ARG A 1 139 ? -0.458  15.714  -11.214 1.00 31.47 ? 119 ARG A CG   1 
ATOM   819  C  CD   . ARG A 1 139 ? -1.777  14.954  -10.932 1.00 31.29 ? 119 ARG A CD   1 
ATOM   820  N  NE   . ARG A 1 139 ? -2.401  15.276  -9.642  1.00 44.96 ? 119 ARG A NE   1 
ATOM   821  C  CZ   . ARG A 1 139 ? -2.782  14.386  -8.719  1.00 40.33 ? 119 ARG A CZ   1 
ATOM   822  N  NH1  . ARG A 1 139 ? -2.597  13.078  -8.896  1.00 27.24 ? 119 ARG A NH1  1 
ATOM   823  N  NH2  . ARG A 1 139 ? -3.351  14.806  -7.593  1.00 40.45 ? 119 ARG A NH2  1 
ATOM   824  N  N    . GLY A 1 140 ? 2.687   17.346  -9.613  1.00 25.79 ? 120 GLY A N    1 
ATOM   825  C  CA   . GLY A 1 140 ? 3.009   18.755  -9.439  1.00 20.77 ? 120 GLY A CA   1 
ATOM   826  C  C    . GLY A 1 140 ? 4.361   19.124  -10.012 1.00 23.43 ? 120 GLY A C    1 
ATOM   827  O  O    . GLY A 1 140 ? 4.541   20.226  -10.546 1.00 24.02 ? 120 GLY A O    1 
ATOM   828  N  N    . GLU A 1 141 ? 5.339   18.228  -9.893  1.00 20.17 ? 121 GLU A N    1 
ATOM   829  C  CA   . GLU A 1 141 ? 6.659   18.550  -10.413 1.00 22.15 ? 121 GLU A CA   1 
ATOM   830  C  C    . GLU A 1 141 ? 6.650   18.591  -11.935 1.00 25.53 ? 121 GLU A C    1 
ATOM   831  O  O    . GLU A 1 141 ? 7.356   19.410  -12.525 1.00 22.63 ? 121 GLU A O    1 
ATOM   832  C  CB   . GLU A 1 141 ? 7.696   17.564  -9.861  1.00 25.40 ? 121 GLU A CB   1 
ATOM   833  C  CG   . GLU A 1 141 ? 7.785   17.713  -8.331  1.00 26.81 ? 121 GLU A CG   1 
ATOM   834  C  CD   . GLU A 1 141 ? 8.921   16.955  -7.641  1.00 47.01 ? 121 GLU A CD   1 
ATOM   835  O  OE1  . GLU A 1 141 ? 9.261   15.823  -8.044  1.00 41.41 ? 121 GLU A OE1  1 
ATOM   836  O  OE2  . GLU A 1 141 ? 9.462   17.505  -6.652  1.00 59.91 ? 121 GLU A OE2  1 
ATOM   837  N  N    . VAL A 1 142 ? 5.843   17.745  -12.586 1.00 20.69 ? 122 VAL A N    1 
ATOM   838  C  CA   . VAL A 1 142 ? 5.702   17.834  -14.048 1.00 18.27 ? 122 VAL A CA   1 
ATOM   839  C  C    . VAL A 1 142 ? 5.064   19.159  -14.448 1.00 22.76 ? 122 VAL A C    1 
ATOM   840  O  O    . VAL A 1 142 ? 5.511   19.825  -15.391 1.00 23.99 ? 122 VAL A O    1 
ATOM   841  C  CB   . VAL A 1 142 ? 4.885   16.646  -14.587 1.00 25.54 ? 122 VAL A CB   1 
ATOM   842  C  CG1  . VAL A 1 142 ? 4.464   16.896  -16.062 1.00 25.54 ? 122 VAL A CG1  1 
ATOM   843  C  CG2  . VAL A 1 142 ? 5.681   15.386  -14.429 1.00 22.86 ? 122 VAL A CG2  1 
ATOM   844  N  N    . GLN A 1 143 ? 3.992   19.556  -13.760 1.00 21.85 ? 123 GLN A N    1 
ATOM   845  C  CA   . GLN A 1 143 ? 3.361   20.832  -14.100 1.00 20.86 ? 123 GLN A CA   1 
ATOM   846  C  C    . GLN A 1 143 ? 4.346   21.979  -13.964 1.00 28.10 ? 123 GLN A C    1 
ATOM   847  O  O    . GLN A 1 143 ? 4.349   22.902  -14.786 1.00 25.21 ? 123 GLN A O    1 
ATOM   848  C  CB   . GLN A 1 143 ? 2.132   21.093  -13.225 1.00 26.44 ? 123 GLN A CB   1 
ATOM   849  C  CG   . GLN A 1 143 ? 0.912   20.256  -13.588 1.00 28.49 ? 123 GLN A CG   1 
ATOM   850  C  CD   . GLN A 1 143 ? 0.234   20.676  -14.908 1.00 24.67 ? 123 GLN A CD   1 
ATOM   851  O  OE1  . GLN A 1 143 ? 0.363   21.818  -15.370 1.00 28.20 ? 123 GLN A OE1  1 
ATOM   852  N  NE2  . GLN A 1 143 ? -0.506  19.752  -15.494 1.00 22.66 ? 123 GLN A NE2  1 
ATOM   853  N  N    . ALA A 1 144 ? 5.211   21.927  -12.950 1.00 23.58 ? 124 ALA A N    1 
ATOM   854  C  CA   . ALA A 1 144 ? 6.148   23.027  -12.743 1.00 26.02 ? 124 ALA A CA   1 
ATOM   855  C  C    . ALA A 1 144 ? 7.190   23.104  -13.845 1.00 27.19 ? 124 ALA A C    1 
ATOM   856  O  O    . ALA A 1 144 ? 7.827   24.151  -14.006 1.00 25.73 ? 124 ALA A O    1 
ATOM   857  C  CB   . ALA A 1 144 ? 6.842   22.896  -11.386 1.00 25.60 ? 124 ALA A CB   1 
ATOM   858  N  N    . MET A 1 145 ? 7.367   22.031  -14.614 1.00 21.12 ? 125 MET A N    1 
ATOM   859  C  CA   . MET A 1 145 ? 8.318   22.014  -15.720 1.00 23.32 ? 125 MET A CA   1 
ATOM   860  C  C    . MET A 1 145 ? 7.807   22.742  -16.955 1.00 25.22 ? 125 MET A C    1 
ATOM   861  O  O    . MET A 1 145 ? 8.593   22.962  -17.883 1.00 24.01 ? 125 MET A O    1 
ATOM   862  C  CB   . MET A 1 145 ? 8.667   20.566  -16.104 1.00 26.30 ? 125 MET A CB   1 
ATOM   863  C  CG   . MET A 1 145 ? 9.456   19.809  -15.056 1.00 33.98 ? 125 MET A CG   1 
ATOM   864  S  SD   . MET A 1 145 ? 10.945  20.704  -14.600 1.00 51.97 ? 125 MET A SD   1 
ATOM   865  C  CE   . MET A 1 145 ? 12.081  20.112  -15.853 1.00 39.18 ? 125 MET A CE   1 
ATOM   866  N  N    . LEU A 1 146 ? 6.519   23.082  -17.008 1.00 21.87 ? 126 LEU A N    1 
ATOM   867  C  CA   . LEU A 1 146 ? 5.974   23.952  -18.058 1.00 23.52 ? 126 LEU A CA   1 
ATOM   868  C  C    . LEU A 1 146 ? 6.250   23.405  -19.458 1.00 24.19 ? 126 LEU A C    1 
ATOM   869  O  O    . LEU A 1 146 ? 6.555   24.163  -20.387 1.00 26.56 ? 126 LEU A O    1 
ATOM   870  C  CB   . LEU A 1 146 ? 6.515   25.374  -17.925 1.00 27.18 ? 126 LEU A CB   1 
ATOM   871  C  CG   . LEU A 1 146 ? 6.228   26.067  -16.592 1.00 27.94 ? 126 LEU A CG   1 
ATOM   872  C  CD1  . LEU A 1 146 ? 6.889   27.426  -16.548 1.00 33.76 ? 126 LEU A CD1  1 
ATOM   873  C  CD2  . LEU A 1 146 ? 4.722   26.168  -16.348 1.00 29.79 ? 126 LEU A CD2  1 
ATOM   874  N  N    . GLY A 1 147 ? 6.155   22.089  -19.609 1.00 23.79 ? 127 GLY A N    1 
ATOM   875  C  CA   . GLY A 1 147 ? 6.262   21.445  -20.906 1.00 24.96 ? 127 GLY A CA   1 
ATOM   876  C  C    . GLY A 1 147 ? 7.636   20.916  -21.254 1.00 22.15 ? 127 GLY A C    1 
ATOM   877  O  O    . GLY A 1 147 ? 7.780   20.254  -22.293 1.00 21.51 ? 127 GLY A O    1 
ATOM   878  N  N    . GLN A 1 148 ? 8.646   21.188  -20.430 1.00 20.25 ? 128 GLN A N    1 
ATOM   879  C  CA   . GLN A 1 148 ? 9.957   20.603  -20.659 1.00 20.37 ? 128 GLN A CA   1 
ATOM   880  C  C    . GLN A 1 148 ? 9.914   19.090  -20.463 1.00 22.41 ? 128 GLN A C    1 
ATOM   881  O  O    . GLN A 1 148 ? 8.999   18.544  -19.846 1.00 24.25 ? 128 GLN A O    1 
ATOM   882  C  CB   . GLN A 1 148 ? 11.000  21.192  -19.713 1.00 25.57 ? 128 GLN A CB   1 
ATOM   883  C  CG   . GLN A 1 148 ? 11.125  22.678  -19.770 1.00 30.35 ? 128 GLN A CG   1 
ATOM   884  C  CD   . GLN A 1 148 ? 12.069  23.171  -18.688 1.00 39.54 ? 128 GLN A CD   1 
ATOM   885  O  OE1  . GLN A 1 148 ? 13.286  22.974  -18.776 1.00 43.38 ? 128 GLN A OE1  1 
ATOM   886  N  NE2  . GLN A 1 148 ? 11.511  23.773  -17.642 1.00 37.90 ? 128 GLN A NE2  1 
ATOM   887  N  N    . SER A 1 149 ? 10.933  18.424  -21.005 1.00 26.49 ? 129 SER A N    1 
ATOM   888  C  CA   . SER A 1 149 ? 11.048  16.969  -20.911 1.00 26.97 ? 129 SER A CA   1 
ATOM   889  C  C    . SER A 1 149 ? 10.988  16.502  -19.462 1.00 32.46 ? 129 SER A C    1 
ATOM   890  O  O    . SER A 1 149 ? 11.564  17.125  -18.566 1.00 27.38 ? 129 SER A O    1 
ATOM   891  C  CB   . SER A 1 149 ? 12.369  16.501  -21.547 1.00 32.59 ? 129 SER A CB   1 
ATOM   892  O  OG   . SER A 1 149 ? 12.787  15.247  -21.007 1.00 40.05 ? 129 SER A OG   1 
ATOM   893  N  N    . THR A 1 150 ? 10.278  15.392  -19.235 1.00 30.53 ? 130 THR A N    1 
ATOM   894  C  CA   . THR A 1 150 ? 10.121  14.845  -17.893 1.00 28.58 ? 130 THR A CA   1 
ATOM   895  C  C    . THR A 1 150 ? 10.941  13.575  -17.686 1.00 28.44 ? 130 THR A C    1 
ATOM   896  O  O    . THR A 1 150 ? 10.743  12.877  -16.687 1.00 26.91 ? 130 THR A O    1 
ATOM   897  C  CB   . THR A 1 150 ? 8.640   14.592  -17.584 1.00 25.46 ? 130 THR A CB   1 
ATOM   898  O  OG1  . THR A 1 150 ? 8.067   13.684  -18.543 1.00 32.20 ? 130 THR A OG1  1 
ATOM   899  C  CG2  . THR A 1 150 ? 7.888   15.879  -17.617 1.00 28.85 ? 130 THR A CG2  1 
ATOM   900  N  N    . GLU A 1 151 ? 11.879  13.281  -18.593 1.00 26.10 ? 131 GLU A N    1 
ATOM   901  C  CA   . GLU A 1 151 ? 12.581  12.000  -18.526 1.00 29.99 ? 131 GLU A CA   1 
ATOM   902  C  C    . GLU A 1 151 ? 13.336  11.836  -17.209 1.00 27.17 ? 131 GLU A C    1 
ATOM   903  O  O    . GLU A 1 151 ? 13.316  10.752  -16.610 1.00 29.31 ? 131 GLU A O    1 
ATOM   904  C  CB   . GLU A 1 151 ? 13.536  11.841  -19.712 1.00 32.35 ? 131 GLU A CB   1 
ATOM   905  C  CG   . GLU A 1 151 ? 14.007  10.400  -19.882 1.00 50.63 ? 131 GLU A CG   1 
ATOM   906  C  CD   . GLU A 1 151 ? 15.401  10.288  -20.480 1.00 66.94 ? 131 GLU A CD   1 
ATOM   907  O  OE1  . GLU A 1 151 ? 15.565  9.551   -21.478 1.00 70.85 ? 131 GLU A OE1  1 
ATOM   908  O  OE2  . GLU A 1 151 ? 16.331  10.933  -19.950 1.00 69.35 ? 131 GLU A OE2  1 
ATOM   909  N  N    . GLU A 1 152 ? 13.999  12.896  -16.734 1.00 29.73 ? 132 GLU A N    1 
ATOM   910  C  CA   . GLU A 1 152 ? 14.755  12.766  -15.489 1.00 27.79 ? 132 GLU A CA   1 
ATOM   911  C  C    . GLU A 1 152 ? 13.830  12.692  -14.277 1.00 26.88 ? 132 GLU A C    1 
ATOM   912  O  O    . GLU A 1 152 ? 14.146  12.015  -13.294 1.00 25.76 ? 132 GLU A O    1 
ATOM   913  C  CB   . GLU A 1 152 ? 15.761  13.910  -15.346 1.00 39.32 ? 132 GLU A CB   1 
ATOM   914  C  CG   . GLU A 1 152 ? 16.921  13.796  -16.333 1.00 54.10 ? 132 GLU A CG   1 
ATOM   915  C  CD   . GLU A 1 152 ? 17.919  14.947  -16.231 1.00 72.55 ? 132 GLU A CD   1 
ATOM   916  O  OE1  . GLU A 1 152 ? 18.074  15.504  -15.119 1.00 73.19 ? 132 GLU A OE1  1 
ATOM   917  O  OE2  . GLU A 1 152 ? 18.553  15.282  -17.258 1.00 71.92 ? 132 GLU A OE2  1 
ATOM   918  N  N    . LEU A 1 153 ? 12.692  13.385  -14.313 1.00 27.43 ? 133 LEU A N    1 
ATOM   919  C  CA   . LEU A 1 153 ? 11.717  13.204  -13.241 1.00 21.67 ? 133 LEU A CA   1 
ATOM   920  C  C    . LEU A 1 153 ? 11.245  11.758  -13.183 1.00 22.17 ? 133 LEU A C    1 
ATOM   921  O  O    . LEU A 1 153 ? 11.020  11.215  -12.095 1.00 23.17 ? 133 LEU A O    1 
ATOM   922  C  CB   . LEU A 1 153 ? 10.515  14.138  -13.428 1.00 24.96 ? 133 LEU A CB   1 
ATOM   923  C  CG   . LEU A 1 153 ? 10.712  15.608  -13.036 1.00 31.65 ? 133 LEU A CG   1 
ATOM   924  C  CD1  . LEU A 1 153 ? 9.432   16.397  -13.297 1.00 32.34 ? 133 LEU A CD1  1 
ATOM   925  C  CD2  . LEU A 1 153 ? 11.118  15.717  -11.576 1.00 34.38 ? 133 LEU A CD2  1 
ATOM   926  N  N    . ARG A 1 154 ? 11.085  11.115  -14.350 1.00 20.50 ? 134 ARG A N    1 
ATOM   927  C  CA   . ARG A 1 154 ? 10.552  9.751   -14.366 1.00 17.38 ? 134 ARG A CA   1 
ATOM   928  C  C    . ARG A 1 154 ? 11.597  8.741   -13.913 1.00 22.72 ? 134 ARG A C    1 
ATOM   929  O  O    . ARG A 1 154 ? 11.260  7.755   -13.254 1.00 22.27 ? 134 ARG A O    1 
ATOM   930  C  CB   . ARG A 1 154 ? 10.033  9.399   -15.757 1.00 19.44 ? 134 ARG A CB   1 
ATOM   931  C  CG   . ARG A 1 154 ? 8.712   10.073  -16.082 1.00 25.01 ? 134 ARG A CG   1 
ATOM   932  C  CD   . ARG A 1 154 ? 8.170   9.638   -17.426 1.00 31.20 ? 134 ARG A CD   1 
ATOM   933  N  NE   . ARG A 1 154 ? 8.611   10.523  -18.498 1.00 43.04 ? 134 ARG A NE   1 
ATOM   934  C  CZ   . ARG A 1 154 ? 9.432   10.157  -19.472 1.00 40.44 ? 134 ARG A CZ   1 
ATOM   935  N  NH1  . ARG A 1 154 ? 9.901   8.921   -19.516 1.00 49.28 ? 134 ARG A NH1  1 
ATOM   936  N  NH2  . ARG A 1 154 ? 9.782   11.027  -20.404 1.00 38.82 ? 134 ARG A NH2  1 
ATOM   937  N  N    . VAL A 1 155 ? 12.874  8.972   -14.238 1.00 20.53 ? 135 VAL A N    1 
ATOM   938  C  CA   . VAL A 1 155 ? 13.928  8.092   -13.737 1.00 21.84 ? 135 VAL A CA   1 
ATOM   939  C  C    . VAL A 1 155 ? 13.947  8.119   -12.218 1.00 24.48 ? 135 VAL A C    1 
ATOM   940  O  O    . VAL A 1 155 ? 14.040  7.078   -11.557 1.00 24.56 ? 135 VAL A O    1 
ATOM   941  C  CB   . VAL A 1 155 ? 15.295  8.502   -14.312 1.00 24.16 ? 135 VAL A CB   1 
ATOM   942  C  CG1  . VAL A 1 155 ? 16.414  7.809   -13.543 1.00 25.71 ? 135 VAL A CG1  1 
ATOM   943  C  CG2  . VAL A 1 155 ? 15.362  8.171   -15.789 1.00 26.38 ? 135 VAL A CG2  1 
ATOM   944  N  N    . ARG A 1 156 ? 13.860  9.321   -11.646 1.00 22.00 ? 136 ARG A N    1 
ATOM   945  C  CA   A ARG A 1 156 ? 13.871  9.463   -10.192 0.54 23.18 ? 136 ARG A CA   1 
ATOM   946  C  CA   B ARG A 1 156 ? 13.886  9.438   -10.194 0.46 23.19 ? 136 ARG A CA   1 
ATOM   947  C  C    . ARG A 1 156 ? 12.618  8.862   -9.571  1.00 22.54 ? 136 ARG A C    1 
ATOM   948  O  O    . ARG A 1 156 ? 12.676  8.258   -8.495  1.00 21.80 ? 136 ARG A O    1 
ATOM   949  C  CB   A ARG A 1 156 ? 13.966  10.935  -9.803  0.54 27.89 ? 136 ARG A CB   1 
ATOM   950  C  CB   B ARG A 1 156 ? 14.078  10.899  -9.790  0.46 27.98 ? 136 ARG A CB   1 
ATOM   951  C  CG   A ARG A 1 156 ? 15.232  11.661  -10.237 0.54 35.35 ? 136 ARG A CG   1 
ATOM   952  C  CG   B ARG A 1 156 ? 15.491  11.432  -10.066 0.46 34.76 ? 136 ARG A CG   1 
ATOM   953  C  CD   A ARG A 1 156 ? 15.330  13.029  -9.545  0.54 38.52 ? 136 ARG A CD   1 
ATOM   954  C  CD   B ARG A 1 156 ? 15.590  12.943  -9.829  0.46 37.78 ? 136 ARG A CD   1 
ATOM   955  N  NE   A ARG A 1 156 ? 14.043  13.729  -9.498  0.54 40.27 ? 136 ARG A NE   1 
ATOM   956  N  NE   B ARG A 1 156 ? 15.451  13.712  -11.064 0.46 37.12 ? 136 ARG A NE   1 
ATOM   957  C  CZ   A ARG A 1 156 ? 13.264  13.808  -8.421  0.54 33.45 ? 136 ARG A CZ   1 
ATOM   958  C  CZ   B ARG A 1 156 ? 14.983  14.955  -11.128 0.46 38.17 ? 136 ARG A CZ   1 
ATOM   959  N  NH1  A ARG A 1 156 ? 13.632  13.229  -7.284  0.54 42.48 ? 136 ARG A NH1  1 
ATOM   960  N  NH1  B ARG A 1 156 ? 14.601  15.588  -10.027 0.46 35.63 ? 136 ARG A NH1  1 
ATOM   961  N  NH2  A ARG A 1 156 ? 12.115  14.460  -8.483  0.54 31.37 ? 136 ARG A NH2  1 
ATOM   962  N  NH2  B ARG A 1 156 ? 14.896  15.567  -12.299 0.46 32.97 ? 136 ARG A NH2  1 
ATOM   963  N  N    . LEU A 1 157 ? 11.463  9.040   -10.219 1.00 18.77 ? 137 LEU A N    1 
ATOM   964  C  CA   . LEU A 1 157 ? 10.243  8.466   -9.648  1.00 18.59 ? 137 LEU A CA   1 
ATOM   965  C  C    . LEU A 1 157 ? 10.319  6.943   -9.645  1.00 19.03 ? 137 LEU A C    1 
ATOM   966  O  O    . LEU A 1 157 ? 9.946   6.289   -8.663  1.00 20.23 ? 137 LEU A O    1 
ATOM   967  C  CB   . LEU A 1 157 ? 9.009   8.949   -10.421 1.00 19.79 ? 137 LEU A CB   1 
ATOM   968  C  CG   . LEU A 1 157 ? 7.691   8.238   -10.057 1.00 18.14 ? 137 LEU A CG   1 
ATOM   969  C  CD1  . LEU A 1 157 ? 7.317   8.521   -8.577  1.00 18.27 ? 137 LEU A CD1  1 
ATOM   970  C  CD2  . LEU A 1 157 ? 6.542   8.614   -10.974 1.00 19.82 ? 137 LEU A CD2  1 
ATOM   971  N  N    . ALA A 1 158 ? 10.810  6.355   -10.736 1.00 19.12 ? 138 ALA A N    1 
ATOM   972  C  CA   . ALA A 1 158 ? 10.909  4.900   -10.806 1.00 19.08 ? 138 ALA A CA   1 
ATOM   973  C  C    . ALA A 1 158 ? 11.757  4.343   -9.675  1.00 19.68 ? 138 ALA A C    1 
ATOM   974  O  O    . ALA A 1 158 ? 11.394  3.339   -9.056  1.00 19.26 ? 138 ALA A O    1 
ATOM   975  C  CB   . ALA A 1 158 ? 11.511  4.485   -12.149 1.00 20.49 ? 138 ALA A CB   1 
ATOM   976  N  N    . SER A 1 159 ? 12.891  4.980   -9.390  1.00 20.98 ? 139 SER A N    1 
ATOM   977  C  CA   A SER A 1 159 ? 13.791  4.493   -8.346  0.52 20.06 ? 139 SER A CA   1 
ATOM   978  C  CA   B SER A 1 159 ? 13.755  4.425   -8.358  0.48 20.08 ? 139 SER A CA   1 
ATOM   979  C  C    . SER A 1 159 ? 13.147  4.609   -6.975  1.00 23.01 ? 139 SER A C    1 
ATOM   980  O  O    . SER A 1 159 ? 13.269  3.711   -6.128  1.00 21.58 ? 139 SER A O    1 
ATOM   981  C  CB   A SER A 1 159 ? 15.106  5.278   -8.398  0.52 25.56 ? 139 SER A CB   1 
ATOM   982  C  CB   B SER A 1 159 ? 15.163  5.021   -8.454  0.48 25.92 ? 139 SER A CB   1 
ATOM   983  O  OG   A SER A 1 159 ? 15.963  4.920   -7.331  0.52 33.23 ? 139 SER A OG   1 
ATOM   984  O  OG   B SER A 1 159 ? 15.185  6.392   -8.149  0.48 23.07 ? 139 SER A OG   1 
ATOM   985  N  N    . HIS A 1 160 ? 12.445  5.719   -6.738  1.00 17.83 ? 140 HIS A N    1 
ATOM   986  C  CA   . HIS A 1 160 ? 11.807  5.926   -5.439  1.00 20.11 ? 140 HIS A CA   1 
ATOM   987  C  C    . HIS A 1 160 ? 10.636  4.972   -5.251  1.00 23.11 ? 140 HIS A C    1 
ATOM   988  O  O    . HIS A 1 160 ? 10.440  4.407   -4.166  1.00 18.98 ? 140 HIS A O    1 
ATOM   989  C  CB   . HIS A 1 160 ? 11.349  7.379   -5.330  1.00 21.85 ? 140 HIS A CB   1 
ATOM   990  C  CG   . HIS A 1 160 ? 11.076  7.834   -3.929  1.00 24.35 ? 140 HIS A CG   1 
ATOM   991  N  ND1  . HIS A 1 160 ? 10.777  9.143   -3.624  1.00 26.10 ? 140 HIS A ND1  1 
ATOM   992  C  CD2  . HIS A 1 160 ? 11.064  7.162   -2.752  1.00 26.88 ? 140 HIS A CD2  1 
ATOM   993  C  CE1  . HIS A 1 160 ? 10.587  9.260   -2.320  1.00 26.57 ? 140 HIS A CE1  1 
ATOM   994  N  NE2  . HIS A 1 160 ? 10.750  8.072   -1.769  1.00 25.49 ? 140 HIS A NE2  1 
ATOM   995  N  N    . LEU A 1 161 ? 9.835   4.781   -6.298  1.00 18.52 ? 141 LEU A N    1 
ATOM   996  C  CA   A LEU A 1 161 ? 8.721   3.850   -6.217  0.58 18.39 ? 141 LEU A CA   1 
ATOM   997  C  CA   B LEU A 1 161 ? 8.720   3.855   -6.215  0.42 18.48 ? 141 LEU A CA   1 
ATOM   998  C  C    . LEU A 1 161 ? 9.191   2.440   -5.883  1.00 19.38 ? 141 LEU A C    1 
ATOM   999  O  O    . LEU A 1 161 ? 8.534   1.717   -5.133  1.00 20.38 ? 141 LEU A O    1 
ATOM   1000 C  CB   A LEU A 1 161 ? 7.956   3.831   -7.536  0.58 18.87 ? 141 LEU A CB   1 
ATOM   1001 C  CB   B LEU A 1 161 ? 7.947   3.883   -7.533  0.42 18.87 ? 141 LEU A CB   1 
ATOM   1002 C  CG   A LEU A 1 161 ? 7.026   4.982   -7.875  0.58 18.00 ? 141 LEU A CG   1 
ATOM   1003 C  CG   B LEU A 1 161 ? 6.501   3.395   -7.570  0.42 17.49 ? 141 LEU A CG   1 
ATOM   1004 C  CD1  A LEU A 1 161 ? 6.362   4.656   -9.207  0.58 14.68 ? 141 LEU A CD1  1 
ATOM   1005 C  CD1  B LEU A 1 161 ? 5.635   4.148   -6.578  0.42 20.62 ? 141 LEU A CD1  1 
ATOM   1006 C  CD2  A LEU A 1 161 ? 5.977   5.178   -6.799  0.58 20.45 ? 141 LEU A CD2  1 
ATOM   1007 C  CD2  B LEU A 1 161 ? 5.963   3.550   -8.981  0.42 17.14 ? 141 LEU A CD2  1 
ATOM   1008 N  N    . ARG A 1 162 ? 10.333  2.028   -6.452  1.00 20.06 ? 142 ARG A N    1 
ATOM   1009 C  CA   A ARG A 1 162 ? 10.806  0.677   -6.151  0.49 18.40 ? 142 ARG A CA   1 
ATOM   1010 C  CA   B ARG A 1 162 ? 10.843  0.688   -6.157  0.51 18.39 ? 142 ARG A CA   1 
ATOM   1011 C  C    . ARG A 1 162 ? 11.081  0.516   -4.666  1.00 21.97 ? 142 ARG A C    1 
ATOM   1012 O  O    . ARG A 1 162 ? 10.736  -0.517  -4.083  1.00 21.82 ? 142 ARG A O    1 
ATOM   1013 C  CB   A ARG A 1 162 ? 12.051  0.328   -6.973  0.49 23.12 ? 142 ARG A CB   1 
ATOM   1014 C  CB   B ARG A 1 162 ? 12.137  0.442   -6.931  0.51 23.13 ? 142 ARG A CB   1 
ATOM   1015 C  CG   A ARG A 1 162 ? 12.179  -1.172  -7.251  0.49 26.13 ? 142 ARG A CG   1 
ATOM   1016 C  CG   B ARG A 1 162 ? 12.001  -0.484  -8.120  0.51 27.33 ? 142 ARG A CG   1 
ATOM   1017 C  CD   A ARG A 1 162 ? 13.178  -1.492  -8.375  0.49 28.93 ? 142 ARG A CD   1 
ATOM   1018 C  CD   B ARG A 1 162 ? 13.338  -0.625  -8.853  0.51 32.19 ? 142 ARG A CD   1 
ATOM   1019 N  NE   A ARG A 1 162 ? 12.958  -0.698  -9.590  0.49 32.93 ? 142 ARG A NE   1 
ATOM   1020 N  NE   B ARG A 1 162 ? 13.470  0.354   -9.928  0.51 34.55 ? 142 ARG A NE   1 
ATOM   1021 C  CZ   A ARG A 1 162 ? 12.219  -1.083  -10.629 0.49 30.20 ? 142 ARG A CZ   1 
ATOM   1022 C  CZ   B ARG A 1 162 ? 14.454  1.241   -10.025 0.51 29.62 ? 142 ARG A CZ   1 
ATOM   1023 N  NH1  A ARG A 1 162 ? 11.606  -2.260  -10.625 0.49 31.38 ? 142 ARG A NH1  1 
ATOM   1024 N  NH1  B ARG A 1 162 ? 14.472  2.092   -11.042 0.51 24.31 ? 142 ARG A NH1  1 
ATOM   1025 N  NH2  A ARG A 1 162 ? 12.092  -0.281  -11.678 0.49 35.45 ? 142 ARG A NH2  1 
ATOM   1026 N  NH2  B ARG A 1 162 ? 15.420  1.274   -9.114  0.51 30.84 ? 142 ARG A NH2  1 
ATOM   1027 N  N    . LYS A 1 163 ? 11.670  1.533   -4.032  1.00 19.79 ? 143 LYS A N    1 
ATOM   1028 C  CA   . LYS A 1 163 ? 11.936  1.483   -2.596  1.00 19.71 ? 143 LYS A CA   1 
ATOM   1029 C  C    . LYS A 1 163 ? 10.653  1.532   -1.773  1.00 19.70 ? 143 LYS A C    1 
ATOM   1030 O  O    . LYS A 1 163 ? 10.562  0.874   -0.730  1.00 22.07 ? 143 LYS A O    1 
ATOM   1031 C  CB   . LYS A 1 163 ? 12.856  2.631   -2.197  1.00 21.36 ? 143 LYS A CB   1 
ATOM   1032 C  CG   . LYS A 1 163 ? 14.306  2.381   -2.623  1.00 23.94 ? 143 LYS A CG   1 
ATOM   1033 C  CD   . LYS A 1 163 ? 15.197  3.578   -2.369  1.00 26.27 ? 143 LYS A CD   1 
ATOM   1034 C  CE   . LYS A 1 163 ? 16.644  3.236   -2.748  1.00 29.58 ? 143 LYS A CE   1 
ATOM   1035 N  NZ   . LYS A 1 163 ? 17.567  4.352   -2.455  1.00 31.69 ? 143 LYS A NZ   1 
ATOM   1036 N  N    . LEU A 1 164 ? 9.673   2.336   -2.194  1.00 18.05 ? 144 LEU A N    1 
ATOM   1037 C  CA   . LEU A 1 164 ? 8.402   2.369   -1.471  1.00 15.91 ? 144 LEU A CA   1 
ATOM   1038 C  C    . LEU A 1 164 ? 7.682   1.035   -1.574  1.00 20.42 ? 144 LEU A C    1 
ATOM   1039 O  O    . LEU A 1 164 ? 6.980   0.618   -0.642  1.00 19.88 ? 144 LEU A O    1 
ATOM   1040 C  CB   . LEU A 1 164 ? 7.500   3.479   -2.014  1.00 15.25 ? 144 LEU A CB   1 
ATOM   1041 C  CG   . LEU A 1 164 ? 8.057   4.881   -1.765  1.00 19.67 ? 144 LEU A CG   1 
ATOM   1042 C  CD1  . LEU A 1 164 ? 7.233   5.933   -2.459  1.00 21.52 ? 144 LEU A CD1  1 
ATOM   1043 C  CD2  . LEU A 1 164 ? 8.096   5.160   -0.269  1.00 23.86 ? 144 LEU A CD2  1 
ATOM   1044 N  N    . ARG A 1 165 ? 7.803   0.376   -2.725  1.00 17.55 ? 145 ARG A N    1 
ATOM   1045 C  CA   . ARG A 1 165 ? 7.151   -0.914  -2.917  1.00 16.96 ? 145 ARG A CA   1 
ATOM   1046 C  C    . ARG A 1 165 ? 7.825   -2.002  -2.090  1.00 22.42 ? 145 ARG A C    1 
ATOM   1047 O  O    . ARG A 1 165 ? 7.152   -2.898  -1.557  1.00 20.31 ? 145 ARG A O    1 
ATOM   1048 C  CB   . ARG A 1 165 ? 7.146   -1.257  -4.412  1.00 16.40 ? 145 ARG A CB   1 
ATOM   1049 C  CG   . ARG A 1 165 ? 6.168   -0.339  -5.186  1.00 17.46 ? 145 ARG A CG   1 
ATOM   1050 C  CD   . ARG A 1 165 ? 6.300   -0.467  -6.709  1.00 19.88 ? 145 ARG A CD   1 
ATOM   1051 N  NE   . ARG A 1 165 ? 5.939   -1.815  -7.144  1.00 21.00 ? 145 ARG A NE   1 
ATOM   1052 C  CZ   . ARG A 1 165 ? 6.712   -2.594  -7.891  1.00 23.58 ? 145 ARG A CZ   1 
ATOM   1053 N  NH1  . ARG A 1 165 ? 7.901   -2.160  -8.319  1.00 22.00 ? 145 ARG A NH1  1 
ATOM   1054 N  NH2  . ARG A 1 165 ? 6.288   -3.817  -8.208  1.00 24.55 ? 145 ARG A NH2  1 
ATOM   1055 N  N    . LYS A 1 166 ? 9.150   -1.935  -1.958  1.00 21.81 ? 146 LYS A N    1 
ATOM   1056 C  CA   . LYS A 1 166 ? 9.847   -2.894  -1.106  1.00 20.71 ? 146 LYS A CA   1 
ATOM   1057 C  C    . LYS A 1 166 ? 9.400   -2.767  0.331   1.00 22.54 ? 146 LYS A C    1 
ATOM   1058 O  O    . LYS A 1 166 ? 9.263   -3.772  1.037   1.00 23.20 ? 146 LYS A O    1 
ATOM   1059 C  CB   . LYS A 1 166 ? 11.353  -2.695  -1.181  1.00 25.90 ? 146 LYS A CB   1 
ATOM   1060 C  CG   . LYS A 1 166 ? 11.927  -3.041  -2.543  1.00 37.52 ? 146 LYS A CG   1 
ATOM   1061 C  CD   . LYS A 1 166 ? 13.443  -3.176  -2.493  1.00 43.70 ? 146 LYS A CD   1 
ATOM   1062 C  CE   . LYS A 1 166 ? 14.097  -1.838  -2.146  1.00 48.68 ? 146 LYS A CE   1 
ATOM   1063 N  NZ   . LYS A 1 166 ? 14.767  -1.166  -3.308  1.00 50.77 ? 146 LYS A NZ   1 
ATOM   1064 N  N    . ARG A 1 167 ? 9.207   -1.538  0.796   1.00 19.93 ? 147 ARG A N    1 
ATOM   1065 C  CA   . ARG A 1 167 ? 8.759   -1.343  2.174   1.00 20.51 ? 147 ARG A CA   1 
ATOM   1066 C  C    . ARG A 1 167 ? 7.334   -1.856  2.354   1.00 23.12 ? 147 ARG A C    1 
ATOM   1067 O  O    . ARG A 1 167 ? 7.029   -2.550  3.335   1.00 18.83 ? 147 ARG A O    1 
ATOM   1068 C  CB   . ARG A 1 167 ? 8.871   0.138   2.538   1.00 20.09 ? 147 ARG A CB   1 
ATOM   1069 C  CG   . ARG A 1 167 ? 7.978   0.555   3.703   1.00 23.93 ? 147 ARG A CG   1 
ATOM   1070 C  CD   . ARG A 1 167 ? 8.499   1.754   4.475   1.00 28.22 ? 147 ARG A CD   1 
ATOM   1071 N  NE   . ARG A 1 167 ? 8.665   3.011   3.741   1.00 27.66 ? 147 ARG A NE   1 
ATOM   1072 C  CZ   . ARG A 1 167 ? 7.743   3.964   3.649   1.00 23.98 ? 147 ARG A CZ   1 
ATOM   1073 N  NH1  . ARG A 1 167 ? 6.541   3.794   4.191   1.00 26.17 ? 147 ARG A NH1  1 
ATOM   1074 N  NH2  . ARG A 1 167 ? 8.025   5.100   3.012   1.00 23.00 ? 147 ARG A NH2  1 
ATOM   1075 N  N    . LEU A 1 168 ? 6.459   -1.577  1.387   1.00 19.20 ? 148 LEU A N    1 
ATOM   1076 C  CA   . LEU A 1 168 ? 5.100   -2.106  1.469   1.00 16.26 ? 148 LEU A CA   1 
ATOM   1077 C  C    . LEU A 1 168 ? 5.105   -3.629  1.511   1.00 17.91 ? 148 LEU A C    1 
ATOM   1078 O  O    . LEU A 1 168 ? 4.374   -4.235  2.297   1.00 21.17 ? 148 LEU A O    1 
ATOM   1079 C  CB   . LEU A 1 168 ? 4.276   -1.613  0.282   1.00 17.40 ? 148 LEU A CB   1 
ATOM   1080 C  CG   . LEU A 1 168 ? 2.863   -2.176  0.149   1.00 18.85 ? 148 LEU A CG   1 
ATOM   1081 C  CD1  . LEU A 1 168 ? 2.049   -1.856  1.379   1.00 26.57 ? 148 LEU A CD1  1 
ATOM   1082 C  CD2  . LEU A 1 168 ? 2.226   -1.544  -1.083  1.00 24.08 ? 148 LEU A CD2  1 
ATOM   1083 N  N    . LEU A 1 169 ? 5.918   -4.266  0.661   1.00 19.42 ? 149 LEU A N    1 
ATOM   1084 C  CA   . LEU A 1 169 ? 5.987   -5.726  0.665   1.00 21.99 ? 149 LEU A CA   1 
ATOM   1085 C  C    . LEU A 1 169 ? 6.488   -6.247  2.013   1.00 24.12 ? 149 LEU A C    1 
ATOM   1086 O  O    . LEU A 1 169 ? 5.916   -7.190  2.580   1.00 24.75 ? 149 LEU A O    1 
ATOM   1087 C  CB   . LEU A 1 169 ? 6.886   -6.204  -0.478  1.00 23.32 ? 149 LEU A CB   1 
ATOM   1088 C  CG   . LEU A 1 169 ? 7.019   -7.714  -0.703  1.00 32.86 ? 149 LEU A CG   1 
ATOM   1089 C  CD1  . LEU A 1 169 ? 5.654   -8.388  -0.761  1.00 31.56 ? 149 LEU A CD1  1 
ATOM   1090 C  CD2  . LEU A 1 169 ? 7.802   -7.960  -1.995  1.00 27.58 ? 149 LEU A CD2  1 
ATOM   1091 N  N    . ARG A 1 170 ? 7.556   -5.637  2.539   1.00 23.19 ? 150 ARG A N    1 
ATOM   1092 C  CA   A ARG A 1 170 ? 8.071   -6.036  3.851   0.48 23.54 ? 150 ARG A CA   1 
ATOM   1093 C  CA   B ARG A 1 170 ? 8.079   -5.998  3.861   0.52 23.55 ? 150 ARG A CA   1 
ATOM   1094 C  C    . ARG A 1 170 ? 6.977   -5.964  4.911   1.00 24.93 ? 150 ARG A C    1 
ATOM   1095 O  O    . ARG A 1 170 ? 6.820   -6.899  5.716   1.00 23.81 ? 150 ARG A O    1 
ATOM   1096 C  CB   A ARG A 1 170 ? 9.247   -5.147  4.267   0.48 27.60 ? 150 ARG A CB   1 
ATOM   1097 C  CB   B ARG A 1 170 ? 9.184   -5.009  4.259   0.52 27.69 ? 150 ARG A CB   1 
ATOM   1098 C  CG   A ARG A 1 170 ? 10.539  -5.336  3.499   0.48 30.19 ? 150 ARG A CG   1 
ATOM   1099 C  CG   B ARG A 1 170 ? 10.575  -5.561  4.401   0.52 32.86 ? 150 ARG A CG   1 
ATOM   1100 C  CD   A ARG A 1 170 ? 11.690  -4.588  4.189   0.48 28.64 ? 150 ARG A CD   1 
ATOM   1101 C  CD   B ARG A 1 170 ? 11.380  -4.758  5.442   0.52 31.67 ? 150 ARG A CD   1 
ATOM   1102 N  NE   A ARG A 1 170 ? 11.554  -3.126  4.148   0.48 29.35 ? 150 ARG A NE   1 
ATOM   1103 N  NE   B ARG A 1 170 ? 11.339  -3.299  5.273   0.52 30.15 ? 150 ARG A NE   1 
ATOM   1104 C  CZ   A ARG A 1 170 ? 12.240  -2.341  3.320   0.48 31.39 ? 150 ARG A CZ   1 
ATOM   1105 C  CZ   B ARG A 1 170 ? 11.155  -2.438  6.278   0.52 32.52 ? 150 ARG A CZ   1 
ATOM   1106 N  NH1  A ARG A 1 170 ? 13.096  -2.880  2.466   0.48 33.54 ? 150 ARG A NH1  1 
ATOM   1107 N  NH1  B ARG A 1 170 ? 10.974  -2.891  7.510   0.52 35.59 ? 150 ARG A NH1  1 
ATOM   1108 N  NH2  A ARG A 1 170 ? 12.077  -1.022  3.340   0.48 19.52 ? 150 ARG A NH2  1 
ATOM   1109 N  NH2  B ARG A 1 170 ? 11.156  -1.124  6.062   0.52 26.86 ? 150 ARG A NH2  1 
ATOM   1110 N  N    . ASP A 1 171 ? 6.229   -4.863  4.938   1.00 19.92 ? 151 ASP A N    1 
ATOM   1111 C  CA   . ASP A 1 171 ? 5.210   -4.680  5.958   1.00 19.18 ? 151 ASP A CA   1 
ATOM   1112 C  C    . ASP A 1 171 ? 4.025   -5.619  5.759   1.00 22.01 ? 151 ASP A C    1 
ATOM   1113 O  O    . ASP A 1 171 ? 3.418   -6.050  6.745   1.00 20.03 ? 151 ASP A O    1 
ATOM   1114 C  CB   . ASP A 1 171 ? 4.763   -3.219  5.972   1.00 21.83 ? 151 ASP A CB   1 
ATOM   1115 C  CG   . ASP A 1 171 ? 5.833   -2.303  6.539   1.00 30.13 ? 151 ASP A CG   1 
ATOM   1116 O  OD1  . ASP A 1 171 ? 6.731   -2.793  7.261   1.00 28.09 ? 151 ASP A OD1  1 
ATOM   1117 O  OD2  . ASP A 1 171 ? 5.790   -1.090  6.281   1.00 24.99 ? 151 ASP A OD2  1 
ATOM   1118 N  N    . ALA A 1 172 ? 3.671   -5.941  4.513   1.00 19.40 ? 152 ALA A N    1 
ATOM   1119 C  CA   . ALA A 1 172 ? 2.567   -6.883  4.299   1.00 21.31 ? 152 ALA A CA   1 
ATOM   1120 C  C    . ALA A 1 172 ? 2.951   -8.287  4.754   1.00 23.67 ? 152 ALA A C    1 
ATOM   1121 O  O    . ALA A 1 172 ? 2.127   -9.006  5.336   1.00 22.73 ? 152 ALA A O    1 
ATOM   1122 C  CB   . ALA A 1 172 ? 2.149   -6.905  2.830   1.00 20.08 ? 152 ALA A CB   1 
ATOM   1123 N  N    . ASP A 1 173 ? 4.202   -8.690  4.511   1.00 23.94 ? 153 ASP A N    1 
ATOM   1124 C  CA   . ASP A 1 173 ? 4.642   -10.005 4.970   1.00 26.83 ? 153 ASP A CA   1 
ATOM   1125 C  C    . ASP A 1 173 ? 4.641   -10.078 6.487   1.00 28.11 ? 153 ASP A C    1 
ATOM   1126 O  O    . ASP A 1 173 ? 4.220   -11.087 7.067   1.00 28.86 ? 153 ASP A O    1 
ATOM   1127 C  CB   . ASP A 1 173 ? 6.035   -10.321 4.431   1.00 28.39 ? 153 ASP A CB   1 
ATOM   1128 C  CG   . ASP A 1 173 ? 6.029   -10.617 2.946   1.00 39.66 ? 153 ASP A CG   1 
ATOM   1129 O  OD1  . ASP A 1 173 ? 4.926   -10.809 2.380   1.00 39.98 ? 153 ASP A OD1  1 
ATOM   1130 O  OD2  . ASP A 1 173 ? 7.125   -10.664 2.344   1.00 44.36 ? 153 ASP A OD2  1 
ATOM   1131 N  N    . ASP A 1 174 ? 5.107   -9.017  7.145   1.00 24.34 ? 154 ASP A N    1 
ATOM   1132 C  CA   . ASP A 1 174 ? 5.090   -8.978  8.604   1.00 25.18 ? 154 ASP A CA   1 
ATOM   1133 C  C    . ASP A 1 174 ? 3.669   -9.028  9.142   1.00 27.03 ? 154 ASP A C    1 
ATOM   1134 O  O    . ASP A 1 174 ? 3.399   -9.668  10.160  1.00 26.89 ? 154 ASP A O    1 
ATOM   1135 C  CB   . ASP A 1 174 ? 5.777   -7.713  9.103   1.00 27.35 ? 154 ASP A CB   1 
ATOM   1136 C  CG   . ASP A 1 174 ? 5.882   -7.669  10.615  1.00 37.32 ? 154 ASP A CG   1 
ATOM   1137 O  OD1  . ASP A 1 174 ? 6.699   -8.431  11.171  1.00 44.49 ? 154 ASP A OD1  1 
ATOM   1138 O  OD2  . ASP A 1 174 ? 5.162   -6.865  11.250  1.00 40.39 ? 154 ASP A OD2  1 
ATOM   1139 N  N    . LEU A 1 175 ? 2.752   -8.325  8.487   1.00 22.00 ? 155 LEU A N    1 
ATOM   1140 C  CA   . LEU A 1 175 ? 1.367   -8.352  8.926   1.00 23.46 ? 155 LEU A CA   1 
ATOM   1141 C  C    . LEU A 1 175 ? 0.785   -9.750  8.766   1.00 23.20 ? 155 LEU A C    1 
ATOM   1142 O  O    . LEU A 1 175 ? 0.128   -10.267 9.680   1.00 25.33 ? 155 LEU A O    1 
ATOM   1143 C  CB   . LEU A 1 175 ? 0.583   -7.311  8.131   1.00 24.03 ? 155 LEU A CB   1 
ATOM   1144 C  CG   . LEU A 1 175 ? -0.922  -7.243  8.328   1.00 27.54 ? 155 LEU A CG   1 
ATOM   1145 C  CD1  . LEU A 1 175 ? -1.256  -6.957  9.778   1.00 21.43 ? 155 LEU A CD1  1 
ATOM   1146 C  CD2  . LEU A 1 175 ? -1.467  -6.167  7.405   1.00 23.87 ? 155 LEU A CD2  1 
ATOM   1147 N  N    . GLN A 1 176 ? 1.049   -10.396 7.625   1.00 23.05 ? 156 GLN A N    1 
ATOM   1148 C  CA   . GLN A 1 176 ? 0.538   -11.748 7.408   1.00 21.93 ? 156 GLN A CA   1 
ATOM   1149 C  C    . GLN A 1 176 ? 1.061   -12.709 8.463   1.00 29.34 ? 156 GLN A C    1 
ATOM   1150 O  O    . GLN A 1 176 ? 0.314   -13.557 8.972   1.00 26.87 ? 156 GLN A O    1 
ATOM   1151 C  CB   . GLN A 1 176 ? 0.922   -12.245 6.022   1.00 27.18 ? 156 GLN A CB   1 
ATOM   1152 C  CG   . GLN A 1 176 ? 0.274   -13.569 5.648   1.00 32.77 ? 156 GLN A CG   1 
ATOM   1153 C  CD   . GLN A 1 176 ? 0.888   -14.150 4.400   1.00 37.28 ? 156 GLN A CD   1 
ATOM   1154 O  OE1  . GLN A 1 176 ? 2.102   -14.073 4.213   1.00 41.50 ? 156 GLN A OE1  1 
ATOM   1155 N  NE2  . GLN A 1 176 ? 0.061   -14.730 3.532   1.00 39.72 ? 156 GLN A NE2  1 
ATOM   1156 N  N    . LYS A 1 177 ? 2.341   -12.589 8.809   1.00 25.29 ? 157 LYS A N    1 
ATOM   1157 C  CA   . LYS A 1 177 ? 2.908   -13.460 9.831   1.00 29.54 ? 157 LYS A CA   1 
ATOM   1158 C  C    . LYS A 1 177 ? 2.265   -13.215 11.186  1.00 30.91 ? 157 LYS A C    1 
ATOM   1159 O  O    . LYS A 1 177 ? 1.977   -14.164 11.922  1.00 32.96 ? 157 LYS A O    1 
ATOM   1160 C  CB   . LYS A 1 177 ? 4.426   -13.277 9.904   1.00 30.13 ? 157 LYS A CB   1 
ATOM   1161 C  CG   . LYS A 1 177 ? 5.183   -14.207 8.953   1.00 49.90 ? 157 LYS A CG   1 
ATOM   1162 C  CD   . LYS A 1 177 ? 6.531   -13.633 8.518   1.00 52.41 ? 157 LYS A CD   1 
ATOM   1163 C  CE   . LYS A 1 177 ? 7.121   -14.437 7.359   1.00 57.94 ? 157 LYS A CE   1 
ATOM   1164 N  NZ   . LYS A 1 177 ? 7.373   -13.586 6.150   1.00 58.28 ? 157 LYS A NZ   1 
ATOM   1165 N  N    . ARG A 1 178 ? 2.027   -11.950 11.540  1.00 27.12 ? 158 ARG A N    1 
ATOM   1166 C  CA   . ARG A 1 178 ? 1.391   -11.668 12.821  1.00 25.20 ? 158 ARG A CA   1 
ATOM   1167 C  C    . ARG A 1 178 ? -0.026  -12.215 12.857  1.00 31.45 ? 158 ARG A C    1 
ATOM   1168 O  O    . ARG A 1 178 ? -0.458  -12.761 13.877  1.00 27.87 ? 158 ARG A O    1 
ATOM   1169 C  CB   . ARG A 1 178 ? 1.369   -10.168 13.111  1.00 24.81 ? 158 ARG A CB   1 
ATOM   1170 C  CG   . ARG A 1 178 ? 2.733   -9.595  13.390  1.00 31.63 ? 158 ARG A CG   1 
ATOM   1171 C  CD   . ARG A 1 178 ? 2.643   -8.134  13.758  1.00 31.09 ? 158 ARG A CD   1 
ATOM   1172 N  NE   . ARG A 1 178 ? 3.964   -7.512  13.696  1.00 36.56 ? 158 ARG A NE   1 
ATOM   1173 C  CZ   . ARG A 1 178 ? 4.818   -7.459  14.712  1.00 46.00 ? 158 ARG A CZ   1 
ATOM   1174 N  NH1  . ARG A 1 178 ? 4.491   -7.978  15.887  1.00 41.66 ? 158 ARG A NH1  1 
ATOM   1175 N  NH2  . ARG A 1 178 ? 5.999   -6.873  14.552  1.00 49.63 ? 158 ARG A NH2  1 
ATOM   1176 N  N    . LEU A 1 179 ? -0.772  -12.056 11.759  1.00 23.59 ? 159 LEU A N    1 
ATOM   1177 C  CA   . LEU A 1 179 ? -2.136  -12.572 11.734  1.00 26.08 ? 159 LEU A CA   1 
ATOM   1178 C  C    . LEU A 1 179 ? -2.153  -14.088 11.886  1.00 31.25 ? 159 LEU A C    1 
ATOM   1179 O  O    . LEU A 1 179 ? -3.082  -14.642 12.488  1.00 31.80 ? 159 LEU A O    1 
ATOM   1180 C  CB   . LEU A 1 179 ? -2.827  -12.154 10.436  1.00 26.45 ? 159 LEU A CB   1 
ATOM   1181 C  CG   . LEU A 1 179 ? -3.180  -10.675 10.304  1.00 25.72 ? 159 LEU A CG   1 
ATOM   1182 C  CD1  . LEU A 1 179 ? -3.471  -10.346 8.851   1.00 22.49 ? 159 LEU A CD1  1 
ATOM   1183 C  CD2  . LEU A 1 179 ? -4.405  -10.334 11.155  1.00 25.04 ? 159 LEU A CD2  1 
ATOM   1184 N  N    . ALA A 1 180 ? -1.127  -14.767 11.369  1.00 29.20 ? 160 ALA A N    1 
ATOM   1185 C  CA   . ALA A 1 180 ? -1.114  -16.227 11.339  1.00 37.32 ? 160 ALA A CA   1 
ATOM   1186 C  C    . ALA A 1 180 ? -0.927  -16.845 12.720  1.00 38.89 ? 160 ALA A C    1 
ATOM   1187 O  O    . ALA A 1 180 ? -1.319  -17.998 12.923  1.00 37.14 ? 160 ALA A O    1 
ATOM   1188 C  CB   . ALA A 1 180 ? -0.017  -16.729 10.399  1.00 33.16 ? 160 ALA A CB   1 
ATOM   1189 N  N    . VAL A 1 181 ? -0.346  -16.122 13.673  1.00 34.73 ? 161 VAL A N    1 
ATOM   1190 C  CA   . VAL A 1 181 ? -0.180  -16.645 15.025  1.00 34.77 ? 161 VAL A CA   1 
ATOM   1191 C  C    . VAL A 1 181 ? -1.045  -15.901 16.027  1.00 36.02 ? 161 VAL A C    1 
ATOM   1192 O  O    . VAL A 1 181 ? -0.956  -16.161 17.227  1.00 34.07 ? 161 VAL A O    1 
ATOM   1193 C  CB   . VAL A 1 181 ? 1.293   -16.627 15.460  1.00 37.26 ? 161 VAL A CB   1 
ATOM   1194 C  CG1  . VAL A 1 181 ? 2.127   -17.492 14.528  1.00 37.36 ? 161 VAL A CG1  1 
ATOM   1195 C  CG2  . VAL A 1 181 ? 1.827   -15.205 15.503  1.00 36.61 ? 161 VAL A CG2  1 
ATOM   1196 N  N    . TYR A 1 182 ? -1.892  -14.987 15.561  1.00 30.10 ? 162 TYR A N    1 
ATOM   1197 C  CA   . TYR A 1 182 ? -2.671  -14.155 16.472  1.00 29.56 ? 162 TYR A CA   1 
ATOM   1198 C  C    . TYR A 1 182 ? -3.631  -14.986 17.312  1.00 34.85 ? 162 TYR A C    1 
ATOM   1199 O  O    . TYR A 1 182 ? -3.751  -14.774 18.528  1.00 37.27 ? 162 TYR A O    1 
ATOM   1200 C  CB   . TYR A 1 182 ? -3.442  -13.105 15.671  1.00 30.09 ? 162 TYR A CB   1 
ATOM   1201 C  CG   . TYR A 1 182 ? -4.261  -12.158 16.515  1.00 28.92 ? 162 TYR A CG   1 
ATOM   1202 C  CD1  . TYR A 1 182 ? -3.667  -11.388 17.498  1.00 31.69 ? 162 TYR A CD1  1 
ATOM   1203 C  CD2  . TYR A 1 182 ? -5.629  -12.021 16.307  1.00 28.40 ? 162 TYR A CD2  1 
ATOM   1204 C  CE1  . TYR A 1 182 ? -4.406  -10.516 18.266  1.00 31.83 ? 162 TYR A CE1  1 
ATOM   1205 C  CE2  . TYR A 1 182 ? -6.382  -11.143 17.067  1.00 33.71 ? 162 TYR A CE2  1 
ATOM   1206 C  CZ   . TYR A 1 182 ? -5.761  -10.396 18.049  1.00 36.27 ? 162 TYR A CZ   1 
ATOM   1207 O  OH   . TYR A 1 182 ? -6.495  -9.520  18.811  1.00 38.48 ? 162 TYR A OH   1 
ATOM   1208 N  N    . GLN A 1 183 ? -4.342  -15.920 16.678  1.00 33.43 ? 163 GLN A N    1 
ATOM   1209 C  CA   . GLN A 1 183 ? -5.353  -16.700 17.389  1.00 37.94 ? 163 GLN A CA   1 
ATOM   1210 C  C    . GLN A 1 183 ? -4.729  -17.499 18.527  1.00 40.69 ? 163 GLN A C    1 
ATOM   1211 O  O    . GLN A 1 183 ? -5.197  -17.445 19.672  1.00 43.09 ? 163 GLN A O    1 
ATOM   1212 C  CB   . GLN A 1 183 ? -6.072  -17.624 16.408  1.00 37.88 ? 163 GLN A CB   1 
ATOM   1213 C  CG   . GLN A 1 183 ? -6.988  -16.882 15.454  1.00 40.46 ? 163 GLN A CG   1 
ATOM   1214 C  CD   . GLN A 1 183 ? -7.514  -17.765 14.344  1.00 41.45 ? 163 GLN A CD   1 
ATOM   1215 O  OE1  . GLN A 1 183 ? -8.704  -18.085 14.308  1.00 52.50 ? 163 GLN A OE1  1 
ATOM   1216 N  NE2  . GLN A 1 183 ? -6.639  -18.149 13.420  1.00 38.77 ? 163 GLN A NE2  1 
ATOM   1217 N  N    . ALA A 1 184 ? -3.664  -18.235 18.227  1.00 42.90 ? 164 ALA A N    1 
ATOM   1218 C  CA   . ALA A 1 184 ? -2.875  -18.926 19.234  1.00 44.31 ? 164 ALA A CA   1 
ATOM   1219 C  C    . ALA A 1 184 ? -2.363  -17.959 20.300  1.00 48.55 ? 164 ALA A C    1 
ATOM   1220 O  O    . ALA A 1 184 ? -2.182  -18.339 21.458  1.00 49.86 ? 164 ALA A O    1 
ATOM   1221 C  CB   . ALA A 1 184 ? -1.712  -19.646 18.575  1.00 45.81 ? 164 ALA A CB   1 
HETATM 1222 C  C10  . KQP B 2 .   ? -1.140  -10.333 -6.115  1.00 32.64 ? 201 KQP A C10  1 
HETATM 1223 C  C13  . KQP B 2 .   ? 1.516   -8.414  -1.409  1.00 33.46 ? 201 KQP A C13  1 
HETATM 1224 C  C15  . KQP B 2 .   ? 1.564   -9.223  -0.311  1.00 37.14 ? 201 KQP A C15  1 
HETATM 1225 C  C17  . KQP B 2 .   ? 0.127   -10.847 -1.455  1.00 39.36 ? 201 KQP A C17  1 
HETATM 1226 C  C20  . KQP B 2 .   ? 0.296   -11.157 2.777   1.00 38.61 ? 201 KQP A C20  1 
HETATM 1227 C  C21  . KQP B 2 .   ? 1.689   -10.995 2.196   1.00 39.80 ? 201 KQP A C21  1 
HETATM 1228 C  C22  . KQP B 2 .   ? 1.849   -12.397 0.456   1.00 49.07 ? 201 KQP A C22  1 
HETATM 1229 C  C01  . KQP B 2 .   ? -4.494  -10.452 -7.007  1.00 32.79 ? 201 KQP A C01  1 
HETATM 1230 C  C02  . KQP B 2 .   ? -3.248  -11.320 -7.104  1.00 34.88 ? 201 KQP A C02  1 
HETATM 1231 C  C03  . KQP B 2 .   ? -3.641  -12.821 -7.117  1.00 38.65 ? 201 KQP A C03  1 
HETATM 1232 C  C05  . KQP B 2 .   ? -2.341  -10.997 -5.911  1.00 31.83 ? 201 KQP A C05  1 
HETATM 1233 C  C06  . KQP B 2 .   ? -2.740  -11.358 -4.606  1.00 27.56 ? 201 KQP A C06  1 
HETATM 1234 C  C07  . KQP B 2 .   ? -1.906  -11.042 -3.517  1.00 29.47 ? 201 KQP A C07  1 
HETATM 1235 C  C08  . KQP B 2 .   ? -0.691  -10.401 -3.726  1.00 34.08 ? 201 KQP A C08  1 
HETATM 1236 C  C09  . KQP B 2 .   ? -0.302  -10.016 -5.021  1.00 30.45 ? 201 KQP A C09  1 
HETATM 1237 C  C11  . KQP B 2 .   ? 0.110   -10.047 -2.560  1.00 37.40 ? 201 KQP A C11  1 
HETATM 1238 C  C12  . KQP B 2 .   ? 0.779   -8.787  -2.552  1.00 30.25 ? 201 KQP A C12  1 
HETATM 1239 C  C16  . KQP B 2 .   ? 0.910   -10.458 -0.315  1.00 33.96 ? 201 KQP A C16  1 
HETATM 1240 C  C18  . KQP B 2 .   ? 0.958   -11.218 0.938   1.00 44.94 ? 201 KQP A C18  1 
HETATM 1241 C  C19  . KQP B 2 .   ? -0.090  -12.019 1.580   1.00 40.16 ? 201 KQP A C19  1 
HETATM 1242 N  N23  . KQP B 2 .   ? 3.109   -12.328 0.540   1.00 41.25 ? 201 KQP A N23  1 
HETATM 1243 N  N24  . KQP B 2 .   ? 1.242   -13.611 -0.073  1.00 46.94 ? 201 KQP A N24  1 
HETATM 1244 O  O04  . KQP B 2 .   ? -2.559  -10.970 -8.345  1.00 37.58 ? 201 KQP A O04  1 
HETATM 1245 CL CL14 . KQP B 2 .   ? 2.426   -6.846  -1.289  1.00 35.77 ? 201 KQP A CL14 1 
HETATM 1246 O  O    . HOH C 3 .   ? 15.724  13.418  -6.575  1.00 51.21 ? 301 HOH A O    1 
HETATM 1247 O  O    . HOH C 3 .   ? 17.350  11.022  -17.894 1.00 46.82 ? 302 HOH A O    1 
HETATM 1248 O  O    . HOH C 3 .   ? 4.559   -5.150  22.132  1.00 45.65 ? 303 HOH A O    1 
HETATM 1249 O  O    . HOH C 3 .   ? 1.921   -8.431  -10.810 1.00 39.61 ? 304 HOH A O    1 
HETATM 1250 O  O    . HOH C 3 .   ? 8.510   13.770  -8.877  1.00 29.40 ? 305 HOH A O    1 
HETATM 1251 O  O    . HOH C 3 .   ? 5.773   7.525   -24.486 1.00 44.40 ? 306 HOH A O    1 
HETATM 1252 O  O    . HOH C 3 .   ? 4.740   -4.123  10.673  1.00 38.30 ? 307 HOH A O    1 
HETATM 1253 O  O    . HOH C 3 .   ? -5.084  -15.907 0.247   1.00 50.72 ? 308 HOH A O    1 
HETATM 1254 O  O    . HOH C 3 .   ? 7.111   -4.025  9.339   1.00 41.03 ? 309 HOH A O    1 
HETATM 1255 O  O    . HOH C 3 .   ? -4.704  12.560  -2.528  1.00 56.67 ? 310 HOH A O    1 
HETATM 1256 O  O    . HOH C 3 .   ? -6.733  9.910   -16.644 1.00 39.46 ? 311 HOH A O    1 
HETATM 1257 O  O    . HOH C 3 .   ? -11.926 3.164   -8.770  1.00 40.19 ? 312 HOH A O    1 
HETATM 1258 O  O    . HOH C 3 .   ? -6.436  -20.736 18.360  1.00 51.64 ? 313 HOH A O    1 
HETATM 1259 O  O    . HOH C 3 .   ? 2.653   -9.325  17.146  1.00 39.91 ? 314 HOH A O    1 
HETATM 1260 O  O    . HOH C 3 .   ? 5.203   6.098   6.553   1.00 40.08 ? 315 HOH A O    1 
HETATM 1261 O  O    . HOH C 3 .   ? -4.394  -15.494 9.355   1.00 37.20 ? 316 HOH A O    1 
HETATM 1262 O  O    . HOH C 3 .   ? -13.749 -8.412  17.798  1.00 42.94 ? 317 HOH A O    1 
HETATM 1263 O  O    . HOH C 3 .   ? -11.087 -0.649  -8.002  1.00 42.82 ? 318 HOH A O    1 
HETATM 1264 O  O    . HOH C 3 .   ? -3.588  -13.217 6.184   1.00 30.28 ? 319 HOH A O    1 
HETATM 1265 O  O    . HOH C 3 .   ? 1.329   -10.063 -8.474  1.00 36.41 ? 320 HOH A O    1 
HETATM 1266 O  O    . HOH C 3 .   ? 5.472   20.188  -17.971 1.00 37.42 ? 321 HOH A O    1 
HETATM 1267 O  O    . HOH C 3 .   ? 4.059   11.898  -17.085 1.00 29.06 ? 322 HOH A O    1 
HETATM 1268 O  O    . HOH C 3 .   ? -7.223  -2.183  8.967   1.00 40.99 ? 323 HOH A O    1 
HETATM 1269 O  O    . HOH C 3 .   ? -0.348  -5.744  27.702  1.00 46.53 ? 324 HOH A O    1 
HETATM 1270 O  O    . HOH C 3 .   ? -10.808 -13.728 4.348   1.00 33.13 ? 325 HOH A O    1 
HETATM 1271 O  O    . HOH C 3 .   ? -12.823 -11.851 21.201  1.00 46.52 ? 326 HOH A O    1 
HETATM 1272 O  O    . HOH C 3 .   ? -0.402  11.555  -10.125 1.00 25.08 ? 327 HOH A O    1 
HETATM 1273 O  O    . HOH C 3 .   ? -11.171 -6.065  16.032  1.00 42.12 ? 328 HOH A O    1 
HETATM 1274 O  O    . HOH C 3 .   ? -4.701  -3.699  23.178  1.00 46.41 ? 329 HOH A O    1 
HETATM 1275 O  O    . HOH C 3 .   ? 3.140   22.411  -9.815  1.00 29.48 ? 330 HOH A O    1 
HETATM 1276 O  O    . HOH C 3 .   ? -12.008 -9.472  5.250   1.00 25.37 ? 331 HOH A O    1 
HETATM 1277 O  O    . HOH C 3 .   ? 9.420   19.035  -24.059 1.00 22.95 ? 332 HOH A O    1 
HETATM 1278 O  O    . HOH C 3 .   ? 5.705   9.497   0.022   1.00 32.65 ? 333 HOH A O    1 
HETATM 1279 O  O    . HOH C 3 .   ? -11.395 5.576   -13.019 1.00 49.74 ? 334 HOH A O    1 
HETATM 1280 O  O    . HOH C 3 .   ? -17.622 -9.487  9.330   1.00 26.07 ? 335 HOH A O    1 
HETATM 1281 O  O    . HOH C 3 .   ? -5.925  11.520  -5.759  1.00 38.95 ? 336 HOH A O    1 
HETATM 1282 O  O    . HOH C 3 .   ? -1.237  17.510  -14.061 1.00 34.51 ? 337 HOH A O    1 
HETATM 1283 O  O    . HOH C 3 .   ? 0.064   -12.071 16.451  1.00 31.68 ? 338 HOH A O    1 
HETATM 1284 O  O    . HOH C 3 .   ? -10.934 -5.065  13.513  1.00 32.31 ? 339 HOH A O    1 
HETATM 1285 O  O    . HOH C 3 .   ? 10.281  25.269  -15.726 1.00 46.79 ? 340 HOH A O    1 
HETATM 1286 O  O    . HOH C 3 .   ? 10.684  12.474  -9.692  1.00 25.60 ? 341 HOH A O    1 
HETATM 1287 O  O    . HOH C 3 .   ? 3.569   -4.291  15.222  1.00 32.34 ? 342 HOH A O    1 
HETATM 1288 O  O    . HOH C 3 .   ? -15.097 -16.080 9.982   1.00 28.06 ? 343 HOH A O    1 
HETATM 1289 O  O    . HOH C 3 .   ? -12.785 1.401   -2.354  1.00 32.26 ? 344 HOH A O    1 
HETATM 1290 O  O    . HOH C 3 .   ? 14.818  22.614  -16.524 1.00 41.67 ? 345 HOH A O    1 
HETATM 1291 O  O    . HOH C 3 .   ? -11.021 -9.098  -1.567  1.00 29.36 ? 346 HOH A O    1 
HETATM 1292 O  O    . HOH C 3 .   ? -17.156 -16.821 18.982  1.00 44.35 ? 347 HOH A O    1 
HETATM 1293 O  O    . HOH C 3 .   ? 6.269   18.490  -19.451 1.00 31.32 ? 348 HOH A O    1 
HETATM 1294 O  O    . HOH C 3 .   ? -11.062 1.694   4.415   1.00 29.47 ? 349 HOH A O    1 
HETATM 1295 O  O    . HOH C 3 .   ? -4.291  -16.785 13.920  1.00 35.30 ? 350 HOH A O    1 
HETATM 1296 O  O    . HOH C 3 .   ? -2.963  -18.745 15.605  1.00 39.27 ? 351 HOH A O    1 
HETATM 1297 O  O    . HOH C 3 .   ? 8.824   -8.659  6.436   1.00 36.06 ? 352 HOH A O    1 
HETATM 1298 O  O    . HOH C 3 .   ? 8.372   -10.502 10.431  1.00 47.17 ? 353 HOH A O    1 
HETATM 1299 O  O    . HOH C 3 .   ? 0.104   -9.409  16.918  1.00 31.01 ? 354 HOH A O    1 
HETATM 1300 O  O    . HOH C 3 .   ? -6.239  2.684   -15.173 1.00 31.59 ? 355 HOH A O    1 
HETATM 1301 O  O    . HOH C 3 .   ? -8.258  -17.496 8.346   1.00 43.82 ? 356 HOH A O    1 
HETATM 1302 O  O    . HOH C 3 .   ? -1.136  8.307   -25.247 1.00 41.18 ? 357 HOH A O    1 
HETATM 1303 O  O    . HOH C 3 .   ? -7.371  -14.242 24.520  1.00 48.80 ? 358 HOH A O    1 
HETATM 1304 O  O    . HOH C 3 .   ? 0.291   -5.481  -13.223 1.00 23.33 ? 359 HOH A O    1 
HETATM 1305 O  O    . HOH C 3 .   ? -11.027 6.923   -5.096  1.00 39.27 ? 360 HOH A O    1 
HETATM 1306 O  O    . HOH C 3 .   ? -7.946  -3.445  -3.230  1.00 23.70 ? 361 HOH A O    1 
HETATM 1307 O  O    . HOH C 3 .   ? 3.667   -3.388  -6.810  1.00 22.47 ? 362 HOH A O    1 
HETATM 1308 O  O    . HOH C 3 .   ? 2.263   10.254  3.055   1.00 40.71 ? 363 HOH A O    1 
HETATM 1309 O  O    . HOH C 3 .   ? 2.898   -4.086  8.704   1.00 26.90 ? 364 HOH A O    1 
HETATM 1310 O  O    . HOH C 3 .   ? 2.221   1.582   13.240  1.00 35.52 ? 365 HOH A O    1 
HETATM 1311 O  O    . HOH C 3 .   ? 10.502  1.487   -14.124 1.00 44.54 ? 366 HOH A O    1 
HETATM 1312 O  O    . HOH C 3 .   ? -8.763  7.188   1.875   1.00 48.11 ? 367 HOH A O    1 
HETATM 1313 O  O    . HOH C 3 .   ? 9.571   20.595  -11.277 1.00 31.82 ? 368 HOH A O    1 
HETATM 1314 O  O    . HOH C 3 .   ? -2.882  -19.568 11.201  1.00 43.06 ? 369 HOH A O    1 
HETATM 1315 O  O    . HOH C 3 .   ? -2.853  10.207  -10.777 1.00 23.96 ? 370 HOH A O    1 
HETATM 1316 O  O    . HOH C 3 .   ? 12.549  10.958  -5.822  1.00 33.99 ? 371 HOH A O    1 
HETATM 1317 O  O    . HOH C 3 .   ? -14.233 -3.220  7.947   1.00 31.56 ? 372 HOH A O    1 
HETATM 1318 O  O    . HOH C 3 .   ? -8.276  7.046   -18.968 1.00 49.13 ? 373 HOH A O    1 
HETATM 1319 O  O    . HOH C 3 .   ? -1.375  -14.023 -1.029  1.00 53.74 ? 374 HOH A O    1 
HETATM 1320 O  O    . HOH C 3 .   ? 15.276  4.627   -12.219 1.00 29.69 ? 375 HOH A O    1 
HETATM 1321 O  O    . HOH C 3 .   ? 1.928   24.349  -14.934 1.00 38.71 ? 376 HOH A O    1 
HETATM 1322 O  O    . HOH C 3 .   ? 15.384  1.843   -6.273  1.00 29.04 ? 377 HOH A O    1 
HETATM 1323 O  O    . HOH C 3 .   ? 7.131   26.569  -12.709 1.00 37.90 ? 378 HOH A O    1 
HETATM 1324 O  O    . HOH C 3 .   ? 4.450   -13.784 5.790   1.00 43.59 ? 379 HOH A O    1 
HETATM 1325 O  O    . HOH C 3 .   ? -16.260 -14.063 0.878   1.00 29.89 ? 380 HOH A O    1 
HETATM 1326 O  O    . HOH C 3 .   ? 2.211   14.711  -2.029  1.00 36.88 ? 381 HOH A O    1 
HETATM 1327 O  O    . HOH C 3 .   ? -9.652  -11.169 4.796   1.00 25.04 ? 382 HOH A O    1 
HETATM 1328 O  O    . HOH C 3 .   ? -2.496  11.757  -1.299  1.00 50.42 ? 383 HOH A O    1 
HETATM 1329 O  O    . HOH C 3 .   ? -5.081  13.934  -5.458  1.00 65.57 ? 384 HOH A O    1 
HETATM 1330 O  O    . HOH C 3 .   ? 5.097   18.517  -6.362  1.00 32.99 ? 385 HOH A O    1 
HETATM 1331 O  O    . HOH C 3 .   ? 17.898  3.146   -6.099  1.00 40.94 ? 386 HOH A O    1 
HETATM 1332 O  O    . HOH C 3 .   ? -12.663 -15.867 20.722  1.00 47.35 ? 387 HOH A O    1 
HETATM 1333 O  O    . HOH C 3 .   ? -11.451 0.771   -12.000 1.00 49.85 ? 388 HOH A O    1 
HETATM 1334 O  O    . HOH C 3 .   ? -2.134  -14.725 7.913   1.00 30.23 ? 389 HOH A O    1 
HETATM 1335 O  O    . HOH C 3 .   ? 0.283   17.768  -7.414  1.00 40.61 ? 390 HOH A O    1 
HETATM 1336 O  O    . HOH C 3 .   ? 10.670  -6.235  0.365   1.00 32.74 ? 391 HOH A O    1 
HETATM 1337 O  O    . HOH C 3 .   ? 4.951   2.785   -23.493 1.00 34.65 ? 392 HOH A O    1 
HETATM 1338 O  O    . HOH C 3 .   ? 1.594   7.878   5.460   1.00 41.08 ? 393 HOH A O    1 
HETATM 1339 O  O    . HOH C 3 .   ? 7.533   8.155   -22.823 1.00 44.23 ? 394 HOH A O    1 
HETATM 1340 O  O    . HOH C 3 .   ? 6.297   -7.141  18.058  1.00 49.07 ? 395 HOH A O    1 
HETATM 1341 O  O    . HOH C 3 .   ? 17.255  7.706   -9.787  1.00 37.05 ? 396 HOH A O    1 
HETATM 1342 O  O    . HOH C 3 .   ? -4.543  0.637   13.498  1.00 46.20 ? 397 HOH A O    1 
HETATM 1343 O  O    . HOH C 3 .   ? -12.601 -16.777 12.425  1.00 43.52 ? 398 HOH A O    1 
HETATM 1344 O  O    . HOH C 3 .   ? -2.465  4.155   8.805   1.00 41.10 ? 399 HOH A O    1 
HETATM 1345 O  O    . HOH C 3 .   ? 12.775  15.749  -16.104 1.00 35.11 ? 400 HOH A O    1 
HETATM 1346 O  O    . HOH C 3 .   ? 12.971  -5.641  1.349   1.00 42.18 ? 401 HOH A O    1 
HETATM 1347 O  O    . HOH C 3 .   ? 5.431   2.410   1.178   1.00 26.51 ? 402 HOH A O    1 
HETATM 1348 O  O    . HOH C 3 .   ? 14.824  21.824  -21.089 1.00 39.07 ? 403 HOH A O    1 
HETATM 1349 O  O    . HOH C 3 .   ? 7.026   -3.257  -12.763 1.00 33.25 ? 404 HOH A O    1 
HETATM 1350 O  O    . HOH C 3 .   ? -11.245 0.851   7.098   1.00 37.56 ? 405 HOH A O    1 
HETATM 1351 O  O    . HOH C 3 .   ? -4.208  4.439   4.921   1.00 46.95 ? 406 HOH A O    1 
HETATM 1352 O  O    . HOH C 3 .   ? 0.813   1.994   -22.319 1.00 38.44 ? 407 HOH A O    1 
HETATM 1353 O  O    . HOH C 3 .   ? 9.417   5.290   -19.083 1.00 49.46 ? 408 HOH A O    1 
HETATM 1354 O  O    . HOH C 3 .   ? 3.422   -16.880 11.510  1.00 42.33 ? 409 HOH A O    1 
HETATM 1355 O  O    . HOH C 3 .   ? 9.748   -9.736  3.803   1.00 48.72 ? 410 HOH A O    1 
HETATM 1356 O  O    . HOH C 3 .   ? 7.370   19.027  -4.857  1.00 51.24 ? 411 HOH A O    1 
HETATM 1357 O  O    . HOH C 3 .   ? -3.687  13.707  -18.590 1.00 38.77 ? 412 HOH A O    1 
HETATM 1358 O  O    . HOH C 3 .   ? 14.618  -3.667  5.402   1.00 44.19 ? 413 HOH A O    1 
HETATM 1359 O  O    . HOH C 3 .   ? -8.735  -3.275  13.465  1.00 44.00 ? 414 HOH A O    1 
HETATM 1360 O  O    . HOH C 3 .   ? 7.512   8.206   1.845   1.00 37.02 ? 415 HOH A O    1 
HETATM 1361 O  O    . HOH C 3 .   ? -0.683  -20.511 15.135  1.00 43.86 ? 416 HOH A O    1 
HETATM 1362 O  O    . HOH C 3 .   ? -13.421 -11.344 6.627   1.00 36.14 ? 417 HOH A O    1 
HETATM 1363 O  O    . HOH C 3 .   ? 1.837   3.703   11.034  1.00 38.63 ? 418 HOH A O    1 
HETATM 1364 O  O    . HOH C 3 .   ? 10.816  23.084  -11.956 1.00 41.01 ? 419 HOH A O    1 
HETATM 1365 O  O    . HOH C 3 .   ? 2.674   17.109  -3.427  1.00 44.95 ? 420 HOH A O    1 
HETATM 1366 O  O    . HOH C 3 .   ? -0.490  19.415  -9.749  1.00 42.70 ? 421 HOH A O    1 
HETATM 1367 O  O    . HOH C 3 .   ? 4.414   -11.636 -2.987  1.00 48.77 ? 422 HOH A O    1 
HETATM 1368 O  O    . HOH C 3 .   ? -1.245  -16.843 6.441   1.00 46.98 ? 423 HOH A O    1 
HETATM 1369 O  O    . HOH C 3 .   ? 4.316   -12.585 14.628  1.00 41.36 ? 424 HOH A O    1 
HETATM 1370 O  O    . HOH C 3 .   ? -5.286  1.107   10.825  1.00 41.43 ? 425 HOH A O    1 
HETATM 1371 O  O    . HOH C 3 .   ? -2.367  6.429   7.160   1.00 43.15 ? 426 HOH A O    1 
HETATM 1372 O  O    . HOH C 3 .   ? -17.607 -1.316  5.918   1.00 59.73 ? 427 HOH A O    1 
HETATM 1373 O  O    . HOH C 3 .   ? -0.011  5.373   11.111  1.00 48.77 ? 428 HOH A O    1 
HETATM 1374 O  O    . HOH C 3 .   ? 9.389   -5.019  -4.503  1.00 43.94 ? 429 HOH A O    1 
HETATM 1375 O  O    . HOH C 3 .   ? 10.509  -8.650  1.495   1.00 46.18 ? 430 HOH A O    1 
HETATM 1376 O  O    . HOH C 3 .   ? -12.407 6.069   -3.284  1.00 44.58 ? 431 HOH A O    1 
HETATM 1377 O  O    . HOH C 3 .   ? -12.733 6.503   -6.892  1.00 50.97 ? 432 HOH A O    1 
HETATM 1378 O  O    . HOH C 3 .   ? -4.038  2.222   15.096  1.00 50.75 ? 433 HOH A O    1 
HETATM 1379 O  O    . HOH C 3 .   ? -4.370  14.715  -3.499  1.00 55.06 ? 434 HOH A O    1 
HETATM 1380 O  O    . HOH C 3 .   ? 17.753  4.963   -11.691 1.00 46.08 ? 435 HOH A O    1 
HETATM 1381 O  O    . HOH C 3 .   ? 14.295  4.227   -14.805 1.00 45.27 ? 436 HOH A O    1 
HETATM 1382 O  O    . HOH C 3 .   ? -14.577 -14.284 -1.189  1.00 38.36 ? 437 HOH A O    1 
HETATM 1383 O  O    . HOH C 3 .   ? 2.734   -12.197 16.839  1.00 37.16 ? 438 HOH A O    1 
HETATM 1384 O  O    . HOH C 3 .   ? -0.503  14.273  -1.113  1.00 46.51 ? 439 HOH A O    1 
HETATM 1385 O  O    . HOH C 3 .   ? 0.286   21.770  -9.872  1.00 47.88 ? 440 HOH A O    1 
HETATM 1386 O  O    . HOH C 3 .   ? 5.150   -17.333 12.847  1.00 52.53 ? 441 HOH A O    1 
HETATM 1387 O  O    . HOH C 3 .   ? 5.600   8.037   8.226   1.00 51.24 ? 442 HOH A O    1 
HETATM 1388 O  O    . HOH C 3 .   ? -0.673  7.849   6.542   1.00 44.07 ? 443 HOH A O    1 
HETATM 1389 O  O    . HOH C 3 .   ? -10.048 -14.771 24.545  1.00 49.58 ? 444 HOH A O    1 
HETATM 1390 O  O    . HOH C 3 .   ? -13.907 -0.251  7.856   1.00 40.78 ? 445 HOH A O    1 
HETATM 1391 O  O    . HOH C 3 .   ? 3.332   -17.257 8.494   1.00 53.11 ? 446 HOH A O    1 
HETATM 1392 O  O    . HOH C 3 .   ? 11.266  -6.766  -2.160  1.00 46.49 ? 447 HOH A O    1 
HETATM 1393 O  O    . HOH C 3 .   ? 7.625   -11.738 -2.367  1.00 49.28 ? 448 HOH A O    1 
HETATM 1394 O  O    . HOH C 3 .   ? -4.427  4.097   10.622  1.00 51.00 ? 449 HOH A O    1 
HETATM 1395 O  O    . HOH C 3 .   ? 1.120   3.336   -26.269 1.00 51.39 ? 450 HOH A O    1 
HETATM 1396 O  O    . HOH C 3 .   ? -0.399  7.858   9.270   1.00 52.89 ? 451 HOH A O    1 
# 
loop_
_pdbx_poly_seq_scheme.asym_id 
_pdbx_poly_seq_scheme.entity_id 
_pdbx_poly_seq_scheme.seq_id 
_pdbx_poly_seq_scheme.mon_id 
_pdbx_poly_seq_scheme.ndb_seq_num 
_pdbx_poly_seq_scheme.pdb_seq_num 
_pdbx_poly_seq_scheme.auth_seq_num 
_pdbx_poly_seq_scheme.pdb_mon_id 
_pdbx_poly_seq_scheme.auth_mon_id 
_pdbx_poly_seq_scheme.pdb_strand_id 
_pdbx_poly_seq_scheme.pdb_ins_code 
_pdbx_poly_seq_scheme.hetero 
A 1 1   GLY 1   -19 ?   ?   ?   A . n 
A 1 2   SER 2   -18 ?   ?   ?   A . n 
A 1 3   SER 3   -17 ?   ?   ?   A . n 
A 1 4   HIS 4   -16 ?   ?   ?   A . n 
A 1 5   HIS 5   -15 ?   ?   ?   A . n 
A 1 6   HIS 6   -14 ?   ?   ?   A . n 
A 1 7   HIS 7   -13 ?   ?   ?   A . n 
A 1 8   HIS 8   -12 ?   ?   ?   A . n 
A 1 9   HIS 9   -11 ?   ?   ?   A . n 
A 1 10  SER 10  -10 ?   ?   ?   A . n 
A 1 11  SER 11  -9  ?   ?   ?   A . n 
A 1 12  GLY 12  -8  ?   ?   ?   A . n 
A 1 13  LEU 13  -7  ?   ?   ?   A . n 
A 1 14  VAL 14  -6  ?   ?   ?   A . n 
A 1 15  PRO 15  -5  ?   ?   ?   A . n 
A 1 16  ARG 16  -4  ?   ?   ?   A . n 
A 1 17  GLY 17  -3  ?   ?   ?   A . n 
A 1 18  SER 18  -2  ?   ?   ?   A . n 
A 1 19  HIS 19  -1  ?   ?   ?   A . n 
A 1 20  MET 20  0   ?   ?   ?   A . n 
A 1 21  LYS 21  1   ?   ?   ?   A . n 
A 1 22  VAL 22  2   ?   ?   ?   A . n 
A 1 23  GLU 23  3   ?   ?   ?   A . n 
A 1 24  GLN 24  4   ?   ?   ?   A . n 
A 1 25  ALA 25  5   ?   ?   ?   A . n 
A 1 26  VAL 26  6   ?   ?   ?   A . n 
A 1 27  GLU 27  7   ?   ?   ?   A . n 
A 1 28  THR 28  8   ?   ?   ?   A . n 
A 1 29  GLU 29  9   ?   ?   ?   A . n 
A 1 30  PRO 30  10  ?   ?   ?   A . n 
A 1 31  GLU 31  11  ?   ?   ?   A . n 
A 1 32  PRO 32  12  ?   ?   ?   A . n 
A 1 33  GLU 33  13  ?   ?   ?   A . n 
A 1 34  LEU 34  14  ?   ?   ?   A . n 
A 1 35  ARG 35  15  ?   ?   ?   A . n 
A 1 36  GLN 36  16  ?   ?   ?   A . n 
A 1 37  GLN 37  17  ?   ?   ?   A . n 
A 1 38  THR 38  18  ?   ?   ?   A . n 
A 1 39  GLU 39  19  ?   ?   ?   A . n 
A 1 40  TRP 40  20  ?   ?   ?   A . n 
A 1 41  GLN 41  21  ?   ?   ?   A . n 
A 1 42  SER 42  22  ?   ?   ?   A . n 
A 1 43  GLY 43  23  ?   ?   ?   A . n 
A 1 44  GLN 44  24  24  GLN GLN A . n 
A 1 45  ARG 45  25  25  ARG ARG A . n 
A 1 46  TRP 46  26  26  TRP TRP A . n 
A 1 47  GLU 47  27  27  GLU GLU A . n 
A 1 48  LEU 48  28  28  LEU LEU A . n 
A 1 49  ALA 49  29  29  ALA ALA A . n 
A 1 50  LEU 50  30  30  LEU LEU A . n 
A 1 51  GLY 51  31  31  GLY GLY A . n 
A 1 52  ARG 52  32  32  ARG ARG A . n 
A 1 53  PHE 53  33  33  PHE PHE A . n 
A 1 54  TRP 54  34  34  TRP TRP A . n 
A 1 55  ASP 55  35  35  ASP ASP A . n 
A 1 56  TYR 56  36  36  TYR TYR A . n 
A 1 57  LEU 57  37  37  LEU LEU A . n 
A 1 58  ARG 58  38  38  ARG ARG A . n 
A 1 59  TRP 59  39  39  TRP TRP A . n 
A 1 60  VAL 60  40  40  VAL VAL A . n 
A 1 61  GLN 61  41  41  GLN GLN A . n 
A 1 62  THR 62  42  42  THR THR A . n 
A 1 63  LEU 63  43  43  LEU LEU A . n 
A 1 64  SER 64  44  44  SER SER A . n 
A 1 65  GLU 65  45  45  GLU GLU A . n 
A 1 66  GLN 66  46  46  GLN GLN A . n 
A 1 67  VAL 67  47  47  VAL VAL A . n 
A 1 68  GLN 68  48  48  GLN GLN A . n 
A 1 69  GLU 69  49  49  GLU GLU A . n 
A 1 70  GLU 70  50  50  GLU GLU A . n 
A 1 71  LEU 71  51  51  LEU LEU A . n 
A 1 72  LEU 72  52  52  LEU LEU A . n 
A 1 73  SER 73  53  53  SER SER A . n 
A 1 74  SER 74  54  54  SER SER A . n 
A 1 75  GLN 75  55  55  GLN GLN A . n 
A 1 76  VAL 76  56  56  VAL VAL A . n 
A 1 77  THR 77  57  57  THR THR A . n 
A 1 78  GLN 78  58  58  GLN GLN A . n 
A 1 79  GLU 79  59  59  GLU GLU A . n 
A 1 80  LEU 80  60  60  LEU LEU A . n 
A 1 81  ARG 81  61  61  ARG ARG A . n 
A 1 82  ALA 82  62  62  ALA ALA A . n 
A 1 83  LEU 83  63  63  LEU LEU A . n 
A 1 84  MET 84  64  64  MET MET A . n 
A 1 85  ASP 85  65  65  ASP ASP A . n 
A 1 86  GLU 86  66  66  GLU GLU A . n 
A 1 87  THR 87  67  67  THR THR A . n 
A 1 88  MET 88  68  68  MET MET A . n 
A 1 89  LYS 89  69  69  LYS LYS A . n 
A 1 90  GLU 90  70  70  GLU GLU A . n 
A 1 91  LEU 91  71  71  LEU LEU A . n 
A 1 92  LYS 92  72  72  LYS LYS A . n 
A 1 93  ALA 93  73  73  ALA ALA A . n 
A 1 94  TYR 94  74  74  TYR TYR A . n 
A 1 95  LYS 95  75  75  LYS LYS A . n 
A 1 96  SER 96  76  76  SER SER A . n 
A 1 97  GLU 97  77  77  GLU GLU A . n 
A 1 98  LEU 98  78  78  LEU LEU A . n 
A 1 99  GLU 99  79  79  GLU GLU A . n 
A 1 100 GLU 100 80  80  GLU GLU A . n 
A 1 101 GLN 101 81  81  GLN GLN A . n 
A 1 102 LEU 102 82  82  LEU LEU A . n 
A 1 103 THR 103 83  83  THR THR A . n 
A 1 104 PRO 104 84  84  PRO PRO A . n 
A 1 105 VAL 105 85  85  VAL VAL A . n 
A 1 106 ALA 106 86  86  ALA ALA A . n 
A 1 107 GLU 107 87  87  GLU GLU A . n 
A 1 108 GLU 108 88  88  GLU GLU A . n 
A 1 109 THR 109 89  89  THR THR A . n 
A 1 110 ARG 110 90  90  ARG ARG A . n 
A 1 111 ALA 111 91  91  ALA ALA A . n 
A 1 112 ARG 112 92  92  ARG ARG A . n 
A 1 113 LEU 113 93  93  LEU LEU A . n 
A 1 114 SER 114 94  94  SER SER A . n 
A 1 115 LYS 115 95  95  LYS LYS A . n 
A 1 116 GLU 116 96  96  GLU GLU A . n 
A 1 117 LEU 117 97  97  LEU LEU A . n 
A 1 118 GLN 118 98  98  GLN GLN A . n 
A 1 119 ALA 119 99  99  ALA ALA A . n 
A 1 120 ALA 120 100 100 ALA ALA A . n 
A 1 121 GLN 121 101 101 GLN GLN A . n 
A 1 122 ALA 122 102 102 ALA ALA A . n 
A 1 123 ARG 123 103 103 ARG ARG A . n 
A 1 124 LEU 124 104 104 LEU LEU A . n 
A 1 125 GLY 125 105 105 GLY GLY A . n 
A 1 126 ALA 126 106 106 ALA ALA A . n 
A 1 127 ASP 127 107 107 ASP ASP A . n 
A 1 128 MET 128 108 108 MET MET A . n 
A 1 129 GLU 129 109 109 GLU GLU A . n 
A 1 130 ASP 130 110 110 ASP ASP A . n 
A 1 131 VAL 131 111 111 VAL VAL A . n 
A 1 132 ARG 132 112 112 ARG ARG A . n 
A 1 133 GLY 133 113 113 GLY GLY A . n 
A 1 134 ARG 134 114 114 ARG ARG A . n 
A 1 135 LEU 135 115 115 LEU LEU A . n 
A 1 136 VAL 136 116 116 VAL VAL A . n 
A 1 137 GLN 137 117 117 GLN GLN A . n 
A 1 138 TYR 138 118 118 TYR TYR A . n 
A 1 139 ARG 139 119 119 ARG ARG A . n 
A 1 140 GLY 140 120 120 GLY GLY A . n 
A 1 141 GLU 141 121 121 GLU GLU A . n 
A 1 142 VAL 142 122 122 VAL VAL A . n 
A 1 143 GLN 143 123 123 GLN GLN A . n 
A 1 144 ALA 144 124 124 ALA ALA A . n 
A 1 145 MET 145 125 125 MET MET A . n 
A 1 146 LEU 146 126 126 LEU LEU A . n 
A 1 147 GLY 147 127 127 GLY GLY A . n 
A 1 148 GLN 148 128 128 GLN GLN A . n 
A 1 149 SER 149 129 129 SER SER A . n 
A 1 150 THR 150 130 130 THR THR A . n 
A 1 151 GLU 151 131 131 GLU GLU A . n 
A 1 152 GLU 152 132 132 GLU GLU A . n 
A 1 153 LEU 153 133 133 LEU LEU A . n 
A 1 154 ARG 154 134 134 ARG ARG A . n 
A 1 155 VAL 155 135 135 VAL VAL A . n 
A 1 156 ARG 156 136 136 ARG ARG A . n 
A 1 157 LEU 157 137 137 LEU LEU A . n 
A 1 158 ALA 158 138 138 ALA ALA A . n 
A 1 159 SER 159 139 139 SER SER A . n 
A 1 160 HIS 160 140 140 HIS HIS A . n 
A 1 161 LEU 161 141 141 LEU LEU A . n 
A 1 162 ARG 162 142 142 ARG ARG A . n 
A 1 163 LYS 163 143 143 LYS LYS A . n 
A 1 164 LEU 164 144 144 LEU LEU A . n 
A 1 165 ARG 165 145 145 ARG ARG A . n 
A 1 166 LYS 166 146 146 LYS LYS A . n 
A 1 167 ARG 167 147 147 ARG ARG A . n 
A 1 168 LEU 168 148 148 LEU LEU A . n 
A 1 169 LEU 169 149 149 LEU LEU A . n 
A 1 170 ARG 170 150 150 ARG ARG A . n 
A 1 171 ASP 171 151 151 ASP ASP A . n 
A 1 172 ALA 172 152 152 ALA ALA A . n 
A 1 173 ASP 173 153 153 ASP ASP A . n 
A 1 174 ASP 174 154 154 ASP ASP A . n 
A 1 175 LEU 175 155 155 LEU LEU A . n 
A 1 176 GLN 176 156 156 GLN GLN A . n 
A 1 177 LYS 177 157 157 LYS LYS A . n 
A 1 178 ARG 178 158 158 ARG ARG A . n 
A 1 179 LEU 179 159 159 LEU LEU A . n 
A 1 180 ALA 180 160 160 ALA ALA A . n 
A 1 181 VAL 181 161 161 VAL VAL A . n 
A 1 182 TYR 182 162 162 TYR TYR A . n 
A 1 183 GLN 183 163 163 GLN GLN A . n 
A 1 184 ALA 184 164 164 ALA ALA A . n 
A 1 185 GLY 185 165 ?   ?   ?   A . n 
# 
loop_
_pdbx_nonpoly_scheme.asym_id 
_pdbx_nonpoly_scheme.entity_id 
_pdbx_nonpoly_scheme.mon_id 
_pdbx_nonpoly_scheme.ndb_seq_num 
_pdbx_nonpoly_scheme.pdb_seq_num 
_pdbx_nonpoly_scheme.auth_seq_num 
_pdbx_nonpoly_scheme.pdb_mon_id 
_pdbx_nonpoly_scheme.auth_mon_id 
_pdbx_nonpoly_scheme.pdb_strand_id 
_pdbx_nonpoly_scheme.pdb_ins_code 
B 2 KQP 1   201 201 KQP LIG A . 
C 3 HOH 1   301 147 HOH HOH A . 
C 3 HOH 2   302 54  HOH HOH A . 
C 3 HOH 3   303 60  HOH HOH A . 
C 3 HOH 4   304 90  HOH HOH A . 
C 3 HOH 5   305 119 HOH HOH A . 
C 3 HOH 6   306 72  HOH HOH A . 
C 3 HOH 7   307 50  HOH HOH A . 
C 3 HOH 8   308 149 HOH HOH A . 
C 3 HOH 9   309 61  HOH HOH A . 
C 3 HOH 10  310 134 HOH HOH A . 
C 3 HOH 11  311 37  HOH HOH A . 
C 3 HOH 12  312 102 HOH HOH A . 
C 3 HOH 13  313 151 HOH HOH A . 
C 3 HOH 14  314 34  HOH HOH A . 
C 3 HOH 15  315 51  HOH HOH A . 
C 3 HOH 16  316 42  HOH HOH A . 
C 3 HOH 17  317 44  HOH HOH A . 
C 3 HOH 18  318 101 HOH HOH A . 
C 3 HOH 19  319 15  HOH HOH A . 
C 3 HOH 20  320 56  HOH HOH A . 
C 3 HOH 21  321 109 HOH HOH A . 
C 3 HOH 22  322 141 HOH HOH A . 
C 3 HOH 23  323 133 HOH HOH A . 
C 3 HOH 24  324 58  HOH HOH A . 
C 3 HOH 25  325 33  HOH HOH A . 
C 3 HOH 26  326 110 HOH HOH A . 
C 3 HOH 27  327 10  HOH HOH A . 
C 3 HOH 28  328 67  HOH HOH A . 
C 3 HOH 29  329 125 HOH HOH A . 
C 3 HOH 30  330 17  HOH HOH A . 
C 3 HOH 31  331 3   HOH HOH A . 
C 3 HOH 32  332 2   HOH HOH A . 
C 3 HOH 33  333 40  HOH HOH A . 
C 3 HOH 34  334 145 HOH HOH A . 
C 3 HOH 35  335 8   HOH HOH A . 
C 3 HOH 36  336 136 HOH HOH A . 
C 3 HOH 37  337 21  HOH HOH A . 
C 3 HOH 38  338 13  HOH HOH A . 
C 3 HOH 39  339 19  HOH HOH A . 
C 3 HOH 40  340 150 HOH HOH A . 
C 3 HOH 41  341 106 HOH HOH A . 
C 3 HOH 42  342 16  HOH HOH A . 
C 3 HOH 43  343 11  HOH HOH A . 
C 3 HOH 44  344 29  HOH HOH A . 
C 3 HOH 45  345 78  HOH HOH A . 
C 3 HOH 46  346 28  HOH HOH A . 
C 3 HOH 47  347 85  HOH HOH A . 
C 3 HOH 48  348 108 HOH HOH A . 
C 3 HOH 49  349 14  HOH HOH A . 
C 3 HOH 50  350 24  HOH HOH A . 
C 3 HOH 51  351 43  HOH HOH A . 
C 3 HOH 52  352 49  HOH HOH A . 
C 3 HOH 53  353 69  HOH HOH A . 
C 3 HOH 54  354 32  HOH HOH A . 
C 3 HOH 55  355 23  HOH HOH A . 
C 3 HOH 56  356 79  HOH HOH A . 
C 3 HOH 57  357 48  HOH HOH A . 
C 3 HOH 58  358 81  HOH HOH A . 
C 3 HOH 59  359 6   HOH HOH A . 
C 3 HOH 60  360 53  HOH HOH A . 
C 3 HOH 61  361 1   HOH HOH A . 
C 3 HOH 62  362 5   HOH HOH A . 
C 3 HOH 63  363 124 HOH HOH A . 
C 3 HOH 64  364 7   HOH HOH A . 
C 3 HOH 65  365 59  HOH HOH A . 
C 3 HOH 66  366 137 HOH HOH A . 
C 3 HOH 67  367 93  HOH HOH A . 
C 3 HOH 68  368 12  HOH HOH A . 
C 3 HOH 69  369 80  HOH HOH A . 
C 3 HOH 70  370 4   HOH HOH A . 
C 3 HOH 71  371 27  HOH HOH A . 
C 3 HOH 72  372 26  HOH HOH A . 
C 3 HOH 73  373 89  HOH HOH A . 
C 3 HOH 74  374 140 HOH HOH A . 
C 3 HOH 75  375 30  HOH HOH A . 
C 3 HOH 76  376 73  HOH HOH A . 
C 3 HOH 77  377 22  HOH HOH A . 
C 3 HOH 78  378 38  HOH HOH A . 
C 3 HOH 79  379 75  HOH HOH A . 
C 3 HOH 80  380 25  HOH HOH A . 
C 3 HOH 81  381 45  HOH HOH A . 
C 3 HOH 82  382 9   HOH HOH A . 
C 3 HOH 83  383 105 HOH HOH A . 
C 3 HOH 84  384 148 HOH HOH A . 
C 3 HOH 85  385 46  HOH HOH A . 
C 3 HOH 86  386 84  HOH HOH A . 
C 3 HOH 87  387 115 HOH HOH A . 
C 3 HOH 88  388 132 HOH HOH A . 
C 3 HOH 89  389 18  HOH HOH A . 
C 3 HOH 90  390 55  HOH HOH A . 
C 3 HOH 91  391 39  HOH HOH A . 
C 3 HOH 92  392 31  HOH HOH A . 
C 3 HOH 93  393 71  HOH HOH A . 
C 3 HOH 94  394 74  HOH HOH A . 
C 3 HOH 95  395 127 HOH HOH A . 
C 3 HOH 96  396 100 HOH HOH A . 
C 3 HOH 97  397 82  HOH HOH A . 
C 3 HOH 98  398 96  HOH HOH A . 
C 3 HOH 99  399 52  HOH HOH A . 
C 3 HOH 100 400 107 HOH HOH A . 
C 3 HOH 101 401 62  HOH HOH A . 
C 3 HOH 102 402 20  HOH HOH A . 
C 3 HOH 103 403 77  HOH HOH A . 
C 3 HOH 104 404 97  HOH HOH A . 
C 3 HOH 105 405 36  HOH HOH A . 
C 3 HOH 106 406 120 HOH HOH A . 
C 3 HOH 107 407 98  HOH HOH A . 
C 3 HOH 108 408 138 HOH HOH A . 
C 3 HOH 109 409 47  HOH HOH A . 
C 3 HOH 110 410 112 HOH HOH A . 
C 3 HOH 111 411 131 HOH HOH A . 
C 3 HOH 112 412 35  HOH HOH A . 
C 3 HOH 113 413 128 HOH HOH A . 
C 3 HOH 114 414 65  HOH HOH A . 
C 3 HOH 115 415 142 HOH HOH A . 
C 3 HOH 116 416 66  HOH HOH A . 
C 3 HOH 117 417 64  HOH HOH A . 
C 3 HOH 118 418 76  HOH HOH A . 
C 3 HOH 119 419 68  HOH HOH A . 
C 3 HOH 120 420 129 HOH HOH A . 
C 3 HOH 121 421 92  HOH HOH A . 
C 3 HOH 122 422 99  HOH HOH A . 
C 3 HOH 123 423 88  HOH HOH A . 
C 3 HOH 124 424 63  HOH HOH A . 
C 3 HOH 125 425 122 HOH HOH A . 
C 3 HOH 126 426 70  HOH HOH A . 
C 3 HOH 127 427 139 HOH HOH A . 
C 3 HOH 128 428 103 HOH HOH A . 
C 3 HOH 129 429 114 HOH HOH A . 
C 3 HOH 130 430 121 HOH HOH A . 
C 3 HOH 131 431 146 HOH HOH A . 
C 3 HOH 132 432 95  HOH HOH A . 
C 3 HOH 133 433 130 HOH HOH A . 
C 3 HOH 134 434 143 HOH HOH A . 
C 3 HOH 135 435 91  HOH HOH A . 
C 3 HOH 136 436 104 HOH HOH A . 
C 3 HOH 137 437 57  HOH HOH A . 
C 3 HOH 138 438 41  HOH HOH A . 
C 3 HOH 139 439 87  HOH HOH A . 
C 3 HOH 140 440 123 HOH HOH A . 
C 3 HOH 141 441 117 HOH HOH A . 
C 3 HOH 142 442 135 HOH HOH A . 
C 3 HOH 143 443 83  HOH HOH A . 
C 3 HOH 144 444 111 HOH HOH A . 
C 3 HOH 145 445 86  HOH HOH A . 
C 3 HOH 146 446 144 HOH HOH A . 
C 3 HOH 147 447 94  HOH HOH A . 
C 3 HOH 148 448 118 HOH HOH A . 
C 3 HOH 149 449 126 HOH HOH A . 
C 3 HOH 150 450 116 HOH HOH A . 
C 3 HOH 151 451 113 HOH HOH A . 
# 
_pdbx_struct_assembly.id                   1 
_pdbx_struct_assembly.details              author_and_software_defined_assembly 
_pdbx_struct_assembly.method_details       PISA 
_pdbx_struct_assembly.oligomeric_details   monomeric 
_pdbx_struct_assembly.oligomeric_count     1 
# 
_pdbx_struct_assembly_gen.assembly_id       1 
_pdbx_struct_assembly_gen.oper_expression   1 
_pdbx_struct_assembly_gen.asym_id_list      A,B,C 
# 
_pdbx_struct_oper_list.id                   1 
_pdbx_struct_oper_list.type                 'identity operation' 
_pdbx_struct_oper_list.name                 1_555 
_pdbx_struct_oper_list.symmetry_operation   x,y,z 
_pdbx_struct_oper_list.matrix[1][1]         1.0000000000 
_pdbx_struct_oper_list.matrix[1][2]         0.0000000000 
_pdbx_struct_oper_list.matrix[1][3]         0.0000000000 
_pdbx_struct_oper_list.vector[1]            0.0000000000 
_pdbx_struct_oper_list.matrix[2][1]         0.0000000000 
_pdbx_struct_oper_list.matrix[2][2]         1.0000000000 
_pdbx_struct_oper_list.matrix[2][3]         0.0000000000 
_pdbx_struct_oper_list.vector[2]            0.0000000000 
_pdbx_struct_oper_list.matrix[3][1]         0.0000000000 
_pdbx_struct_oper_list.matrix[3][2]         0.0000000000 
_pdbx_struct_oper_list.matrix[3][3]         1.0000000000 
_pdbx_struct_oper_list.vector[3]            0.0000000000 
# 
loop_
_pdbx_audit_revision_history.ordinal 
_pdbx_audit_revision_history.data_content_type 
_pdbx_audit_revision_history.major_revision 
_pdbx_audit_revision_history.minor_revision 
_pdbx_audit_revision_history.revision_date 
1 'Structure model' 1 0 2019-04-17 
2 'Structure model' 1 1 2019-05-08 
3 'Structure model' 1 2 2023-10-11 
# 
_pdbx_audit_revision_details.ordinal             1 
_pdbx_audit_revision_details.revision_ordinal    1 
_pdbx_audit_revision_details.data_content_type   'Structure model' 
_pdbx_audit_revision_details.provider            repository 
_pdbx_audit_revision_details.type                'Initial release' 
_pdbx_audit_revision_details.description         ? 
_pdbx_audit_revision_details.details             ? 
# 
loop_
_pdbx_audit_revision_group.ordinal 
_pdbx_audit_revision_group.revision_ordinal 
_pdbx_audit_revision_group.data_content_type 
_pdbx_audit_revision_group.group 
1 2 'Structure model' 'Data collection'        
2 2 'Structure model' 'Database references'    
3 3 'Structure model' 'Data collection'        
4 3 'Structure model' 'Database references'    
5 3 'Structure model' 'Refinement description' 
# 
loop_
_pdbx_audit_revision_category.ordinal 
_pdbx_audit_revision_category.revision_ordinal 
_pdbx_audit_revision_category.data_content_type 
_pdbx_audit_revision_category.category 
1 2 'Structure model' citation                      
2 2 'Structure model' citation_author               
3 3 'Structure model' chem_comp_atom                
4 3 'Structure model' chem_comp_bond                
5 3 'Structure model' database_2                    
6 3 'Structure model' pdbx_initial_refinement_model 
7 3 'Structure model' software                      
# 
loop_
_pdbx_audit_revision_item.ordinal 
_pdbx_audit_revision_item.revision_ordinal 
_pdbx_audit_revision_item.data_content_type 
_pdbx_audit_revision_item.item 
1  2 'Structure model' '_citation.journal_abbrev'            
2  2 'Structure model' '_citation.journal_id_ISSN'           
3  2 'Structure model' '_citation.journal_volume'            
4  2 'Structure model' '_citation.page_first'                
5  2 'Structure model' '_citation.page_last'                 
6  2 'Structure model' '_citation.title'                     
7  2 'Structure model' '_citation_author.name'               
8  3 'Structure model' '_database_2.pdbx_DOI'                
9  3 'Structure model' '_database_2.pdbx_database_accession' 
10 3 'Structure model' '_software.name'                      
# 
loop_
_software.citation_id 
_software.classification 
_software.compiler_name 
_software.compiler_version 
_software.contact_author 
_software.contact_author_email 
_software.date 
_software.description 
_software.dependencies 
_software.hardware 
_software.language 
_software.location 
_software.mods 
_software.name 
_software.os 
_software.os_version 
_software.type 
_software.version 
_software.pdbx_ordinal 
? refinement     ? ? ? ? ? ? ? ? ? ? ? PHENIX   ? ? ? '(1.14_3260: ???)' 1 
? 'data scaling' ? ? ? ? ? ? ? ? ? ? ? autoPROC ? ? ? .                  2 
? phasing        ? ? ? ? ? ? ? ? ? ? ? PHASER   ? ? ? .                  3 
# 
loop_
_pdbx_unobs_or_zero_occ_residues.id 
_pdbx_unobs_or_zero_occ_residues.PDB_model_num 
_pdbx_unobs_or_zero_occ_residues.polymer_flag 
_pdbx_unobs_or_zero_occ_residues.occupancy_flag 
_pdbx_unobs_or_zero_occ_residues.auth_asym_id 
_pdbx_unobs_or_zero_occ_residues.auth_comp_id 
_pdbx_unobs_or_zero_occ_residues.auth_seq_id 
_pdbx_unobs_or_zero_occ_residues.PDB_ins_code 
_pdbx_unobs_or_zero_occ_residues.label_asym_id 
_pdbx_unobs_or_zero_occ_residues.label_comp_id 
_pdbx_unobs_or_zero_occ_residues.label_seq_id 
1  1 Y 1 A GLY -19 ? A GLY 1   
2  1 Y 1 A SER -18 ? A SER 2   
3  1 Y 1 A SER -17 ? A SER 3   
4  1 Y 1 A HIS -16 ? A HIS 4   
5  1 Y 1 A HIS -15 ? A HIS 5   
6  1 Y 1 A HIS -14 ? A HIS 6   
7  1 Y 1 A HIS -13 ? A HIS 7   
8  1 Y 1 A HIS -12 ? A HIS 8   
9  1 Y 1 A HIS -11 ? A HIS 9   
10 1 Y 1 A SER -10 ? A SER 10  
11 1 Y 1 A SER -9  ? A SER 11  
12 1 Y 1 A GLY -8  ? A GLY 12  
13 1 Y 1 A LEU -7  ? A LEU 13  
14 1 Y 1 A VAL -6  ? A VAL 14  
15 1 Y 1 A PRO -5  ? A PRO 15  
16 1 Y 1 A ARG -4  ? A ARG 16  
17 1 Y 1 A GLY -3  ? A GLY 17  
18 1 Y 1 A SER -2  ? A SER 18  
19 1 Y 1 A HIS -1  ? A HIS 19  
20 1 Y 1 A MET 0   ? A MET 20  
21 1 Y 1 A LYS 1   ? A LYS 21  
22 1 Y 1 A VAL 2   ? A VAL 22  
23 1 Y 1 A GLU 3   ? A GLU 23  
24 1 Y 1 A GLN 4   ? A GLN 24  
25 1 Y 1 A ALA 5   ? A ALA 25  
26 1 Y 1 A VAL 6   ? A VAL 26  
27 1 Y 1 A GLU 7   ? A GLU 27  
28 1 Y 1 A THR 8   ? A THR 28  
29 1 Y 1 A GLU 9   ? A GLU 29  
30 1 Y 1 A PRO 10  ? A PRO 30  
31 1 Y 1 A GLU 11  ? A GLU 31  
32 1 Y 1 A PRO 12  ? A PRO 32  
33 1 Y 1 A GLU 13  ? A GLU 33  
34 1 Y 1 A LEU 14  ? A LEU 34  
35 1 Y 1 A ARG 15  ? A ARG 35  
36 1 Y 1 A GLN 16  ? A GLN 36  
37 1 Y 1 A GLN 17  ? A GLN 37  
38 1 Y 1 A THR 18  ? A THR 38  
39 1 Y 1 A GLU 19  ? A GLU 39  
40 1 Y 1 A TRP 20  ? A TRP 40  
41 1 Y 1 A GLN 21  ? A GLN 41  
42 1 Y 1 A SER 22  ? A SER 42  
43 1 Y 1 A GLY 23  ? A GLY 43  
44 1 Y 1 A GLY 165 ? A GLY 185 
# 
loop_
_chem_comp_atom.comp_id 
_chem_comp_atom.atom_id 
_chem_comp_atom.type_symbol 
_chem_comp_atom.pdbx_aromatic_flag 
_chem_comp_atom.pdbx_stereo_config 
_chem_comp_atom.pdbx_ordinal 
ALA N    N  N N 1   
ALA CA   C  N S 2   
ALA C    C  N N 3   
ALA O    O  N N 4   
ALA CB   C  N N 5   
ALA OXT  O  N N 6   
ALA H    H  N N 7   
ALA H2   H  N N 8   
ALA HA   H  N N 9   
ALA HB1  H  N N 10  
ALA HB2  H  N N 11  
ALA HB3  H  N N 12  
ALA HXT  H  N N 13  
ARG N    N  N N 14  
ARG CA   C  N S 15  
ARG C    C  N N 16  
ARG O    O  N N 17  
ARG CB   C  N N 18  
ARG CG   C  N N 19  
ARG CD   C  N N 20  
ARG NE   N  N N 21  
ARG CZ   C  N N 22  
ARG NH1  N  N N 23  
ARG NH2  N  N N 24  
ARG OXT  O  N N 25  
ARG H    H  N N 26  
ARG H2   H  N N 27  
ARG HA   H  N N 28  
ARG HB2  H  N N 29  
ARG HB3  H  N N 30  
ARG HG2  H  N N 31  
ARG HG3  H  N N 32  
ARG HD2  H  N N 33  
ARG HD3  H  N N 34  
ARG HE   H  N N 35  
ARG HH11 H  N N 36  
ARG HH12 H  N N 37  
ARG HH21 H  N N 38  
ARG HH22 H  N N 39  
ARG HXT  H  N N 40  
ASP N    N  N N 41  
ASP CA   C  N S 42  
ASP C    C  N N 43  
ASP O    O  N N 44  
ASP CB   C  N N 45  
ASP CG   C  N N 46  
ASP OD1  O  N N 47  
ASP OD2  O  N N 48  
ASP OXT  O  N N 49  
ASP H    H  N N 50  
ASP H2   H  N N 51  
ASP HA   H  N N 52  
ASP HB2  H  N N 53  
ASP HB3  H  N N 54  
ASP HD2  H  N N 55  
ASP HXT  H  N N 56  
CYS N    N  N N 57  
CYS CA   C  N R 58  
CYS C    C  N N 59  
CYS O    O  N N 60  
CYS CB   C  N N 61  
CYS SG   S  N N 62  
CYS OXT  O  N N 63  
CYS H    H  N N 64  
CYS H2   H  N N 65  
CYS HA   H  N N 66  
CYS HB2  H  N N 67  
CYS HB3  H  N N 68  
CYS HG   H  N N 69  
CYS HXT  H  N N 70  
GLN N    N  N N 71  
GLN CA   C  N S 72  
GLN C    C  N N 73  
GLN O    O  N N 74  
GLN CB   C  N N 75  
GLN CG   C  N N 76  
GLN CD   C  N N 77  
GLN OE1  O  N N 78  
GLN NE2  N  N N 79  
GLN OXT  O  N N 80  
GLN H    H  N N 81  
GLN H2   H  N N 82  
GLN HA   H  N N 83  
GLN HB2  H  N N 84  
GLN HB3  H  N N 85  
GLN HG2  H  N N 86  
GLN HG3  H  N N 87  
GLN HE21 H  N N 88  
GLN HE22 H  N N 89  
GLN HXT  H  N N 90  
GLU N    N  N N 91  
GLU CA   C  N S 92  
GLU C    C  N N 93  
GLU O    O  N N 94  
GLU CB   C  N N 95  
GLU CG   C  N N 96  
GLU CD   C  N N 97  
GLU OE1  O  N N 98  
GLU OE2  O  N N 99  
GLU OXT  O  N N 100 
GLU H    H  N N 101 
GLU H2   H  N N 102 
GLU HA   H  N N 103 
GLU HB2  H  N N 104 
GLU HB3  H  N N 105 
GLU HG2  H  N N 106 
GLU HG3  H  N N 107 
GLU HE2  H  N N 108 
GLU HXT  H  N N 109 
GLY N    N  N N 110 
GLY CA   C  N N 111 
GLY C    C  N N 112 
GLY O    O  N N 113 
GLY OXT  O  N N 114 
GLY H    H  N N 115 
GLY H2   H  N N 116 
GLY HA2  H  N N 117 
GLY HA3  H  N N 118 
GLY HXT  H  N N 119 
HIS N    N  N N 120 
HIS CA   C  N S 121 
HIS C    C  N N 122 
HIS O    O  N N 123 
HIS CB   C  N N 124 
HIS CG   C  Y N 125 
HIS ND1  N  Y N 126 
HIS CD2  C  Y N 127 
HIS CE1  C  Y N 128 
HIS NE2  N  Y N 129 
HIS OXT  O  N N 130 
HIS H    H  N N 131 
HIS H2   H  N N 132 
HIS HA   H  N N 133 
HIS HB2  H  N N 134 
HIS HB3  H  N N 135 
HIS HD1  H  N N 136 
HIS HD2  H  N N 137 
HIS HE1  H  N N 138 
HIS HE2  H  N N 139 
HIS HXT  H  N N 140 
HOH O    O  N N 141 
HOH H1   H  N N 142 
HOH H2   H  N N 143 
KQP C10  C  Y N 144 
KQP C13  C  Y N 145 
KQP C15  C  Y N 146 
KQP C17  C  Y N 147 
KQP C20  C  N N 148 
KQP C21  C  N N 149 
KQP C22  C  N N 150 
KQP C01  C  N N 151 
KQP C02  C  N N 152 
KQP C03  C  N N 153 
KQP C05  C  Y N 154 
KQP C06  C  Y N 155 
KQP C07  C  Y N 156 
KQP C08  C  Y N 157 
KQP C09  C  Y N 158 
KQP C11  C  Y N 159 
KQP C12  C  Y N 160 
KQP C16  C  Y N 161 
KQP C18  C  N N 162 
KQP C19  C  N N 163 
KQP N23  N  N N 164 
KQP N24  N  N N 165 
KQP O04  O  N N 166 
KQP CL14 CL N N 167 
KQP H1   H  N N 168 
KQP H2   H  N N 169 
KQP H3   H  N N 170 
KQP H4   H  N N 171 
KQP H5   H  N N 172 
KQP H6   H  N N 173 
KQP H7   H  N N 174 
KQP H8   H  N N 175 
KQP H9   H  N N 176 
KQP H10  H  N N 177 
KQP H11  H  N N 178 
KQP H12  H  N N 179 
KQP H13  H  N N 180 
KQP H14  H  N N 181 
KQP H15  H  N N 182 
KQP H16  H  N N 183 
KQP H17  H  N N 184 
KQP H18  H  N N 185 
KQP H19  H  N N 186 
KQP H20  H  N N 187 
KQP H21  H  N N 188 
KQP H22  H  N N 189 
KQP H23  H  N N 190 
LEU N    N  N N 191 
LEU CA   C  N S 192 
LEU C    C  N N 193 
LEU O    O  N N 194 
LEU CB   C  N N 195 
LEU CG   C  N N 196 
LEU CD1  C  N N 197 
LEU CD2  C  N N 198 
LEU OXT  O  N N 199 
LEU H    H  N N 200 
LEU H2   H  N N 201 
LEU HA   H  N N 202 
LEU HB2  H  N N 203 
LEU HB3  H  N N 204 
LEU HG   H  N N 205 
LEU HD11 H  N N 206 
LEU HD12 H  N N 207 
LEU HD13 H  N N 208 
LEU HD21 H  N N 209 
LEU HD22 H  N N 210 
LEU HD23 H  N N 211 
LEU HXT  H  N N 212 
LYS N    N  N N 213 
LYS CA   C  N S 214 
LYS C    C  N N 215 
LYS O    O  N N 216 
LYS CB   C  N N 217 
LYS CG   C  N N 218 
LYS CD   C  N N 219 
LYS CE   C  N N 220 
LYS NZ   N  N N 221 
LYS OXT  O  N N 222 
LYS H    H  N N 223 
LYS H2   H  N N 224 
LYS HA   H  N N 225 
LYS HB2  H  N N 226 
LYS HB3  H  N N 227 
LYS HG2  H  N N 228 
LYS HG3  H  N N 229 
LYS HD2  H  N N 230 
LYS HD3  H  N N 231 
LYS HE2  H  N N 232 
LYS HE3  H  N N 233 
LYS HZ1  H  N N 234 
LYS HZ2  H  N N 235 
LYS HZ3  H  N N 236 
LYS HXT  H  N N 237 
MET N    N  N N 238 
MET CA   C  N S 239 
MET C    C  N N 240 
MET O    O  N N 241 
MET CB   C  N N 242 
MET CG   C  N N 243 
MET SD   S  N N 244 
MET CE   C  N N 245 
MET OXT  O  N N 246 
MET H    H  N N 247 
MET H2   H  N N 248 
MET HA   H  N N 249 
MET HB2  H  N N 250 
MET HB3  H  N N 251 
MET HG2  H  N N 252 
MET HG3  H  N N 253 
MET HE1  H  N N 254 
MET HE2  H  N N 255 
MET HE3  H  N N 256 
MET HXT  H  N N 257 
PHE N    N  N N 258 
PHE CA   C  N S 259 
PHE C    C  N N 260 
PHE O    O  N N 261 
PHE CB   C  N N 262 
PHE CG   C  Y N 263 
PHE CD1  C  Y N 264 
PHE CD2  C  Y N 265 
PHE CE1  C  Y N 266 
PHE CE2  C  Y N 267 
PHE CZ   C  Y N 268 
PHE OXT  O  N N 269 
PHE H    H  N N 270 
PHE H2   H  N N 271 
PHE HA   H  N N 272 
PHE HB2  H  N N 273 
PHE HB3  H  N N 274 
PHE HD1  H  N N 275 
PHE HD2  H  N N 276 
PHE HE1  H  N N 277 
PHE HE2  H  N N 278 
PHE HZ   H  N N 279 
PHE HXT  H  N N 280 
PRO N    N  N N 281 
PRO CA   C  N S 282 
PRO C    C  N N 283 
PRO O    O  N N 284 
PRO CB   C  N N 285 
PRO CG   C  N N 286 
PRO CD   C  N N 287 
PRO OXT  O  N N 288 
PRO H    H  N N 289 
PRO HA   H  N N 290 
PRO HB2  H  N N 291 
PRO HB3  H  N N 292 
PRO HG2  H  N N 293 
PRO HG3  H  N N 294 
PRO HD2  H  N N 295 
PRO HD3  H  N N 296 
PRO HXT  H  N N 297 
SER N    N  N N 298 
SER CA   C  N S 299 
SER C    C  N N 300 
SER O    O  N N 301 
SER CB   C  N N 302 
SER OG   O  N N 303 
SER OXT  O  N N 304 
SER H    H  N N 305 
SER H2   H  N N 306 
SER HA   H  N N 307 
SER HB2  H  N N 308 
SER HB3  H  N N 309 
SER HG   H  N N 310 
SER HXT  H  N N 311 
THR N    N  N N 312 
THR CA   C  N S 313 
THR C    C  N N 314 
THR O    O  N N 315 
THR CB   C  N R 316 
THR OG1  O  N N 317 
THR CG2  C  N N 318 
THR OXT  O  N N 319 
THR H    H  N N 320 
THR H2   H  N N 321 
THR HA   H  N N 322 
THR HB   H  N N 323 
THR HG1  H  N N 324 
THR HG21 H  N N 325 
THR HG22 H  N N 326 
THR HG23 H  N N 327 
THR HXT  H  N N 328 
TRP N    N  N N 329 
TRP CA   C  N S 330 
TRP C    C  N N 331 
TRP O    O  N N 332 
TRP CB   C  N N 333 
TRP CG   C  Y N 334 
TRP CD1  C  Y N 335 
TRP CD2  C  Y N 336 
TRP NE1  N  Y N 337 
TRP CE2  C  Y N 338 
TRP CE3  C  Y N 339 
TRP CZ2  C  Y N 340 
TRP CZ3  C  Y N 341 
TRP CH2  C  Y N 342 
TRP OXT  O  N N 343 
TRP H    H  N N 344 
TRP H2   H  N N 345 
TRP HA   H  N N 346 
TRP HB2  H  N N 347 
TRP HB3  H  N N 348 
TRP HD1  H  N N 349 
TRP HE1  H  N N 350 
TRP HE3  H  N N 351 
TRP HZ2  H  N N 352 
TRP HZ3  H  N N 353 
TRP HH2  H  N N 354 
TRP HXT  H  N N 355 
TYR N    N  N N 356 
TYR CA   C  N S 357 
TYR C    C  N N 358 
TYR O    O  N N 359 
TYR CB   C  N N 360 
TYR CG   C  Y N 361 
TYR CD1  C  Y N 362 
TYR CD2  C  Y N 363 
TYR CE1  C  Y N 364 
TYR CE2  C  Y N 365 
TYR CZ   C  Y N 366 
TYR OH   O  N N 367 
TYR OXT  O  N N 368 
TYR H    H  N N 369 
TYR H2   H  N N 370 
TYR HA   H  N N 371 
TYR HB2  H  N N 372 
TYR HB3  H  N N 373 
TYR HD1  H  N N 374 
TYR HD2  H  N N 375 
TYR HE1  H  N N 376 
TYR HE2  H  N N 377 
TYR HH   H  N N 378 
TYR HXT  H  N N 379 
VAL N    N  N N 380 
VAL CA   C  N S 381 
VAL C    C  N N 382 
VAL O    O  N N 383 
VAL CB   C  N N 384 
VAL CG1  C  N N 385 
VAL CG2  C  N N 386 
VAL OXT  O  N N 387 
VAL H    H  N N 388 
VAL H2   H  N N 389 
VAL HA   H  N N 390 
VAL HB   H  N N 391 
VAL HG11 H  N N 392 
VAL HG12 H  N N 393 
VAL HG13 H  N N 394 
VAL HG21 H  N N 395 
VAL HG22 H  N N 396 
VAL HG23 H  N N 397 
VAL HXT  H  N N 398 
# 
loop_
_chem_comp_bond.comp_id 
_chem_comp_bond.atom_id_1 
_chem_comp_bond.atom_id_2 
_chem_comp_bond.value_order 
_chem_comp_bond.pdbx_aromatic_flag 
_chem_comp_bond.pdbx_stereo_config 
_chem_comp_bond.pdbx_ordinal 
ALA N    CA   sing N N 1   
ALA N    H    sing N N 2   
ALA N    H2   sing N N 3   
ALA CA   C    sing N N 4   
ALA CA   CB   sing N N 5   
ALA CA   HA   sing N N 6   
ALA C    O    doub N N 7   
ALA C    OXT  sing N N 8   
ALA CB   HB1  sing N N 9   
ALA CB   HB2  sing N N 10  
ALA CB   HB3  sing N N 11  
ALA OXT  HXT  sing N N 12  
ARG N    CA   sing N N 13  
ARG N    H    sing N N 14  
ARG N    H2   sing N N 15  
ARG CA   C    sing N N 16  
ARG CA   CB   sing N N 17  
ARG CA   HA   sing N N 18  
ARG C    O    doub N N 19  
ARG C    OXT  sing N N 20  
ARG CB   CG   sing N N 21  
ARG CB   HB2  sing N N 22  
ARG CB   HB3  sing N N 23  
ARG CG   CD   sing N N 24  
ARG CG   HG2  sing N N 25  
ARG CG   HG3  sing N N 26  
ARG CD   NE   sing N N 27  
ARG CD   HD2  sing N N 28  
ARG CD   HD3  sing N N 29  
ARG NE   CZ   sing N N 30  
ARG NE   HE   sing N N 31  
ARG CZ   NH1  sing N N 32  
ARG CZ   NH2  doub N N 33  
ARG NH1  HH11 sing N N 34  
ARG NH1  HH12 sing N N 35  
ARG NH2  HH21 sing N N 36  
ARG NH2  HH22 sing N N 37  
ARG OXT  HXT  sing N N 38  
ASP N    CA   sing N N 39  
ASP N    H    sing N N 40  
ASP N    H2   sing N N 41  
ASP CA   C    sing N N 42  
ASP CA   CB   sing N N 43  
ASP CA   HA   sing N N 44  
ASP C    O    doub N N 45  
ASP C    OXT  sing N N 46  
ASP CB   CG   sing N N 47  
ASP CB   HB2  sing N N 48  
ASP CB   HB3  sing N N 49  
ASP CG   OD1  doub N N 50  
ASP CG   OD2  sing N N 51  
ASP OD2  HD2  sing N N 52  
ASP OXT  HXT  sing N N 53  
CYS N    CA   sing N N 54  
CYS N    H    sing N N 55  
CYS N    H2   sing N N 56  
CYS CA   C    sing N N 57  
CYS CA   CB   sing N N 58  
CYS CA   HA   sing N N 59  
CYS C    O    doub N N 60  
CYS C    OXT  sing N N 61  
CYS CB   SG   sing N N 62  
CYS CB   HB2  sing N N 63  
CYS CB   HB3  sing N N 64  
CYS SG   HG   sing N N 65  
CYS OXT  HXT  sing N N 66  
GLN N    CA   sing N N 67  
GLN N    H    sing N N 68  
GLN N    H2   sing N N 69  
GLN CA   C    sing N N 70  
GLN CA   CB   sing N N 71  
GLN CA   HA   sing N N 72  
GLN C    O    doub N N 73  
GLN C    OXT  sing N N 74  
GLN CB   CG   sing N N 75  
GLN CB   HB2  sing N N 76  
GLN CB   HB3  sing N N 77  
GLN CG   CD   sing N N 78  
GLN CG   HG2  sing N N 79  
GLN CG   HG3  sing N N 80  
GLN CD   OE1  doub N N 81  
GLN CD   NE2  sing N N 82  
GLN NE2  HE21 sing N N 83  
GLN NE2  HE22 sing N N 84  
GLN OXT  HXT  sing N N 85  
GLU N    CA   sing N N 86  
GLU N    H    sing N N 87  
GLU N    H2   sing N N 88  
GLU CA   C    sing N N 89  
GLU CA   CB   sing N N 90  
GLU CA   HA   sing N N 91  
GLU C    O    doub N N 92  
GLU C    OXT  sing N N 93  
GLU CB   CG   sing N N 94  
GLU CB   HB2  sing N N 95  
GLU CB   HB3  sing N N 96  
GLU CG   CD   sing N N 97  
GLU CG   HG2  sing N N 98  
GLU CG   HG3  sing N N 99  
GLU CD   OE1  doub N N 100 
GLU CD   OE2  sing N N 101 
GLU OE2  HE2  sing N N 102 
GLU OXT  HXT  sing N N 103 
GLY N    CA   sing N N 104 
GLY N    H    sing N N 105 
GLY N    H2   sing N N 106 
GLY CA   C    sing N N 107 
GLY CA   HA2  sing N N 108 
GLY CA   HA3  sing N N 109 
GLY C    O    doub N N 110 
GLY C    OXT  sing N N 111 
GLY OXT  HXT  sing N N 112 
HIS N    CA   sing N N 113 
HIS N    H    sing N N 114 
HIS N    H2   sing N N 115 
HIS CA   C    sing N N 116 
HIS CA   CB   sing N N 117 
HIS CA   HA   sing N N 118 
HIS C    O    doub N N 119 
HIS C    OXT  sing N N 120 
HIS CB   CG   sing N N 121 
HIS CB   HB2  sing N N 122 
HIS CB   HB3  sing N N 123 
HIS CG   ND1  sing Y N 124 
HIS CG   CD2  doub Y N 125 
HIS ND1  CE1  doub Y N 126 
HIS ND1  HD1  sing N N 127 
HIS CD2  NE2  sing Y N 128 
HIS CD2  HD2  sing N N 129 
HIS CE1  NE2  sing Y N 130 
HIS CE1  HE1  sing N N 131 
HIS NE2  HE2  sing N N 132 
HIS OXT  HXT  sing N N 133 
HOH O    H1   sing N N 134 
HOH O    H2   sing N N 135 
KQP O04  C02  sing N N 136 
KQP C02  C03  sing N N 137 
KQP C02  C01  sing N N 138 
KQP C02  C05  sing N N 139 
KQP C10  C05  doub Y N 140 
KQP C10  C09  sing Y N 141 
KQP C05  C06  sing Y N 142 
KQP C09  C08  doub Y N 143 
KQP C08  C07  sing Y N 144 
KQP C08  C11  sing N N 145 
KQP C06  C07  doub Y N 146 
KQP C12  C11  doub Y N 147 
KQP C12  C13  sing Y N 148 
KQP C11  C17  sing Y N 149 
KQP CL14 C13  sing N N 150 
KQP C13  C15  doub Y N 151 
KQP C17  C16  doub Y N 152 
KQP N23  C22  doub N N 153 
KQP C15  C16  sing Y N 154 
KQP N24  C22  sing N N 155 
KQP C16  C18  sing N N 156 
KQP C22  C18  sing N N 157 
KQP C18  C21  sing N N 158 
KQP C18  C19  sing N N 159 
KQP C21  C20  sing N N 160 
KQP C19  C20  sing N N 161 
KQP C10  H1   sing N N 162 
KQP C15  H2   sing N N 163 
KQP C17  H3   sing N N 164 
KQP C20  H4   sing N N 165 
KQP C20  H5   sing N N 166 
KQP C21  H6   sing N N 167 
KQP C21  H7   sing N N 168 
KQP C01  H8   sing N N 169 
KQP C01  H9   sing N N 170 
KQP C01  H10  sing N N 171 
KQP C03  H11  sing N N 172 
KQP C03  H12  sing N N 173 
KQP C03  H13  sing N N 174 
KQP C06  H14  sing N N 175 
KQP C07  H15  sing N N 176 
KQP C09  H16  sing N N 177 
KQP C12  H17  sing N N 178 
KQP C19  H18  sing N N 179 
KQP C19  H19  sing N N 180 
KQP N23  H20  sing N N 181 
KQP N24  H21  sing N N 182 
KQP N24  H22  sing N N 183 
KQP O04  H23  sing N N 184 
LEU N    CA   sing N N 185 
LEU N    H    sing N N 186 
LEU N    H2   sing N N 187 
LEU CA   C    sing N N 188 
LEU CA   CB   sing N N 189 
LEU CA   HA   sing N N 190 
LEU C    O    doub N N 191 
LEU C    OXT  sing N N 192 
LEU CB   CG   sing N N 193 
LEU CB   HB2  sing N N 194 
LEU CB   HB3  sing N N 195 
LEU CG   CD1  sing N N 196 
LEU CG   CD2  sing N N 197 
LEU CG   HG   sing N N 198 
LEU CD1  HD11 sing N N 199 
LEU CD1  HD12 sing N N 200 
LEU CD1  HD13 sing N N 201 
LEU CD2  HD21 sing N N 202 
LEU CD2  HD22 sing N N 203 
LEU CD2  HD23 sing N N 204 
LEU OXT  HXT  sing N N 205 
LYS N    CA   sing N N 206 
LYS N    H    sing N N 207 
LYS N    H2   sing N N 208 
LYS CA   C    sing N N 209 
LYS CA   CB   sing N N 210 
LYS CA   HA   sing N N 211 
LYS C    O    doub N N 212 
LYS C    OXT  sing N N 213 
LYS CB   CG   sing N N 214 
LYS CB   HB2  sing N N 215 
LYS CB   HB3  sing N N 216 
LYS CG   CD   sing N N 217 
LYS CG   HG2  sing N N 218 
LYS CG   HG3  sing N N 219 
LYS CD   CE   sing N N 220 
LYS CD   HD2  sing N N 221 
LYS CD   HD3  sing N N 222 
LYS CE   NZ   sing N N 223 
LYS CE   HE2  sing N N 224 
LYS CE   HE3  sing N N 225 
LYS NZ   HZ1  sing N N 226 
LYS NZ   HZ2  sing N N 227 
LYS NZ   HZ3  sing N N 228 
LYS OXT  HXT  sing N N 229 
MET N    CA   sing N N 230 
MET N    H    sing N N 231 
MET N    H2   sing N N 232 
MET CA   C    sing N N 233 
MET CA   CB   sing N N 234 
MET CA   HA   sing N N 235 
MET C    O    doub N N 236 
MET C    OXT  sing N N 237 
MET CB   CG   sing N N 238 
MET CB   HB2  sing N N 239 
MET CB   HB3  sing N N 240 
MET CG   SD   sing N N 241 
MET CG   HG2  sing N N 242 
MET CG   HG3  sing N N 243 
MET SD   CE   sing N N 244 
MET CE   HE1  sing N N 245 
MET CE   HE2  sing N N 246 
MET CE   HE3  sing N N 247 
MET OXT  HXT  sing N N 248 
PHE N    CA   sing N N 249 
PHE N    H    sing N N 250 
PHE N    H2   sing N N 251 
PHE CA   C    sing N N 252 
PHE CA   CB   sing N N 253 
PHE CA   HA   sing N N 254 
PHE C    O    doub N N 255 
PHE C    OXT  sing N N 256 
PHE CB   CG   sing N N 257 
PHE CB   HB2  sing N N 258 
PHE CB   HB3  sing N N 259 
PHE CG   CD1  doub Y N 260 
PHE CG   CD2  sing Y N 261 
PHE CD1  CE1  sing Y N 262 
PHE CD1  HD1  sing N N 263 
PHE CD2  CE2  doub Y N 264 
PHE CD2  HD2  sing N N 265 
PHE CE1  CZ   doub Y N 266 
PHE CE1  HE1  sing N N 267 
PHE CE2  CZ   sing Y N 268 
PHE CE2  HE2  sing N N 269 
PHE CZ   HZ   sing N N 270 
PHE OXT  HXT  sing N N 271 
PRO N    CA   sing N N 272 
PRO N    CD   sing N N 273 
PRO N    H    sing N N 274 
PRO CA   C    sing N N 275 
PRO CA   CB   sing N N 276 
PRO CA   HA   sing N N 277 
PRO C    O    doub N N 278 
PRO C    OXT  sing N N 279 
PRO CB   CG   sing N N 280 
PRO CB   HB2  sing N N 281 
PRO CB   HB3  sing N N 282 
PRO CG   CD   sing N N 283 
PRO CG   HG2  sing N N 284 
PRO CG   HG3  sing N N 285 
PRO CD   HD2  sing N N 286 
PRO CD   HD3  sing N N 287 
PRO OXT  HXT  sing N N 288 
SER N    CA   sing N N 289 
SER N    H    sing N N 290 
SER N    H2   sing N N 291 
SER CA   C    sing N N 292 
SER CA   CB   sing N N 293 
SER CA   HA   sing N N 294 
SER C    O    doub N N 295 
SER C    OXT  sing N N 296 
SER CB   OG   sing N N 297 
SER CB   HB2  sing N N 298 
SER CB   HB3  sing N N 299 
SER OG   HG   sing N N 300 
SER OXT  HXT  sing N N 301 
THR N    CA   sing N N 302 
THR N    H    sing N N 303 
THR N    H2   sing N N 304 
THR CA   C    sing N N 305 
THR CA   CB   sing N N 306 
THR CA   HA   sing N N 307 
THR C    O    doub N N 308 
THR C    OXT  sing N N 309 
THR CB   OG1  sing N N 310 
THR CB   CG2  sing N N 311 
THR CB   HB   sing N N 312 
THR OG1  HG1  sing N N 313 
THR CG2  HG21 sing N N 314 
THR CG2  HG22 sing N N 315 
THR CG2  HG23 sing N N 316 
THR OXT  HXT  sing N N 317 
TRP N    CA   sing N N 318 
TRP N    H    sing N N 319 
TRP N    H2   sing N N 320 
TRP CA   C    sing N N 321 
TRP CA   CB   sing N N 322 
TRP CA   HA   sing N N 323 
TRP C    O    doub N N 324 
TRP C    OXT  sing N N 325 
TRP CB   CG   sing N N 326 
TRP CB   HB2  sing N N 327 
TRP CB   HB3  sing N N 328 
TRP CG   CD1  doub Y N 329 
TRP CG   CD2  sing Y N 330 
TRP CD1  NE1  sing Y N 331 
TRP CD1  HD1  sing N N 332 
TRP CD2  CE2  doub Y N 333 
TRP CD2  CE3  sing Y N 334 
TRP NE1  CE2  sing Y N 335 
TRP NE1  HE1  sing N N 336 
TRP CE2  CZ2  sing Y N 337 
TRP CE3  CZ3  doub Y N 338 
TRP CE3  HE3  sing N N 339 
TRP CZ2  CH2  doub Y N 340 
TRP CZ2  HZ2  sing N N 341 
TRP CZ3  CH2  sing Y N 342 
TRP CZ3  HZ3  sing N N 343 
TRP CH2  HH2  sing N N 344 
TRP OXT  HXT  sing N N 345 
TYR N    CA   sing N N 346 
TYR N    H    sing N N 347 
TYR N    H2   sing N N 348 
TYR CA   C    sing N N 349 
TYR CA   CB   sing N N 350 
TYR CA   HA   sing N N 351 
TYR C    O    doub N N 352 
TYR C    OXT  sing N N 353 
TYR CB   CG   sing N N 354 
TYR CB   HB2  sing N N 355 
TYR CB   HB3  sing N N 356 
TYR CG   CD1  doub Y N 357 
TYR CG   CD2  sing Y N 358 
TYR CD1  CE1  sing Y N 359 
TYR CD1  HD1  sing N N 360 
TYR CD2  CE2  doub Y N 361 
TYR CD2  HD2  sing N N 362 
TYR CE1  CZ   doub Y N 363 
TYR CE1  HE1  sing N N 364 
TYR CE2  CZ   sing Y N 365 
TYR CE2  HE2  sing N N 366 
TYR CZ   OH   sing N N 367 
TYR OH   HH   sing N N 368 
TYR OXT  HXT  sing N N 369 
VAL N    CA   sing N N 370 
VAL N    H    sing N N 371 
VAL N    H2   sing N N 372 
VAL CA   C    sing N N 373 
VAL CA   CB   sing N N 374 
VAL CA   HA   sing N N 375 
VAL C    O    doub N N 376 
VAL C    OXT  sing N N 377 
VAL CB   CG1  sing N N 378 
VAL CB   CG2  sing N N 379 
VAL CB   HB   sing N N 380 
VAL CG1  HG11 sing N N 381 
VAL CG1  HG12 sing N N 382 
VAL CG1  HG13 sing N N 383 
VAL CG2  HG21 sing N N 384 
VAL CG2  HG22 sing N N 385 
VAL CG2  HG23 sing N N 386 
VAL OXT  HXT  sing N N 387 
# 
_pdbx_entity_instance_feature.ordinal        1 
_pdbx_entity_instance_feature.comp_id        KQP 
_pdbx_entity_instance_feature.asym_id        ? 
_pdbx_entity_instance_feature.seq_num        ? 
_pdbx_entity_instance_feature.auth_comp_id   KQP 
_pdbx_entity_instance_feature.auth_asym_id   ? 
_pdbx_entity_instance_feature.auth_seq_num   ? 
_pdbx_entity_instance_feature.feature_type   'SUBJECT OF INVESTIGATION' 
_pdbx_entity_instance_feature.details        ? 
# 
loop_
_pdbx_entity_nonpoly.entity_id 
_pdbx_entity_nonpoly.name 
_pdbx_entity_nonpoly.comp_id 
2 "1-[5-chloro-4'-(2-hydroxypropan-2-yl)[1,1'-biphenyl]-3-yl]cyclobutane-1-carboximidamide" KQP 
3 water                                                                                     HOH 
# 
_pdbx_initial_refinement_model.id               1 
_pdbx_initial_refinement_model.entity_id_list   ? 
_pdbx_initial_refinement_model.type             'experimental model' 
_pdbx_initial_refinement_model.source_name      PDB 
_pdbx_initial_refinement_model.accession_code   1GS9 
_pdbx_initial_refinement_model.details          ? 
# 
_pdbx_struct_assembly_auth_evidence.id                     1 
_pdbx_struct_assembly_auth_evidence.assembly_id            1 
_pdbx_struct_assembly_auth_evidence.experimental_support   'gel filtration' 
_pdbx_struct_assembly_auth_evidence.details                ? 
# 
